data_2VJY
#
_entry.id   2VJY
#
_cell.length_a   81.760
_cell.length_b   135.770
_cell.length_c   107.260
_cell.angle_alpha   90.00
_cell.angle_beta   103.88
_cell.angle_gamma   90.00
#
_symmetry.space_group_name_H-M   'P 1 21 1'
#
loop_
_entity.id
_entity.type
_entity.pdbx_description
1 polymer 'PYRUVATE DECARBOXYLASE'
2 non-polymer 'THIAMINE DIPHOSPHATE'
3 non-polymer 'MAGNESIUM ION'
4 non-polymer 'methoxy-[(1~{R})-1-oxidanylethyl]phosphinic acid'
5 non-polymer 'METHYL HYDROGEN (S)-ACETYLPHOSPHONATE'
6 water water
#
_entity_poly.entity_id   1
_entity_poly.type   'polypeptide(L)'
_entity_poly.pdbx_seq_one_letter_code
;MSEITLGRYLFERLKQVEVQTIFGLPGDFNLSLLDNIYEVPGMRWAGNANELNAAYAADGYARLKGMSCIITTFGVGELS
ALNGIAGSYAEHVGVLHVVGVPSVSSQAKQLLLHHTLGNGDFTVFHRMSSNISETTAMITDINTAPAEIDRCIRTTYVSQ
RPVYLGLPANLVDLTVPASLLDTPIDLSLKPNDPEAEEEVIENVLQLIKEAKNPVILADACCSRHDAKAETKKLIDLTQF
PAFVTPMGKGSIDEKHPRFGGVYVGTLSSPAVKEAVESADLVLSVGALLSDFNTGSFSYSYKTKNIVEFHSDYTKIRSAT
FPGVQMKFALQKLLTKVADAAKGYKPVPVPSEPEHNEAVADSTPLKQEWVWTQVGEFLREGDVVITETGTSAFGINQTHF
PNNTYGISQVLWGSIGFTTGATLGAAFAAEEIDPKKRVILFIGDGSLQLTVQEISTMIRWGLKPYLFVLNNDGYTIERLI
HGETAQYNCIQNWQHLELLPTFGAKDYEAVRVSTTGEWNKLTTDEKFQDNTRIRLIEVMLPTMDAPSNLVKQAQLTAATN
AKN
;
_entity_poly.pdbx_strand_id   A,B,C,D
#
# COMPACT_ATOMS: atom_id res chain seq x y z
N SER A 2 -33.36 -28.84 -9.02
CA SER A 2 -34.00 -27.96 -7.98
C SER A 2 -33.05 -26.84 -7.50
N GLU A 3 -33.49 -25.59 -7.65
CA GLU A 3 -32.62 -24.41 -7.50
C GLU A 3 -33.11 -23.55 -6.34
N ILE A 4 -32.19 -22.94 -5.59
CA ILE A 4 -32.55 -21.98 -4.54
C ILE A 4 -31.84 -20.67 -4.84
N THR A 5 -32.33 -19.57 -4.28
CA THR A 5 -31.59 -18.30 -4.45
C THR A 5 -30.26 -18.41 -3.73
N LEU A 6 -29.28 -17.65 -4.23
CA LEU A 6 -28.04 -17.45 -3.51
C LEU A 6 -28.26 -16.99 -2.02
N GLY A 7 -29.27 -16.12 -1.81
CA GLY A 7 -29.63 -15.68 -0.48
C GLY A 7 -30.02 -16.87 0.37
N ARG A 8 -30.90 -17.72 -0.17
CA ARG A 8 -31.40 -18.89 0.53
C ARG A 8 -30.27 -19.80 0.93
N TYR A 9 -29.38 -20.03 -0.04
CA TYR A 9 -28.17 -20.80 0.11
C TYR A 9 -27.38 -20.29 1.34
N LEU A 10 -27.16 -18.97 1.40
CA LEU A 10 -26.56 -18.32 2.60
C LEU A 10 -27.28 -18.78 3.88
N PHE A 11 -28.60 -18.62 3.94
CA PHE A 11 -29.28 -18.92 5.19
C PHE A 11 -29.36 -20.42 5.59
N GLU A 12 -29.31 -21.30 4.58
CA GLU A 12 -29.39 -22.75 4.80
C GLU A 12 -28.03 -23.18 5.32
N ARG A 13 -26.99 -22.57 4.76
CA ARG A 13 -25.66 -22.73 5.31
C ARG A 13 -25.48 -22.32 6.77
N LEU A 14 -26.00 -21.15 7.17
CA LEU A 14 -25.92 -20.70 8.56
C LEU A 14 -26.73 -21.60 9.49
N LYS A 15 -27.91 -21.97 9.02
CA LYS A 15 -28.68 -22.97 9.76
C LYS A 15 -27.87 -24.25 10.05
N GLN A 16 -27.07 -24.71 9.09
CA GLN A 16 -26.21 -25.92 9.31
C GLN A 16 -25.06 -25.76 10.38
N VAL A 17 -24.57 -24.54 10.59
CA VAL A 17 -23.67 -24.25 11.68
C VAL A 17 -24.39 -23.64 12.85
N GLU A 18 -25.74 -23.80 12.85
CA GLU A 18 -26.60 -23.52 14.05
C GLU A 18 -26.87 -22.03 14.42
N VAL A 19 -26.73 -21.18 13.42
CA VAL A 19 -27.14 -19.79 13.50
C VAL A 19 -28.66 -19.82 13.21
N GLN A 20 -29.46 -19.37 14.16
CA GLN A 20 -30.90 -19.31 13.98
C GLN A 20 -31.39 -17.85 13.99
N THR A 21 -30.65 -16.96 14.64
CA THR A 21 -31.01 -15.57 14.70
C THR A 21 -30.03 -14.73 13.87
N ILE A 22 -30.58 -13.82 13.07
CA ILE A 22 -29.77 -12.95 12.19
C ILE A 22 -29.86 -11.51 12.71
N PHE A 23 -28.69 -10.89 12.88
CA PHE A 23 -28.60 -9.56 13.36
C PHE A 23 -28.39 -8.54 12.26
N GLY A 24 -28.69 -7.27 12.57
CA GLY A 24 -28.45 -6.16 11.65
C GLY A 24 -29.66 -5.25 11.41
N LEU A 25 -29.54 -4.34 10.41
CA LEU A 25 -30.64 -3.42 10.05
C LEU A 25 -30.88 -3.53 8.56
N PRO A 26 -32.15 -3.35 8.15
CA PRO A 26 -32.35 -3.37 6.70
C PRO A 26 -31.81 -2.12 5.99
N GLY A 27 -31.65 -2.25 4.67
CA GLY A 27 -31.30 -1.11 3.85
C GLY A 27 -31.63 -1.60 2.45
N ASP A 28 -31.98 -0.65 1.57
CA ASP A 28 -32.33 -0.98 0.21
C ASP A 28 -31.42 -2.03 -0.51
N PHE A 29 -30.10 -2.01 -0.31
CA PHE A 29 -29.12 -3.00 -0.89
C PHE A 29 -29.09 -4.37 -0.20
N ASN A 30 -29.81 -4.52 0.91
CA ASN A 30 -30.01 -5.86 1.48
C ASN A 30 -31.48 -6.37 1.60
N LEU A 31 -32.47 -5.62 1.15
CA LEU A 31 -33.86 -6.10 1.38
C LEU A 31 -34.23 -7.49 0.75
N SER A 32 -33.82 -7.70 -0.51
CA SER A 32 -34.04 -9.01 -1.20
C SER A 32 -33.36 -10.13 -0.48
N LEU A 33 -32.16 -9.86 0.01
CA LEU A 33 -31.43 -10.81 0.81
C LEU A 33 -32.22 -11.26 2.01
N LEU A 34 -32.83 -10.29 2.73
CA LEU A 34 -33.50 -10.58 3.96
C LEU A 34 -34.87 -11.34 3.82
N ASP A 35 -35.58 -11.14 2.71
CA ASP A 35 -36.73 -11.95 2.38
C ASP A 35 -36.50 -13.46 2.66
N ASN A 36 -35.34 -13.99 2.27
CA ASN A 36 -35.08 -15.43 2.39
C ASN A 36 -35.08 -15.97 3.82
N ILE A 37 -34.77 -15.10 4.80
CA ILE A 37 -34.77 -15.54 6.20
C ILE A 37 -36.10 -16.25 6.52
N TYR A 38 -37.21 -15.63 6.12
CA TYR A 38 -38.55 -16.10 6.39
C TYR A 38 -38.86 -17.40 5.61
N GLU A 39 -38.10 -17.69 4.54
CA GLU A 39 -38.19 -18.92 3.78
C GLU A 39 -37.45 -20.11 4.40
N VAL A 40 -36.78 -19.94 5.51
CA VAL A 40 -36.10 -21.05 6.12
C VAL A 40 -36.54 -21.42 7.49
N PRO A 41 -37.06 -22.62 7.66
CA PRO A 41 -37.73 -22.92 8.90
C PRO A 41 -36.87 -22.65 10.15
N GLY A 42 -37.46 -21.91 11.11
CA GLY A 42 -36.79 -21.64 12.39
C GLY A 42 -35.90 -20.38 12.41
N MET A 43 -35.54 -19.84 11.25
CA MET A 43 -34.68 -18.64 11.23
C MET A 43 -35.45 -17.35 11.46
N ARG A 44 -34.84 -16.49 12.26
CA ARG A 44 -35.44 -15.21 12.58
C ARG A 44 -34.43 -14.05 12.34
N TRP A 45 -35.00 -12.89 12.04
CA TRP A 45 -34.36 -11.59 11.93
C TRP A 45 -34.58 -10.79 13.25
N ALA A 46 -33.51 -10.41 13.97
CA ALA A 46 -33.67 -9.74 15.27
C ALA A 46 -34.41 -8.38 15.16
N GLY A 47 -34.12 -7.59 14.13
CA GLY A 47 -34.63 -6.22 14.04
C GLY A 47 -33.92 -5.35 15.08
N ASN A 48 -32.60 -5.20 15.00
CA ASN A 48 -31.86 -4.38 15.97
C ASN A 48 -32.19 -2.87 15.88
N ALA A 49 -31.85 -2.14 16.94
CA ALA A 49 -32.15 -0.75 17.01
C ALA A 49 -31.01 0.12 16.43
N ASN A 50 -29.78 -0.40 16.33
CA ASN A 50 -28.74 0.23 15.48
C ASN A 50 -27.74 -0.88 15.09
N GLU A 51 -26.90 -0.61 14.09
CA GLU A 51 -25.86 -1.56 13.69
C GLU A 51 -24.74 -1.82 14.69
N LEU A 52 -24.24 -0.82 15.39
CA LEU A 52 -23.21 -1.09 16.38
C LEU A 52 -23.74 -2.11 17.38
N ASN A 53 -24.91 -1.84 17.95
CA ASN A 53 -25.59 -2.78 18.86
C ASN A 53 -25.82 -4.15 18.26
N ALA A 54 -26.30 -4.18 17.01
CA ALA A 54 -26.35 -5.46 16.25
C ALA A 54 -25.03 -6.28 16.24
N ALA A 55 -23.91 -5.59 15.96
CA ALA A 55 -22.60 -6.22 15.94
C ALA A 55 -22.21 -6.75 17.36
N TYR A 56 -22.51 -5.96 18.41
CA TYR A 56 -22.30 -6.40 19.78
C TYR A 56 -23.13 -7.64 20.09
N ALA A 57 -24.35 -7.69 19.55
CA ALA A 57 -25.29 -8.77 19.86
C ALA A 57 -24.84 -10.01 19.12
N ALA A 58 -24.40 -9.83 17.87
CA ALA A 58 -23.79 -10.95 17.09
C ALA A 58 -22.56 -11.58 17.81
N ASP A 59 -21.75 -10.75 18.47
CA ASP A 59 -20.62 -11.22 19.25
C ASP A 59 -21.09 -12.11 20.44
N GLY A 60 -21.94 -11.57 21.31
CA GLY A 60 -22.56 -12.30 22.41
C GLY A 60 -23.19 -13.60 21.91
N TYR A 61 -23.91 -13.52 20.78
CA TYR A 61 -24.54 -14.72 20.17
C TYR A 61 -23.48 -15.83 19.86
N ALA A 62 -22.41 -15.45 19.16
CA ALA A 62 -21.39 -16.40 18.74
C ALA A 62 -20.59 -16.99 19.92
N ARG A 63 -20.46 -16.22 21.01
CA ARG A 63 -19.70 -16.71 22.16
C ARG A 63 -20.45 -17.93 22.69
N LEU A 64 -21.77 -17.86 22.68
CA LEU A 64 -22.60 -18.97 23.16
C LEU A 64 -22.82 -20.05 22.11
N LYS A 65 -23.08 -19.66 20.86
CA LYS A 65 -23.56 -20.62 19.85
C LYS A 65 -22.45 -21.22 18.95
N GLY A 66 -21.30 -20.54 18.86
CA GLY A 66 -20.18 -21.03 18.06
C GLY A 66 -19.88 -20.03 16.94
N MET A 67 -20.93 -19.46 16.36
CA MET A 67 -20.79 -18.36 15.42
C MET A 67 -22.11 -17.62 15.25
N SER A 68 -22.11 -16.54 14.46
CA SER A 68 -23.22 -15.60 14.32
C SER A 68 -23.09 -14.90 12.98
N CYS A 69 -24.12 -14.12 12.63
CA CYS A 69 -24.15 -13.35 11.39
C CYS A 69 -24.91 -12.03 11.63
N ILE A 70 -24.27 -10.93 11.29
CA ILE A 70 -24.86 -9.61 11.21
C ILE A 70 -24.91 -9.25 9.71
N ILE A 71 -26.03 -8.71 9.27
CA ILE A 71 -26.14 -8.25 7.91
C ILE A 71 -26.34 -6.73 7.97
N THR A 72 -25.59 -5.98 7.17
CA THR A 72 -25.81 -4.55 7.19
C THR A 72 -25.92 -4.02 5.75
N THR A 73 -26.12 -2.71 5.62
CA THR A 73 -26.19 -2.13 4.29
C THR A 73 -24.92 -1.32 3.96
N PHE A 74 -24.60 -1.32 2.68
CA PHE A 74 -23.46 -0.64 2.14
C PHE A 74 -23.22 0.75 2.75
N GLY A 75 -21.96 1.01 3.18
CA GLY A 75 -21.50 2.31 3.76
C GLY A 75 -22.00 2.62 5.19
N VAL A 76 -23.26 3.02 5.25
CA VAL A 76 -23.85 3.51 6.47
C VAL A 76 -24.13 2.40 7.50
N GLY A 77 -24.54 1.19 7.10
CA GLY A 77 -24.74 0.12 8.06
C GLY A 77 -23.40 -0.46 8.48
N GLU A 78 -22.61 -0.86 7.50
CA GLU A 78 -21.39 -1.55 7.75
C GLU A 78 -20.42 -0.64 8.58
N LEU A 79 -20.28 0.64 8.27
CA LEU A 79 -19.35 1.47 9.05
C LEU A 79 -19.82 1.63 10.50
N SER A 80 -21.13 1.57 10.68
CA SER A 80 -21.70 1.74 12.03
C SER A 80 -21.33 0.53 12.90
N ALA A 81 -21.03 -0.61 12.25
CA ALA A 81 -20.86 -1.88 12.97
C ALA A 81 -19.39 -2.15 13.34
N LEU A 82 -18.49 -1.39 12.79
CA LEU A 82 -17.10 -1.63 12.84
C LEU A 82 -16.46 -1.72 14.19
N ASN A 83 -16.91 -0.92 15.14
CA ASN A 83 -16.38 -1.09 16.47
C ASN A 83 -16.71 -2.49 17.05
N GLY A 84 -17.86 -3.04 16.66
CA GLY A 84 -18.34 -4.30 17.19
C GLY A 84 -17.52 -5.38 16.57
N ILE A 85 -17.34 -5.32 15.24
CA ILE A 85 -16.48 -6.25 14.48
C ILE A 85 -15.02 -6.24 15.03
N ALA A 86 -14.44 -5.05 15.25
CA ALA A 86 -13.07 -4.89 15.76
C ALA A 86 -12.92 -5.61 17.13
N GLY A 87 -13.93 -5.43 17.97
CA GLY A 87 -14.04 -6.13 19.24
C GLY A 87 -14.01 -7.63 19.12
N SER A 88 -14.71 -8.14 18.11
CA SER A 88 -14.79 -9.58 17.76
C SER A 88 -13.46 -10.16 17.22
N TYR A 89 -12.79 -9.33 16.43
CA TYR A 89 -11.48 -9.67 15.96
C TYR A 89 -10.51 -9.71 17.20
N ALA A 90 -10.46 -8.61 17.97
CA ALA A 90 -9.62 -8.50 19.21
C ALA A 90 -9.80 -9.70 20.16
N GLU A 91 -11.06 -10.11 20.38
CA GLU A 91 -11.35 -11.18 21.36
C GLU A 91 -11.59 -12.55 20.72
N HIS A 92 -11.27 -12.69 19.43
CA HIS A 92 -11.41 -13.99 18.72
C HIS A 92 -12.87 -14.51 18.76
N VAL A 93 -13.80 -13.73 18.25
CA VAL A 93 -15.22 -14.20 18.14
C VAL A 93 -15.59 -14.29 16.66
N GLY A 94 -16.07 -15.47 16.27
CA GLY A 94 -16.42 -15.69 14.86
C GLY A 94 -17.77 -15.14 14.45
N VAL A 95 -17.73 -13.87 14.01
CA VAL A 95 -18.85 -13.12 13.43
C VAL A 95 -18.67 -12.97 11.93
N LEU A 96 -19.71 -13.38 11.18
CA LEU A 96 -19.72 -13.19 9.77
C LEU A 96 -20.52 -11.95 9.49
N HIS A 97 -19.80 -10.99 8.92
CA HIS A 97 -20.39 -9.72 8.58
C HIS A 97 -20.80 -9.67 7.10
N VAL A 98 -22.10 -9.81 6.83
CA VAL A 98 -22.65 -9.75 5.44
C VAL A 98 -23.13 -8.32 5.14
N VAL A 99 -22.67 -7.77 4.02
CA VAL A 99 -23.05 -6.43 3.60
C VAL A 99 -23.78 -6.53 2.21
N GLY A 100 -25.02 -6.06 2.15
CA GLY A 100 -25.71 -5.84 0.93
C GLY A 100 -25.13 -4.59 0.29
N VAL A 101 -24.63 -4.75 -0.95
CA VAL A 101 -23.96 -3.72 -1.66
C VAL A 101 -24.61 -3.44 -3.04
N PRO A 102 -24.27 -2.28 -3.64
CA PRO A 102 -24.92 -1.91 -4.91
C PRO A 102 -24.75 -3.03 -5.96
N SER A 103 -25.71 -3.15 -6.88
CA SER A 103 -25.56 -4.13 -7.99
C SER A 103 -24.26 -3.95 -8.72
N VAL A 104 -23.85 -4.99 -9.44
CA VAL A 104 -22.53 -5.07 -10.12
C VAL A 104 -22.38 -3.96 -11.16
N SER A 105 -23.42 -3.70 -11.93
CA SER A 105 -23.36 -2.69 -12.97
C SER A 105 -23.50 -1.29 -12.40
N SER A 106 -24.21 -1.08 -11.26
CA SER A 106 -24.09 0.20 -10.49
C SER A 106 -22.65 0.53 -10.16
N GLN A 107 -21.91 -0.46 -9.69
CA GLN A 107 -20.49 -0.28 -9.36
C GLN A 107 -19.65 -0.09 -10.60
N ALA A 108 -19.91 -0.95 -11.60
CA ALA A 108 -19.26 -0.83 -12.93
C ALA A 108 -19.43 0.57 -13.55
N LYS A 109 -20.66 1.07 -13.60
CA LYS A 109 -20.89 2.43 -14.11
C LYS A 109 -20.52 3.60 -13.13
N GLN A 110 -20.12 3.28 -11.90
CA GLN A 110 -19.77 4.28 -10.86
C GLN A 110 -20.78 5.36 -10.71
N LEU A 111 -22.00 4.89 -10.53
CA LEU A 111 -23.13 5.70 -10.18
C LEU A 111 -22.89 6.47 -8.84
N LEU A 112 -23.29 7.73 -8.82
CA LEU A 112 -23.20 8.56 -7.62
C LEU A 112 -24.38 8.18 -6.75
N LEU A 113 -24.23 7.09 -5.99
CA LEU A 113 -25.39 6.61 -5.23
C LEU A 113 -25.38 7.12 -3.83
N HIS A 114 -26.53 7.18 -3.21
CA HIS A 114 -26.59 7.27 -1.76
C HIS A 114 -25.64 6.25 -1.06
N HIS A 115 -25.12 6.60 0.12
CA HIS A 115 -24.20 5.73 0.91
C HIS A 115 -22.84 5.54 0.30
N THR A 116 -22.47 6.37 -0.68
CA THR A 116 -21.08 6.42 -1.18
C THR A 116 -20.40 7.71 -0.69
N LEU A 117 -19.08 7.81 -0.90
CA LEU A 117 -18.37 9.03 -0.60
C LEU A 117 -18.45 10.11 -1.67
N GLY A 118 -19.35 9.93 -2.67
CA GLY A 118 -19.47 10.80 -3.83
C GLY A 118 -18.31 10.74 -4.85
N ASN A 119 -17.37 9.78 -4.69
CA ASN A 119 -16.16 9.71 -5.53
C ASN A 119 -16.10 8.50 -6.48
N GLY A 120 -17.14 7.69 -6.55
CA GLY A 120 -17.17 6.54 -7.45
C GLY A 120 -16.43 5.31 -6.96
N ASP A 121 -15.90 5.33 -5.73
CA ASP A 121 -15.14 4.19 -5.20
C ASP A 121 -16.04 3.22 -4.37
N PHE A 122 -16.40 2.08 -4.96
CA PHE A 122 -17.22 1.10 -4.25
C PHE A 122 -16.42 0.11 -3.40
N THR A 123 -15.09 0.30 -3.34
CA THR A 123 -14.16 -0.67 -2.70
C THR A 123 -13.73 -0.25 -1.31
N VAL A 124 -13.95 1.04 -1.00
CA VAL A 124 -13.34 1.70 0.18
C VAL A 124 -13.79 1.08 1.51
N PHE A 125 -15.10 0.77 1.63
CA PHE A 125 -15.60 0.19 2.91
C PHE A 125 -15.15 -1.24 3.06
N HIS A 126 -15.12 -1.97 1.95
CA HIS A 126 -14.58 -3.29 1.98
C HIS A 126 -13.09 -3.23 2.42
N ARG A 127 -12.31 -2.28 1.85
CA ARG A 127 -10.89 -2.09 2.21
C ARG A 127 -10.72 -1.79 3.74
N MET A 128 -11.54 -0.89 4.29
CA MET A 128 -11.55 -0.60 5.72
C MET A 128 -11.81 -1.86 6.56
N SER A 129 -12.90 -2.60 6.30
CA SER A 129 -13.21 -3.87 7.00
C SER A 129 -12.14 -4.95 6.92
N SER A 130 -11.39 -4.98 5.82
CA SER A 130 -10.36 -5.99 5.74
C SER A 130 -9.28 -5.78 6.80
N ASN A 131 -9.15 -4.57 7.37
CA ASN A 131 -8.16 -4.45 8.47
C ASN A 131 -8.54 -5.20 9.76
N ILE A 132 -9.82 -5.54 9.89
CA ILE A 132 -10.33 -6.14 11.14
C ILE A 132 -11.08 -7.45 10.85
N SER A 133 -10.69 -8.06 9.72
CA SER A 133 -11.23 -9.31 9.25
C SER A 133 -10.17 -10.38 9.12
N GLU A 134 -10.55 -11.63 9.36
CA GLU A 134 -9.63 -12.70 9.06
C GLU A 134 -9.46 -12.86 7.51
N THR A 135 -10.54 -12.70 6.74
CA THR A 135 -10.51 -12.78 5.29
C THR A 135 -11.77 -11.99 4.86
N THR A 136 -11.96 -11.82 3.55
CA THR A 136 -13.12 -11.10 3.07
C THR A 136 -13.52 -11.74 1.75
N ALA A 137 -14.75 -11.48 1.30
CA ALA A 137 -15.16 -11.84 -0.07
C ALA A 137 -16.09 -10.74 -0.61
N MET A 138 -15.80 -10.21 -1.77
CA MET A 138 -16.78 -9.37 -2.46
C MET A 138 -17.23 -10.20 -3.64
N ILE A 139 -18.41 -10.71 -3.54
CA ILE A 139 -18.88 -11.64 -4.53
C ILE A 139 -19.25 -10.91 -5.81
N THR A 140 -18.81 -11.42 -6.96
CA THR A 140 -19.14 -10.80 -8.26
C THR A 140 -19.62 -11.87 -9.22
N ASP A 141 -19.18 -13.10 -9.00
CA ASP A 141 -19.49 -14.21 -9.90
C ASP A 141 -20.41 -15.25 -9.29
N ILE A 142 -21.59 -15.46 -9.89
CA ILE A 142 -22.52 -16.50 -9.40
C ILE A 142 -21.99 -17.95 -9.44
N ASN A 143 -21.10 -18.25 -10.38
CA ASN A 143 -20.64 -19.63 -10.52
C ASN A 143 -19.79 -20.02 -9.36
N THR A 144 -19.25 -19.03 -8.64
CA THR A 144 -18.30 -19.27 -7.54
C THR A 144 -18.81 -18.80 -6.16
N ALA A 145 -19.97 -18.19 -6.16
CA ALA A 145 -20.50 -17.62 -4.96
C ALA A 145 -20.72 -18.73 -3.88
N PRO A 146 -21.37 -19.87 -4.23
CA PRO A 146 -21.54 -20.94 -3.22
C PRO A 146 -20.27 -21.36 -2.47
N ALA A 147 -19.15 -21.47 -3.19
CA ALA A 147 -17.85 -21.81 -2.65
C ALA A 147 -17.25 -20.66 -1.82
N GLU A 148 -17.45 -19.43 -2.25
CA GLU A 148 -16.89 -18.30 -1.55
C GLU A 148 -17.58 -18.15 -0.17
N ILE A 149 -18.90 -18.37 -0.15
CA ILE A 149 -19.71 -18.30 1.03
C ILE A 149 -19.29 -19.36 2.02
N ASP A 150 -19.04 -20.57 1.51
CA ASP A 150 -18.59 -21.66 2.35
C ASP A 150 -17.22 -21.37 2.95
N ARG A 151 -16.31 -20.84 2.13
CA ARG A 151 -14.97 -20.45 2.55
C ARG A 151 -15.06 -19.43 3.70
N CYS A 152 -16.04 -18.53 3.62
CA CYS A 152 -16.27 -17.49 4.60
C CYS A 152 -16.74 -18.06 5.91
N ILE A 153 -17.81 -18.86 5.85
CA ILE A 153 -18.39 -19.46 7.03
C ILE A 153 -17.38 -20.34 7.80
N ARG A 154 -16.63 -21.15 7.02
CA ARG A 154 -15.63 -22.05 7.57
C ARG A 154 -14.57 -21.24 8.30
N THR A 155 -13.94 -20.27 7.60
CA THR A 155 -12.94 -19.38 8.21
C THR A 155 -13.43 -18.81 9.54
N THR A 156 -14.64 -18.23 9.53
CA THR A 156 -15.32 -17.58 10.69
C THR A 156 -15.34 -18.56 11.86
N TYR A 157 -15.90 -19.73 11.55
CA TYR A 157 -16.17 -20.75 12.54
C TYR A 157 -14.85 -21.32 13.06
N VAL A 158 -13.96 -21.60 12.14
CA VAL A 158 -12.75 -22.29 12.49
C VAL A 158 -11.73 -21.34 13.15
N SER A 159 -11.49 -20.17 12.58
CA SER A 159 -10.55 -19.23 13.19
C SER A 159 -11.15 -18.43 14.38
N GLN A 160 -12.49 -18.48 14.53
CA GLN A 160 -13.15 -17.65 15.51
C GLN A 160 -12.66 -16.20 15.38
N ARG A 161 -12.78 -15.61 14.19
CA ARG A 161 -12.58 -14.17 13.98
C ARG A 161 -13.57 -13.71 12.92
N PRO A 162 -13.89 -12.40 12.92
CA PRO A 162 -14.94 -11.91 11.99
C PRO A 162 -14.54 -12.08 10.55
N VAL A 163 -15.50 -12.39 9.71
CA VAL A 163 -15.23 -12.45 8.26
C VAL A 163 -16.17 -11.44 7.56
N TYR A 164 -15.68 -10.84 6.49
CA TYR A 164 -16.45 -9.86 5.71
C TYR A 164 -16.99 -10.47 4.41
N LEU A 165 -18.30 -10.36 4.15
CA LEU A 165 -18.86 -10.93 2.92
C LEU A 165 -19.81 -9.95 2.24
N GLY A 166 -19.42 -9.46 1.07
CA GLY A 166 -20.19 -8.44 0.38
C GLY A 166 -21.02 -9.09 -0.74
N LEU A 167 -22.35 -8.84 -0.75
CA LEU A 167 -23.29 -9.44 -1.73
C LEU A 167 -23.98 -8.36 -2.54
N PRO A 168 -23.57 -8.19 -3.82
CA PRO A 168 -24.33 -7.25 -4.64
C PRO A 168 -25.82 -7.61 -4.72
N ALA A 169 -26.65 -6.61 -4.63
CA ALA A 169 -28.08 -6.79 -4.55
C ALA A 169 -28.67 -7.56 -5.72
N ASN A 170 -28.01 -7.54 -6.89
CA ASN A 170 -28.56 -8.22 -8.04
C ASN A 170 -28.24 -9.71 -8.00
N LEU A 171 -27.13 -10.08 -7.37
CA LEU A 171 -26.79 -11.50 -7.31
C LEU A 171 -27.63 -12.33 -6.35
N VAL A 172 -28.22 -11.73 -5.32
CA VAL A 172 -28.83 -12.55 -4.26
C VAL A 172 -30.14 -13.29 -4.68
N ASP A 173 -30.70 -12.88 -5.83
CA ASP A 173 -31.90 -13.53 -6.38
C ASP A 173 -31.61 -14.55 -7.44
N LEU A 174 -30.42 -14.51 -8.02
CA LEU A 174 -29.97 -15.58 -8.88
C LEU A 174 -29.88 -16.88 -8.08
N THR A 175 -29.98 -18.01 -8.78
CA THR A 175 -30.24 -19.30 -8.13
C THR A 175 -29.05 -20.18 -8.33
N VAL A 176 -28.93 -21.18 -7.45
CA VAL A 176 -27.85 -22.17 -7.49
C VAL A 176 -28.43 -23.57 -7.17
N PRO A 177 -27.73 -24.65 -7.59
CA PRO A 177 -28.29 -25.99 -7.32
C PRO A 177 -28.49 -26.27 -5.81
N ALA A 178 -29.72 -26.61 -5.40
CA ALA A 178 -29.99 -26.92 -3.96
C ALA A 178 -29.09 -28.04 -3.45
N SER A 179 -28.69 -28.95 -4.36
CA SER A 179 -27.96 -30.16 -4.00
C SER A 179 -26.58 -29.85 -3.33
N LEU A 180 -26.13 -28.60 -3.50
CA LEU A 180 -24.89 -28.08 -2.97
C LEU A 180 -24.85 -28.18 -1.46
N LEU A 181 -26.01 -28.05 -0.85
CA LEU A 181 -26.16 -28.04 0.58
C LEU A 181 -26.04 -29.42 1.14
N ASP A 182 -26.10 -30.42 0.28
CA ASP A 182 -25.97 -31.83 0.73
C ASP A 182 -24.52 -32.22 1.05
N THR A 183 -23.57 -31.42 0.61
CA THR A 183 -22.20 -31.62 1.08
C THR A 183 -21.89 -30.56 2.17
N PRO A 184 -21.57 -31.01 3.39
CA PRO A 184 -21.18 -30.20 4.55
C PRO A 184 -20.01 -29.24 4.23
N ILE A 185 -20.01 -28.09 4.85
CA ILE A 185 -18.79 -27.30 4.83
C ILE A 185 -17.84 -28.10 5.73
N ASP A 186 -16.61 -28.22 5.28
CA ASP A 186 -15.56 -28.73 6.17
C ASP A 186 -15.27 -27.80 7.34
N LEU A 187 -15.68 -28.20 8.54
CA LEU A 187 -15.37 -27.38 9.72
C LEU A 187 -14.20 -27.85 10.59
N SER A 188 -13.28 -28.61 10.03
CA SER A 188 -12.29 -29.22 10.91
C SER A 188 -10.91 -28.57 10.81
N LEU A 189 -10.15 -28.78 11.88
CA LEU A 189 -8.77 -28.41 11.92
C LEU A 189 -7.85 -29.43 11.24
N LYS A 190 -6.79 -28.93 10.59
CA LYS A 190 -5.72 -29.75 10.08
C LYS A 190 -5.06 -30.38 11.33
N PRO A 191 -4.63 -31.66 11.23
CA PRO A 191 -4.06 -32.13 12.45
C PRO A 191 -2.63 -31.66 12.61
N ASN A 192 -2.12 -31.88 13.82
CA ASN A 192 -0.74 -31.58 14.14
C ASN A 192 0.27 -32.46 13.41
N ASP A 193 1.48 -31.94 13.19
CA ASP A 193 2.62 -32.78 12.89
C ASP A 193 2.83 -33.81 14.03
N PRO A 194 2.82 -35.11 13.69
CA PRO A 194 3.11 -36.10 14.71
C PRO A 194 4.41 -35.90 15.42
N GLU A 195 5.44 -35.52 14.70
CA GLU A 195 6.77 -35.46 15.32
C GLU A 195 6.87 -34.26 16.27
N ALA A 196 6.47 -33.09 15.79
CA ALA A 196 6.53 -31.90 16.64
C ALA A 196 5.62 -32.07 17.89
N GLU A 197 4.40 -32.57 17.69
CA GLU A 197 3.50 -32.85 18.80
C GLU A 197 4.03 -33.85 19.84
N GLU A 198 4.61 -34.95 19.36
CA GLU A 198 5.32 -35.89 20.24
C GLU A 198 6.41 -35.24 21.11
N GLU A 199 7.23 -34.36 20.53
CA GLU A 199 8.25 -33.64 21.31
C GLU A 199 7.66 -32.81 22.39
N VAL A 200 6.64 -32.02 22.03
CA VAL A 200 5.89 -31.23 22.99
C VAL A 200 5.43 -32.13 24.15
N ILE A 201 4.66 -33.20 23.83
CA ILE A 201 4.10 -34.05 24.88
C ILE A 201 5.17 -34.70 25.75
N GLU A 202 6.25 -35.23 25.18
CA GLU A 202 7.29 -35.86 25.99
C GLU A 202 7.86 -34.86 26.96
N ASN A 203 8.10 -33.67 26.43
CA ASN A 203 8.59 -32.56 27.22
C ASN A 203 7.74 -32.18 28.46
N VAL A 204 6.44 -31.97 28.23
CA VAL A 204 5.44 -31.62 29.26
C VAL A 204 5.30 -32.73 30.29
N LEU A 205 5.10 -33.95 29.79
CA LEU A 205 5.08 -35.16 30.62
C LEU A 205 6.29 -35.22 31.58
N GLN A 206 7.49 -35.02 31.03
CA GLN A 206 8.73 -35.07 31.79
C GLN A 206 8.78 -34.01 32.89
N LEU A 207 8.41 -32.78 32.54
CA LEU A 207 8.27 -31.67 33.50
C LEU A 207 7.25 -31.96 34.62
N ILE A 208 6.08 -32.50 34.24
CA ILE A 208 5.05 -32.93 35.18
C ILE A 208 5.62 -33.92 36.18
N LYS A 209 6.37 -34.92 35.69
CA LYS A 209 6.99 -35.95 36.54
C LYS A 209 7.96 -35.36 37.54
N GLU A 210 8.58 -34.25 37.19
CA GLU A 210 9.54 -33.61 38.07
C GLU A 210 8.91 -32.55 38.98
N ALA A 211 7.68 -32.10 38.71
CA ALA A 211 7.10 -30.99 39.48
C ALA A 211 6.64 -31.43 40.89
N LYS A 212 6.99 -30.70 41.95
CA LYS A 212 6.23 -30.87 43.25
C LYS A 212 5.10 -29.88 43.45
N ASN A 213 5.18 -28.74 42.76
CA ASN A 213 4.12 -27.77 42.91
C ASN A 213 3.59 -27.31 41.56
N PRO A 214 3.06 -28.24 40.77
CA PRO A 214 2.62 -27.82 39.43
C PRO A 214 1.28 -27.05 39.58
N VAL A 215 0.99 -26.12 38.67
CA VAL A 215 -0.33 -25.49 38.65
C VAL A 215 -0.81 -25.30 37.20
N ILE A 216 -2.13 -25.07 37.09
CA ILE A 216 -2.80 -24.94 35.78
C ILE A 216 -3.39 -23.53 35.76
N LEU A 217 -3.18 -22.79 34.69
CA LEU A 217 -3.78 -21.45 34.53
C LEU A 217 -4.59 -21.33 33.23
N ALA A 218 -5.89 -21.35 33.35
CA ALA A 218 -6.74 -21.16 32.16
C ALA A 218 -6.99 -19.69 31.85
N ASP A 219 -6.85 -19.31 30.57
CA ASP A 219 -6.98 -17.93 30.16
C ASP A 219 -7.95 -17.86 28.95
N ALA A 220 -8.10 -16.63 28.40
CA ALA A 220 -9.10 -16.29 27.39
C ALA A 220 -9.14 -17.32 26.29
N CYS A 221 -7.98 -17.73 25.73
CA CYS A 221 -8.03 -18.59 24.51
C CYS A 221 -8.46 -20.03 24.79
N CYS A 222 -8.48 -20.42 26.07
CA CYS A 222 -9.10 -21.67 26.46
C CYS A 222 -10.62 -21.67 26.11
N SER A 223 -11.30 -20.53 26.33
CA SER A 223 -12.71 -20.44 25.90
C SER A 223 -12.85 -20.12 24.47
N ARG A 224 -12.04 -19.17 23.96
CA ARG A 224 -12.25 -18.68 22.57
C ARG A 224 -11.93 -19.78 21.54
N HIS A 225 -11.02 -20.66 21.91
CA HIS A 225 -10.52 -21.63 20.93
C HIS A 225 -10.85 -23.07 21.33
N ASP A 226 -11.90 -23.19 22.12
CA ASP A 226 -12.51 -24.50 22.36
C ASP A 226 -11.63 -25.56 23.07
N ALA A 227 -11.11 -25.30 24.26
CA ALA A 227 -10.23 -26.25 24.95
C ALA A 227 -10.72 -26.44 26.37
N LYS A 228 -11.96 -26.03 26.64
CA LYS A 228 -12.47 -26.11 27.98
C LYS A 228 -12.72 -27.60 28.42
N ALA A 229 -13.15 -28.47 27.49
CA ALA A 229 -13.39 -29.89 27.80
C ALA A 229 -12.05 -30.54 28.18
N GLU A 230 -11.05 -30.27 27.38
CA GLU A 230 -9.73 -30.82 27.55
C GLU A 230 -9.15 -30.31 28.84
N THR A 231 -9.41 -29.05 29.12
CA THR A 231 -8.88 -28.44 30.34
C THR A 231 -9.55 -29.00 31.57
N LYS A 232 -10.87 -29.21 31.51
CA LYS A 232 -11.56 -29.87 32.63
C LYS A 232 -10.95 -31.26 32.91
N LYS A 233 -10.77 -32.06 31.85
CA LYS A 233 -10.17 -33.37 32.03
C LYS A 233 -8.79 -33.28 32.61
N LEU A 234 -8.01 -32.28 32.18
CA LEU A 234 -6.65 -32.09 32.63
C LEU A 234 -6.61 -31.82 34.12
N ILE A 235 -7.52 -31.00 34.60
CA ILE A 235 -7.64 -30.75 36.05
C ILE A 235 -8.05 -32.06 36.80
N ASP A 236 -9.07 -32.75 36.28
CA ASP A 236 -9.54 -33.97 36.88
C ASP A 236 -8.41 -35.00 37.03
N LEU A 237 -7.67 -35.27 35.94
CA LEU A 237 -6.65 -36.33 35.89
C LEU A 237 -5.32 -36.00 36.61
N THR A 238 -4.99 -34.73 36.72
CA THR A 238 -3.78 -34.34 37.40
C THR A 238 -4.02 -34.07 38.87
N GLN A 239 -5.21 -33.54 39.23
CA GLN A 239 -5.52 -32.94 40.54
C GLN A 239 -4.64 -31.74 40.88
N PHE A 240 -4.02 -31.12 39.85
CA PHE A 240 -3.20 -29.96 40.18
C PHE A 240 -4.12 -28.80 40.57
N PRO A 241 -3.60 -27.85 41.38
CA PRO A 241 -4.34 -26.59 41.56
C PRO A 241 -4.54 -25.89 40.22
N ALA A 242 -5.78 -25.39 40.07
CA ALA A 242 -6.32 -24.74 38.87
C ALA A 242 -6.76 -23.29 39.18
N PHE A 243 -6.21 -22.36 38.39
CA PHE A 243 -6.54 -20.93 38.46
C PHE A 243 -7.08 -20.38 37.15
N VAL A 244 -7.76 -19.24 37.23
CA VAL A 244 -8.35 -18.64 36.03
C VAL A 244 -7.88 -17.17 35.98
N THR A 245 -7.82 -16.58 34.80
CA THR A 245 -7.54 -15.14 34.68
C THR A 245 -8.89 -14.46 34.59
N PRO A 246 -8.91 -13.13 34.79
CA PRO A 246 -10.18 -12.40 34.57
C PRO A 246 -10.88 -12.65 33.24
N MET A 247 -10.10 -12.66 32.18
CA MET A 247 -10.66 -12.87 30.86
C MET A 247 -11.06 -14.35 30.63
N GLY A 248 -10.47 -15.27 31.35
CA GLY A 248 -10.91 -16.65 31.12
C GLY A 248 -11.90 -17.12 32.16
N LYS A 249 -12.42 -16.19 32.96
CA LYS A 249 -13.31 -16.53 34.08
C LYS A 249 -14.55 -17.18 33.53
N GLY A 250 -15.01 -18.26 34.18
CA GLY A 250 -16.09 -19.09 33.60
C GLY A 250 -15.64 -20.32 32.80
N SER A 251 -14.39 -20.34 32.30
CA SER A 251 -13.88 -21.39 31.44
C SER A 251 -13.52 -22.63 32.21
N ILE A 252 -13.29 -22.48 33.53
CA ILE A 252 -13.13 -23.62 34.48
C ILE A 252 -14.06 -23.49 35.70
N ASP A 253 -14.47 -24.65 36.22
CA ASP A 253 -15.48 -24.77 37.27
C ASP A 253 -14.90 -24.32 38.59
N GLU A 254 -15.56 -23.29 39.16
CA GLU A 254 -15.04 -22.68 40.34
C GLU A 254 -15.45 -23.43 41.58
N LYS A 255 -16.42 -24.36 41.49
CA LYS A 255 -16.77 -25.16 42.67
C LYS A 255 -16.03 -26.54 42.65
N HIS A 256 -15.06 -26.69 41.74
CA HIS A 256 -14.18 -27.86 41.77
C HIS A 256 -13.32 -27.71 43.04
N PRO A 257 -13.11 -28.83 43.80
CA PRO A 257 -12.25 -28.80 45.02
C PRO A 257 -10.82 -28.31 44.84
N ARG A 258 -10.29 -28.35 43.61
CA ARG A 258 -8.90 -27.99 43.28
C ARG A 258 -8.83 -26.62 42.62
N PHE A 259 -9.98 -25.95 42.44
CA PHE A 259 -10.00 -24.55 41.99
C PHE A 259 -9.35 -23.60 43.02
N GLY A 260 -8.26 -22.90 42.66
CA GLY A 260 -7.54 -22.03 43.62
C GLY A 260 -7.86 -20.50 43.65
N GLY A 261 -8.51 -20.00 42.58
CA GLY A 261 -8.99 -18.61 42.47
C GLY A 261 -8.57 -17.89 41.20
N VAL A 262 -8.74 -16.57 41.17
CA VAL A 262 -8.41 -15.80 40.00
C VAL A 262 -7.01 -15.21 40.19
N TYR A 263 -6.09 -15.57 39.28
CA TYR A 263 -4.76 -15.01 39.26
C TYR A 263 -4.76 -13.76 38.35
N VAL A 264 -4.25 -12.65 38.89
CA VAL A 264 -4.17 -11.36 38.19
C VAL A 264 -2.84 -10.65 38.47
N GLY A 265 -1.75 -11.41 38.40
CA GLY A 265 -0.42 -10.98 38.84
C GLY A 265 -0.50 -10.32 40.20
N THR A 266 -0.14 -9.04 40.24
CA THR A 266 0.14 -8.36 41.50
C THR A 266 -1.15 -7.95 42.12
N LEU A 267 -2.26 -8.20 41.45
CA LEU A 267 -3.53 -7.70 41.89
C LEU A 267 -4.31 -8.85 42.49
N SER A 268 -3.68 -10.02 42.47
CA SER A 268 -4.19 -11.22 43.12
C SER A 268 -4.26 -11.05 44.64
N SER A 269 -5.21 -11.77 45.24
CA SER A 269 -5.21 -11.94 46.67
C SER A 269 -3.82 -12.52 47.00
N PRO A 270 -3.29 -12.28 48.24
CA PRO A 270 -1.90 -12.74 48.53
C PRO A 270 -1.80 -14.27 48.45
N ALA A 271 -2.83 -14.98 48.95
CA ALA A 271 -2.83 -16.46 48.91
C ALA A 271 -2.79 -16.97 47.48
N VAL A 272 -3.61 -16.40 46.59
CA VAL A 272 -3.52 -16.75 45.15
C VAL A 272 -2.21 -16.41 44.45
N LYS A 273 -1.64 -15.24 44.73
CA LYS A 273 -0.36 -14.83 44.14
C LYS A 273 0.72 -15.82 44.60
N GLU A 274 0.69 -16.19 45.88
CA GLU A 274 1.66 -17.08 46.44
C GLU A 274 1.46 -18.52 45.86
N ALA A 275 0.21 -19.00 45.79
CA ALA A 275 -0.10 -20.33 45.25
C ALA A 275 0.45 -20.54 43.82
N VAL A 276 0.18 -19.55 42.97
CA VAL A 276 0.67 -19.55 41.60
C VAL A 276 2.17 -19.25 41.50
N GLU A 277 2.68 -18.24 42.19
CA GLU A 277 4.07 -17.81 41.88
C GLU A 277 5.19 -18.70 42.44
N SER A 278 4.81 -19.51 43.43
CA SER A 278 5.74 -20.50 43.99
C SER A 278 5.66 -21.80 43.19
N ALA A 279 4.77 -21.88 42.19
CA ALA A 279 4.69 -23.12 41.42
C ALA A 279 6.06 -23.43 40.78
N ASP A 280 6.33 -24.72 40.58
CA ASP A 280 7.55 -25.15 39.94
C ASP A 280 7.21 -25.71 38.55
N LEU A 281 5.94 -25.59 38.18
CA LEU A 281 5.48 -25.81 36.82
C LEU A 281 4.19 -25.02 36.63
N VAL A 282 4.10 -24.28 35.52
CA VAL A 282 2.84 -23.64 35.14
C VAL A 282 2.31 -24.21 33.81
N LEU A 283 1.16 -24.83 33.86
CA LEU A 283 0.52 -25.28 32.66
C LEU A 283 -0.46 -24.18 32.27
N SER A 284 -0.04 -23.33 31.34
CA SER A 284 -0.82 -22.17 30.99
C SER A 284 -1.63 -22.49 29.72
N VAL A 285 -2.95 -22.35 29.80
CA VAL A 285 -3.81 -22.66 28.67
C VAL A 285 -4.53 -21.47 28.05
N GLY A 286 -4.07 -21.01 26.92
CA GLY A 286 -4.74 -19.93 26.22
C GLY A 286 -4.31 -18.54 26.66
N ALA A 287 -3.04 -18.36 27.03
CA ALA A 287 -2.59 -17.09 27.58
C ALA A 287 -2.92 -15.93 26.65
N LEU A 288 -3.47 -14.86 27.23
CA LEU A 288 -3.68 -13.58 26.50
C LEU A 288 -3.33 -12.48 27.48
N LEU A 289 -2.08 -12.03 27.41
CA LEU A 289 -1.53 -11.22 28.49
C LEU A 289 -1.70 -9.69 28.37
N SER A 290 -2.96 -9.26 28.39
CA SER A 290 -3.34 -7.83 28.24
C SER A 290 -3.18 -7.10 29.56
N ASP A 291 -3.12 -5.77 29.52
CA ASP A 291 -2.98 -4.98 30.72
C ASP A 291 -3.99 -5.33 31.84
N PHE A 292 -5.29 -5.34 31.54
CA PHE A 292 -6.27 -5.47 32.65
C PHE A 292 -6.39 -6.95 33.08
N ASN A 293 -5.95 -7.87 32.20
CA ASN A 293 -5.98 -9.29 32.47
C ASN A 293 -4.87 -9.70 33.44
N THR A 294 -3.84 -8.86 33.51
CA THR A 294 -2.57 -9.20 34.17
C THR A 294 -2.04 -8.23 35.22
N GLY A 295 -2.90 -7.33 35.75
CA GLY A 295 -2.46 -6.20 36.61
C GLY A 295 -1.30 -5.42 36.00
N SER A 296 -1.47 -5.05 34.74
CA SER A 296 -0.47 -4.28 33.99
C SER A 296 0.80 -5.08 33.86
N PHE A 297 0.67 -6.29 33.29
CA PHE A 297 1.81 -7.13 32.97
C PHE A 297 2.67 -7.45 34.27
N SER A 298 1.97 -7.87 35.31
CA SER A 298 2.42 -8.01 36.72
C SER A 298 2.93 -9.39 37.14
N TYR A 299 2.87 -10.36 36.25
CA TYR A 299 3.17 -11.77 36.57
C TYR A 299 4.58 -11.87 37.10
N SER A 300 4.74 -12.61 38.21
CA SER A 300 6.05 -12.84 38.75
C SER A 300 6.24 -14.34 39.06
N TYR A 301 6.19 -15.17 38.01
CA TYR A 301 6.44 -16.59 38.19
C TYR A 301 7.85 -16.79 38.74
N LYS A 302 8.00 -17.49 39.86
CA LYS A 302 9.34 -17.78 40.32
C LYS A 302 9.99 -19.00 39.63
N THR A 303 9.30 -19.68 38.73
CA THR A 303 9.92 -20.72 37.90
C THR A 303 10.15 -20.30 36.41
N LYS A 304 11.12 -20.97 35.78
CA LYS A 304 11.35 -20.99 34.34
C LYS A 304 10.45 -22.05 33.66
N ASN A 305 9.86 -22.97 34.44
CA ASN A 305 9.06 -24.06 33.86
C ASN A 305 7.68 -23.66 33.47
N ILE A 306 7.59 -22.87 32.42
CA ILE A 306 6.31 -22.34 31.87
C ILE A 306 6.03 -23.07 30.55
N VAL A 307 4.85 -23.66 30.51
CA VAL A 307 4.33 -24.25 29.34
C VAL A 307 3.10 -23.45 28.95
N GLU A 308 3.17 -22.86 27.78
CA GLU A 308 2.05 -22.18 27.16
C GLU A 308 1.44 -22.93 25.99
N PHE A 309 0.22 -23.44 26.16
CA PHE A 309 -0.63 -23.92 25.08
C PHE A 309 -1.34 -22.73 24.39
N HIS A 310 -1.43 -22.77 23.04
CA HIS A 310 -2.11 -21.78 22.24
C HIS A 310 -2.70 -22.53 21.09
N SER A 311 -3.72 -21.93 20.47
CA SER A 311 -4.42 -22.49 19.31
C SER A 311 -3.52 -22.99 18.23
N ASP A 312 -2.45 -22.23 17.96
CA ASP A 312 -1.58 -22.52 16.83
C ASP A 312 -0.12 -22.85 17.16
N TYR A 313 0.28 -22.82 18.43
CA TYR A 313 1.64 -23.21 18.70
C TYR A 313 1.77 -23.59 20.13
N THR A 314 2.90 -24.14 20.53
CA THR A 314 3.10 -24.31 21.93
C THR A 314 4.42 -23.71 22.27
N LYS A 315 4.56 -23.36 23.54
CA LYS A 315 5.76 -22.82 24.02
C LYS A 315 6.15 -23.62 25.27
N ILE A 316 7.41 -24.01 25.38
CA ILE A 316 7.87 -24.65 26.61
C ILE A 316 9.15 -23.95 27.05
N ARG A 317 9.14 -23.33 28.22
CA ARG A 317 10.34 -22.58 28.63
C ARG A 317 10.68 -21.52 27.54
N SER A 318 11.91 -21.47 27.03
CA SER A 318 12.31 -20.49 25.98
C SER A 318 12.03 -20.96 24.51
N ALA A 319 11.47 -22.16 24.36
CA ALA A 319 11.30 -22.83 23.08
C ALA A 319 9.92 -22.60 22.53
N THR A 320 9.81 -22.38 21.24
CA THR A 320 8.52 -22.31 20.62
C THR A 320 8.40 -23.47 19.70
N PHE A 321 7.23 -24.10 19.73
CA PHE A 321 6.92 -25.17 18.83
C PHE A 321 5.86 -24.73 17.79
N PRO A 322 6.28 -24.17 16.64
CA PRO A 322 5.29 -23.68 15.68
C PRO A 322 4.32 -24.75 15.20
N GLY A 323 3.06 -24.41 15.02
CA GLY A 323 2.12 -25.35 14.45
C GLY A 323 1.60 -26.38 15.44
N VAL A 324 2.22 -26.57 16.58
CA VAL A 324 1.60 -27.41 17.57
C VAL A 324 0.32 -26.98 18.27
N GLN A 325 -0.81 -27.38 17.75
CA GLN A 325 -2.12 -26.80 18.14
C GLN A 325 -2.61 -27.34 19.48
N MET A 326 -3.12 -26.46 20.36
CA MET A 326 -3.48 -26.88 21.70
C MET A 326 -4.61 -27.91 21.87
N LYS A 327 -5.69 -27.76 21.11
CA LYS A 327 -6.85 -28.68 21.23
C LYS A 327 -6.34 -30.13 21.12
N PHE A 328 -5.70 -30.39 19.97
CA PHE A 328 -5.01 -31.65 19.69
C PHE A 328 -3.90 -32.04 20.64
N ALA A 329 -2.98 -31.15 20.99
CA ALA A 329 -1.84 -31.48 21.92
C ALA A 329 -2.34 -31.81 23.34
N LEU A 330 -3.40 -31.13 23.78
CA LEU A 330 -4.00 -31.47 25.05
C LEU A 330 -4.70 -32.83 24.99
N GLN A 331 -5.40 -33.12 23.88
CA GLN A 331 -6.05 -34.41 23.76
C GLN A 331 -4.98 -35.49 23.93
N LYS A 332 -3.84 -35.33 23.23
CA LYS A 332 -2.72 -36.27 23.31
C LYS A 332 -2.10 -36.31 24.72
N LEU A 333 -1.91 -35.12 25.31
CA LEU A 333 -1.44 -35.02 26.67
C LEU A 333 -2.31 -35.85 27.61
N LEU A 334 -3.63 -35.72 27.51
CA LEU A 334 -4.59 -36.49 28.32
C LEU A 334 -4.46 -38.02 28.33
N THR A 335 -4.03 -38.59 27.22
CA THR A 335 -3.82 -40.01 27.11
C THR A 335 -2.68 -40.52 27.99
N LYS A 336 -1.67 -39.69 28.33
CA LYS A 336 -0.55 -40.14 29.22
C LYS A 336 -0.45 -39.49 30.57
N VAL A 337 -1.20 -38.42 30.77
CA VAL A 337 -0.98 -37.49 31.91
C VAL A 337 -1.34 -38.03 33.32
N ALA A 338 -2.38 -38.89 33.43
CA ALA A 338 -2.69 -39.53 34.75
C ALA A 338 -1.50 -40.31 35.24
N ASP A 339 -0.83 -41.03 34.34
CA ASP A 339 0.40 -41.74 34.71
C ASP A 339 1.57 -40.85 35.04
N ALA A 340 1.82 -39.80 34.25
CA ALA A 340 2.93 -38.86 34.63
C ALA A 340 2.68 -38.18 35.98
N ALA A 341 1.39 -37.93 36.31
CA ALA A 341 1.11 -37.21 37.57
C ALA A 341 0.88 -38.14 38.75
N LYS A 342 0.99 -39.46 38.57
CA LYS A 342 0.57 -40.37 39.65
C LYS A 342 1.29 -40.19 40.98
N GLY A 343 2.50 -39.65 40.97
CA GLY A 343 3.24 -39.52 42.21
C GLY A 343 3.05 -38.18 42.89
N TYR A 344 2.11 -37.38 42.38
CA TYR A 344 1.86 -36.07 42.93
C TYR A 344 1.06 -36.11 44.26
N LYS A 345 1.60 -35.46 45.30
CA LYS A 345 0.84 -35.24 46.55
C LYS A 345 0.17 -33.87 46.51
N PRO A 346 -1.17 -33.82 46.56
CA PRO A 346 -1.84 -32.52 46.30
C PRO A 346 -1.51 -31.47 47.37
N VAL A 347 -0.94 -30.35 46.94
CA VAL A 347 -0.78 -29.22 47.81
C VAL A 347 -2.18 -28.56 47.96
N PRO A 348 -2.51 -28.05 49.16
CA PRO A 348 -3.79 -27.34 49.37
C PRO A 348 -3.94 -26.08 48.53
N VAL A 349 -5.20 -25.75 48.16
CA VAL A 349 -5.48 -24.54 47.35
C VAL A 349 -5.96 -23.38 48.25
N PRO A 350 -5.71 -22.08 47.87
CA PRO A 350 -6.34 -20.94 48.55
C PRO A 350 -7.86 -21.02 48.62
N SER A 351 -8.46 -20.28 49.55
CA SER A 351 -9.79 -19.61 49.26
C SER A 351 -9.97 -18.16 49.83
N GLU A 352 -11.13 -17.56 49.59
CA GLU A 352 -11.59 -16.41 50.42
C GLU A 352 -12.96 -16.81 51.05
N PRO A 353 -13.49 -15.96 51.99
CA PRO A 353 -14.81 -16.30 52.48
C PRO A 353 -15.76 -16.40 51.32
N GLU A 354 -16.60 -17.43 51.36
CA GLU A 354 -17.64 -17.56 50.36
C GLU A 354 -18.77 -16.56 50.63
N HIS A 355 -18.76 -15.98 51.86
CA HIS A 355 -19.89 -15.21 52.40
C HIS A 355 -19.53 -13.91 53.09
N ASN A 356 -20.45 -12.97 52.99
CA ASN A 356 -20.43 -11.73 53.76
C ASN A 356 -20.88 -11.88 55.24
N GLU A 357 -20.20 -11.12 56.09
CA GLU A 357 -20.60 -10.88 57.49
C GLU A 357 -22.02 -10.35 57.57
N ALA A 358 -22.75 -10.70 58.63
CA ALA A 358 -24.05 -10.09 58.89
C ALA A 358 -23.85 -8.57 59.02
N VAL A 359 -24.80 -7.80 58.50
CA VAL A 359 -24.80 -6.34 58.69
C VAL A 359 -26.25 -5.88 58.85
N ALA A 360 -26.48 -4.67 59.35
CA ALA A 360 -27.86 -4.15 59.36
C ALA A 360 -28.41 -4.15 57.90
N ASP A 361 -29.64 -4.60 57.80
CA ASP A 361 -30.40 -4.52 56.58
C ASP A 361 -30.46 -3.15 55.94
N SER A 362 -30.19 -2.12 56.73
CA SER A 362 -30.30 -0.71 56.30
C SER A 362 -28.95 -0.27 55.74
N THR A 363 -27.98 -1.18 55.71
CA THR A 363 -26.63 -0.84 55.27
C THR A 363 -26.67 -0.42 53.80
N PRO A 364 -26.20 0.82 53.52
CA PRO A 364 -26.00 1.22 52.10
C PRO A 364 -25.17 0.14 51.34
N LEU A 365 -25.62 -0.26 50.14
CA LEU A 365 -24.90 -1.11 49.24
C LEU A 365 -23.48 -0.55 48.95
N LYS A 366 -22.48 -1.42 48.99
CA LYS A 366 -21.09 -1.07 48.61
C LYS A 366 -20.64 -2.16 47.62
N GLN A 367 -19.73 -1.80 46.70
CA GLN A 367 -19.24 -2.72 45.67
C GLN A 367 -18.74 -4.07 46.25
N GLU A 368 -17.83 -4.03 47.23
CA GLU A 368 -17.18 -5.23 47.71
C GLU A 368 -18.22 -6.21 48.28
N TRP A 369 -19.18 -5.67 49.01
CA TRP A 369 -20.25 -6.44 49.54
C TRP A 369 -21.07 -7.06 48.42
N VAL A 370 -21.45 -6.27 47.40
CA VAL A 370 -22.28 -6.76 46.27
C VAL A 370 -21.64 -7.93 45.54
N TRP A 371 -20.36 -7.78 45.17
CA TRP A 371 -19.66 -8.79 44.37
C TRP A 371 -19.56 -10.14 45.11
N THR A 372 -19.21 -10.13 46.40
CA THR A 372 -19.31 -11.36 47.18
C THR A 372 -20.76 -11.89 47.17
N GLN A 373 -21.73 -11.00 47.34
CA GLN A 373 -23.11 -11.37 47.51
C GLN A 373 -23.75 -11.90 46.23
N VAL A 374 -23.26 -11.43 45.08
CA VAL A 374 -23.69 -12.00 43.80
C VAL A 374 -23.68 -13.54 43.74
N GLY A 375 -22.62 -14.11 44.34
CA GLY A 375 -22.42 -15.55 44.41
C GLY A 375 -23.52 -16.41 45.00
N GLU A 376 -24.30 -15.85 45.93
CA GLU A 376 -25.46 -16.52 46.52
C GLU A 376 -26.64 -16.53 45.60
N PHE A 377 -26.65 -15.66 44.58
CA PHE A 377 -27.78 -15.58 43.67
C PHE A 377 -27.59 -16.47 42.43
N LEU A 378 -26.34 -16.62 42.02
CA LEU A 378 -26.02 -17.42 40.82
C LEU A 378 -26.35 -18.93 40.98
N ARG A 379 -26.66 -19.60 39.85
CA ARG A 379 -27.00 -21.00 39.76
C ARG A 379 -26.22 -21.54 38.54
N GLU A 380 -26.01 -22.85 38.48
CA GLU A 380 -25.35 -23.50 37.37
C GLU A 380 -26.17 -23.26 36.12
N GLY A 381 -25.47 -22.96 35.00
CA GLY A 381 -26.11 -22.71 33.72
C GLY A 381 -26.22 -21.21 33.46
N ASP A 382 -25.94 -20.38 34.44
CA ASP A 382 -26.12 -18.91 34.21
C ASP A 382 -25.12 -18.38 33.20
N VAL A 383 -25.54 -17.30 32.51
CA VAL A 383 -24.65 -16.55 31.63
C VAL A 383 -24.47 -15.26 32.39
N VAL A 384 -23.21 -14.94 32.73
CA VAL A 384 -22.90 -13.73 33.53
C VAL A 384 -22.08 -12.71 32.71
N ILE A 385 -22.66 -11.53 32.44
CA ILE A 385 -22.10 -10.56 31.50
C ILE A 385 -21.78 -9.31 32.27
N THR A 386 -20.52 -8.88 32.25
CA THR A 386 -20.16 -7.73 33.07
C THR A 386 -19.50 -6.66 32.22
N GLU A 387 -19.97 -5.44 32.38
CA GLU A 387 -19.42 -4.36 31.56
C GLU A 387 -18.04 -3.86 32.05
N THR A 388 -17.20 -3.42 31.11
CA THR A 388 -16.00 -2.65 31.42
C THR A 388 -16.36 -1.49 32.36
N GLY A 389 -15.58 -1.30 33.43
CA GLY A 389 -15.97 -0.45 34.54
C GLY A 389 -15.83 -1.22 35.85
N THR A 390 -16.39 -0.70 36.91
CA THR A 390 -16.33 -1.38 38.22
C THR A 390 -16.93 -2.81 38.13
N SER A 391 -17.98 -3.02 37.29
CA SER A 391 -18.59 -4.40 37.12
C SER A 391 -17.59 -5.43 36.69
N ALA A 392 -16.82 -5.16 35.63
CA ALA A 392 -15.87 -6.12 35.15
C ALA A 392 -14.74 -6.43 36.16
N PHE A 393 -14.31 -5.47 36.98
CA PHE A 393 -13.29 -5.76 38.00
C PHE A 393 -13.83 -6.45 39.24
N GLY A 394 -15.10 -6.18 39.50
CA GLY A 394 -15.71 -6.69 40.70
C GLY A 394 -16.09 -8.13 40.52
N ILE A 395 -16.67 -8.47 39.37
CA ILE A 395 -16.97 -9.89 39.16
C ILE A 395 -15.78 -10.86 39.47
N ASN A 396 -14.55 -10.40 39.40
CA ASN A 396 -13.41 -11.30 39.67
C ASN A 396 -13.49 -11.81 41.08
N GLN A 397 -14.12 -11.07 41.99
CA GLN A 397 -14.25 -11.57 43.36
C GLN A 397 -15.51 -12.42 43.59
N THR A 398 -16.39 -12.53 42.60
CA THR A 398 -17.62 -13.32 42.71
C THR A 398 -17.31 -14.77 42.48
N HIS A 399 -17.93 -15.63 43.28
CA HIS A 399 -17.66 -17.05 43.14
C HIS A 399 -18.65 -17.64 42.21
N PHE A 400 -18.22 -18.19 41.10
CA PHE A 400 -19.15 -18.87 40.20
C PHE A 400 -19.57 -20.29 40.66
N PRO A 401 -20.84 -20.67 40.43
CA PRO A 401 -21.28 -22.08 40.42
C PRO A 401 -20.60 -22.73 39.25
N ASN A 402 -20.49 -24.07 39.27
CA ASN A 402 -20.02 -24.83 38.15
C ASN A 402 -20.91 -24.50 36.98
N ASN A 403 -20.36 -24.59 35.78
CA ASN A 403 -21.12 -24.41 34.57
C ASN A 403 -21.69 -22.98 34.47
N THR A 404 -20.85 -22.01 34.85
CA THR A 404 -21.25 -20.61 34.70
C THR A 404 -20.47 -20.09 33.48
N TYR A 405 -21.16 -19.44 32.55
CA TYR A 405 -20.56 -18.85 31.39
C TYR A 405 -20.34 -17.34 31.60
N GLY A 406 -19.09 -16.86 31.59
CA GLY A 406 -18.84 -15.45 31.88
C GLY A 406 -18.60 -14.75 30.52
N ILE A 407 -19.14 -13.54 30.33
CA ILE A 407 -18.67 -12.67 29.25
C ILE A 407 -18.16 -11.36 29.82
N SER A 408 -16.87 -11.08 29.62
CA SER A 408 -16.19 -9.82 30.04
C SER A 408 -15.15 -9.49 28.98
N GLN A 409 -15.36 -8.40 28.26
CA GLN A 409 -14.50 -8.00 27.14
C GLN A 409 -13.27 -7.25 27.66
N VAL A 410 -12.39 -7.95 28.38
CA VAL A 410 -11.28 -7.35 29.09
C VAL A 410 -10.26 -6.66 28.16
N LEU A 411 -10.02 -7.25 27.00
CA LEU A 411 -9.07 -6.68 26.09
C LEU A 411 -9.67 -5.49 25.31
N TRP A 412 -10.72 -5.73 24.55
CA TRP A 412 -11.21 -4.71 23.71
C TRP A 412 -11.78 -3.54 24.54
N GLY A 413 -12.62 -3.86 25.53
CA GLY A 413 -13.05 -2.88 26.53
C GLY A 413 -13.91 -1.73 26.00
N SER A 414 -14.85 -2.01 25.11
CA SER A 414 -15.73 -1.01 24.58
C SER A 414 -16.98 -0.92 25.44
N ILE A 415 -17.16 0.18 26.15
CA ILE A 415 -18.35 0.31 27.01
C ILE A 415 -19.59 0.36 26.12
N GLY A 416 -20.67 -0.31 26.56
CA GLY A 416 -21.88 -0.32 25.78
C GLY A 416 -22.03 -1.69 25.12
N PHE A 417 -20.90 -2.30 24.78
CA PHE A 417 -20.86 -3.68 24.34
C PHE A 417 -21.93 -4.54 24.97
N THR A 418 -21.99 -4.57 26.31
CA THR A 418 -22.75 -5.65 27.01
C THR A 418 -24.28 -5.51 26.84
N THR A 419 -24.82 -4.32 26.54
CA THR A 419 -26.26 -4.27 26.26
C THR A 419 -26.56 -5.09 25.03
N GLY A 420 -25.78 -4.88 23.97
CA GLY A 420 -25.85 -5.73 22.78
C GLY A 420 -25.50 -7.20 23.01
N ALA A 421 -24.42 -7.50 23.73
CA ALA A 421 -24.00 -8.89 23.97
C ALA A 421 -25.08 -9.65 24.73
N THR A 422 -25.81 -8.89 25.55
CA THR A 422 -26.93 -9.42 26.35
C THR A 422 -28.12 -9.92 25.49
N LEU A 423 -28.56 -9.07 24.57
CA LEU A 423 -29.51 -9.44 23.55
C LEU A 423 -29.09 -10.69 22.86
N GLY A 424 -27.87 -10.73 22.31
CA GLY A 424 -27.44 -11.94 21.59
C GLY A 424 -27.18 -13.19 22.45
N ALA A 425 -26.64 -13.05 23.67
CA ALA A 425 -26.57 -14.16 24.60
C ALA A 425 -27.93 -14.74 24.96
N ALA A 426 -28.94 -13.86 25.09
CA ALA A 426 -30.30 -14.25 25.43
C ALA A 426 -31.05 -14.99 24.32
N PHE A 427 -30.90 -14.52 23.06
CA PHE A 427 -31.31 -15.34 21.94
C PHE A 427 -30.63 -16.71 21.98
N ALA A 428 -29.29 -16.71 22.04
CA ALA A 428 -28.53 -17.95 22.00
C ALA A 428 -29.02 -18.88 23.11
N ALA A 429 -29.02 -18.40 24.36
CA ALA A 429 -29.48 -19.15 25.50
C ALA A 429 -30.90 -19.73 25.34
N GLU A 430 -31.83 -18.94 24.79
CA GLU A 430 -33.20 -19.42 24.56
C GLU A 430 -33.22 -20.63 23.59
N GLU A 431 -32.38 -20.59 22.56
CA GLU A 431 -32.16 -21.70 21.58
C GLU A 431 -31.42 -22.90 22.21
N ILE A 432 -30.57 -22.65 23.20
CA ILE A 432 -29.79 -23.72 23.84
C ILE A 432 -30.65 -24.40 24.92
N ASP A 433 -31.22 -23.60 25.82
CA ASP A 433 -31.97 -24.12 26.96
C ASP A 433 -32.67 -22.94 27.63
N PRO A 434 -34.01 -22.80 27.47
CA PRO A 434 -34.69 -21.58 28.01
C PRO A 434 -34.55 -21.37 29.51
N LYS A 435 -34.07 -22.37 30.24
CA LYS A 435 -33.90 -22.22 31.67
C LYS A 435 -32.62 -21.48 32.05
N LYS A 436 -31.64 -21.39 31.15
CA LYS A 436 -30.40 -20.63 31.37
C LYS A 436 -30.73 -19.15 31.54
N ARG A 437 -30.45 -18.60 32.71
CA ARG A 437 -30.60 -17.15 32.94
C ARG A 437 -29.45 -16.35 32.33
N VAL A 438 -29.78 -15.16 31.82
CA VAL A 438 -28.76 -14.22 31.28
C VAL A 438 -28.76 -13.01 32.18
N ILE A 439 -27.61 -12.76 32.81
CA ILE A 439 -27.55 -11.80 33.89
C ILE A 439 -26.47 -10.78 33.56
N LEU A 440 -26.90 -9.52 33.43
CA LEU A 440 -26.02 -8.41 33.03
C LEU A 440 -25.66 -7.54 34.21
N PHE A 441 -24.39 -7.15 34.33
CA PHE A 441 -23.98 -6.08 35.25
C PHE A 441 -23.42 -4.97 34.38
N ILE A 442 -24.09 -3.82 34.31
CA ILE A 442 -23.62 -2.69 33.45
C ILE A 442 -23.68 -1.39 34.27
N GLY A 443 -22.71 -0.48 34.11
CA GLY A 443 -22.78 0.83 34.78
C GLY A 443 -23.79 1.77 34.18
N ASP A 444 -24.20 2.79 34.97
CA ASP A 444 -25.04 3.88 34.47
C ASP A 444 -24.45 4.51 33.17
N GLY A 445 -23.11 4.69 33.10
CA GLY A 445 -22.49 5.34 31.96
C GLY A 445 -22.48 4.50 30.69
N SER A 446 -22.04 3.26 30.83
CA SER A 446 -22.02 2.33 29.68
C SER A 446 -23.39 2.17 29.06
N LEU A 447 -24.43 2.07 29.92
CA LEU A 447 -25.78 1.80 29.44
C LEU A 447 -26.20 2.87 28.40
N GLN A 448 -25.75 4.09 28.60
CA GLN A 448 -26.12 5.20 27.74
C GLN A 448 -25.77 4.98 26.27
N LEU A 449 -24.68 4.27 25.99
CA LEU A 449 -24.15 4.20 24.63
C LEU A 449 -24.99 3.31 23.73
N THR A 450 -25.71 2.37 24.36
CA THR A 450 -26.36 1.26 23.64
C THR A 450 -27.73 0.93 24.25
N VAL A 451 -28.25 1.87 25.07
CA VAL A 451 -29.49 1.62 25.77
C VAL A 451 -30.65 1.10 24.88
N GLN A 452 -30.69 1.55 23.60
CA GLN A 452 -31.86 1.24 22.72
C GLN A 452 -32.05 -0.23 22.47
N GLU A 453 -30.99 -1.04 22.68
CA GLU A 453 -31.09 -2.47 22.42
C GLU A 453 -31.98 -3.21 23.45
N ILE A 454 -32.34 -2.56 24.53
CA ILE A 454 -33.35 -3.11 25.45
C ILE A 454 -34.65 -3.29 24.69
N SER A 455 -34.94 -2.33 23.84
CA SER A 455 -36.07 -2.42 22.94
C SER A 455 -36.15 -3.75 22.19
N THR A 456 -35.03 -4.20 21.62
CA THR A 456 -34.98 -5.46 20.89
C THR A 456 -35.21 -6.71 21.83
N MET A 457 -34.74 -6.67 23.08
CA MET A 457 -35.09 -7.68 24.10
C MET A 457 -36.60 -7.79 24.41
N ILE A 458 -37.25 -6.65 24.66
CA ILE A 458 -38.70 -6.55 24.79
C ILE A 458 -39.47 -7.11 23.57
N ARG A 459 -39.05 -6.71 22.37
CA ARG A 459 -39.70 -7.10 21.13
C ARG A 459 -39.80 -8.65 21.00
N TRP A 460 -38.73 -9.33 21.45
CA TRP A 460 -38.66 -10.76 21.33
C TRP A 460 -39.06 -11.48 22.61
N GLY A 461 -39.52 -10.75 23.61
CA GLY A 461 -39.91 -11.41 24.83
C GLY A 461 -38.71 -12.05 25.57
N LEU A 462 -37.52 -11.49 25.44
CA LEU A 462 -36.37 -12.08 26.13
C LEU A 462 -36.32 -11.66 27.60
N LYS A 463 -35.75 -12.53 28.46
CA LYS A 463 -35.93 -12.33 29.91
C LYS A 463 -34.64 -12.13 30.68
N PRO A 464 -33.71 -11.27 30.18
CA PRO A 464 -32.52 -11.03 30.99
C PRO A 464 -32.82 -10.24 32.26
N TYR A 465 -31.89 -10.34 33.22
CA TYR A 465 -31.84 -9.53 34.42
C TYR A 465 -30.83 -8.45 34.09
N LEU A 466 -31.27 -7.20 34.07
CA LEU A 466 -30.38 -6.08 33.79
C LEU A 466 -30.04 -5.34 35.07
N PHE A 467 -28.95 -5.70 35.73
CA PHE A 467 -28.48 -4.93 36.86
C PHE A 467 -27.72 -3.67 36.40
N VAL A 468 -28.27 -2.52 36.74
CA VAL A 468 -27.67 -1.28 36.33
C VAL A 468 -27.07 -0.62 37.56
N LEU A 469 -25.76 -0.39 37.54
CA LEU A 469 -25.02 0.19 38.69
C LEU A 469 -24.98 1.71 38.60
N ASN A 470 -25.82 2.32 39.45
CA ASN A 470 -25.97 3.76 39.51
C ASN A 470 -25.06 4.39 40.53
N ASN A 471 -23.91 4.91 40.06
CA ASN A 471 -22.92 5.58 40.93
C ASN A 471 -22.67 6.98 40.40
N ASP A 472 -23.69 7.51 39.71
CA ASP A 472 -23.64 8.89 39.24
C ASP A 472 -22.41 9.22 38.35
N GLY A 473 -22.15 8.42 37.31
CA GLY A 473 -21.17 8.77 36.32
C GLY A 473 -20.21 7.65 36.07
N TYR A 474 -19.03 8.00 35.60
CA TYR A 474 -18.02 7.06 35.16
C TYR A 474 -17.04 6.80 36.29
N THR A 475 -17.37 5.94 37.24
CA THR A 475 -16.47 5.80 38.39
C THR A 475 -15.06 5.30 38.03
N ILE A 476 -14.97 4.32 37.14
CA ILE A 476 -13.65 3.81 36.74
C ILE A 476 -12.73 4.96 36.20
N GLU A 477 -13.31 5.88 35.39
CA GLU A 477 -12.45 6.97 34.88
C GLU A 477 -12.04 7.92 36.02
N ARG A 478 -12.96 8.13 36.97
CA ARG A 478 -12.70 9.00 38.09
C ARG A 478 -11.50 8.58 38.90
N LEU A 479 -11.31 7.27 39.05
CA LEU A 479 -10.14 6.67 39.71
C LEU A 479 -8.87 6.77 38.83
N ILE A 480 -9.04 6.85 37.51
CA ILE A 480 -7.88 7.01 36.63
C ILE A 480 -7.41 8.49 36.71
N HIS A 481 -8.31 9.43 36.43
CA HIS A 481 -7.94 10.85 36.35
C HIS A 481 -9.20 11.68 36.28
N GLY A 482 -9.23 12.80 36.98
CA GLY A 482 -10.39 13.69 36.99
C GLY A 482 -11.53 13.19 37.87
N GLU A 483 -11.20 12.94 39.11
CA GLU A 483 -12.16 12.56 40.13
C GLU A 483 -13.49 13.33 40.08
N THR A 484 -13.42 14.64 39.90
CA THR A 484 -14.65 15.47 39.82
C THR A 484 -14.70 16.23 38.48
N ALA A 485 -14.01 15.74 37.44
CA ALA A 485 -14.08 16.37 36.14
C ALA A 485 -15.52 16.22 35.55
N GLN A 486 -16.05 17.31 34.99
CA GLN A 486 -17.37 17.34 34.34
C GLN A 486 -17.41 16.23 33.23
N TYR A 487 -16.28 15.97 32.58
CA TYR A 487 -16.25 14.88 31.58
C TYR A 487 -16.51 13.44 32.10
N ASN A 488 -16.41 13.23 33.45
CA ASN A 488 -16.71 11.91 34.07
C ASN A 488 -18.14 11.86 34.63
N CYS A 489 -18.92 12.88 34.29
CA CYS A 489 -20.24 13.02 34.81
C CYS A 489 -21.14 12.74 33.65
N ILE A 490 -22.38 12.35 33.96
CA ILE A 490 -23.36 11.96 32.95
C ILE A 490 -24.66 12.59 33.27
N GLN A 491 -25.51 12.82 32.26
CA GLN A 491 -26.92 13.15 32.54
C GLN A 491 -27.60 11.97 33.28
N ASN A 492 -28.31 12.26 34.36
CA ASN A 492 -29.04 11.24 35.13
C ASN A 492 -30.35 10.80 34.50
N TRP A 493 -30.48 9.48 34.31
CA TRP A 493 -31.69 8.91 33.69
C TRP A 493 -32.55 8.29 34.75
N GLN A 494 -33.83 8.14 34.41
CA GLN A 494 -34.76 7.40 35.24
C GLN A 494 -34.77 5.94 34.75
N HIS A 495 -33.87 5.13 35.30
CA HIS A 495 -33.66 3.76 34.79
C HIS A 495 -34.92 2.92 34.95
N LEU A 496 -35.77 3.26 35.91
CA LEU A 496 -36.95 2.45 36.19
C LEU A 496 -38.01 2.59 35.11
N GLU A 497 -37.89 3.66 34.33
CA GLU A 497 -38.85 4.01 33.25
C GLU A 497 -38.45 3.56 31.85
N LEU A 498 -37.22 3.10 31.71
CA LEU A 498 -36.68 2.69 30.43
C LEU A 498 -37.49 1.59 29.82
N LEU A 499 -37.84 0.59 30.64
CA LEU A 499 -38.54 -0.57 30.16
C LEU A 499 -39.95 -0.24 29.60
N PRO A 500 -40.84 0.44 30.37
CA PRO A 500 -42.15 0.83 29.77
C PRO A 500 -41.94 1.73 28.55
N THR A 501 -40.93 2.60 28.64
CA THR A 501 -40.70 3.64 27.57
C THR A 501 -40.46 2.95 26.24
N PHE A 502 -39.78 1.80 26.30
CA PHE A 502 -39.50 1.00 25.09
C PHE A 502 -40.58 -0.03 24.79
N GLY A 503 -41.75 0.10 25.44
CA GLY A 503 -42.94 -0.72 25.13
C GLY A 503 -43.12 -2.00 25.93
N ALA A 504 -42.28 -2.23 26.93
CA ALA A 504 -42.45 -3.37 27.85
C ALA A 504 -43.83 -3.41 28.53
N LYS A 505 -44.51 -4.56 28.41
CA LYS A 505 -45.80 -4.85 29.11
C LYS A 505 -45.59 -5.74 30.34
N ASP A 506 -44.76 -6.76 30.15
CA ASP A 506 -44.51 -7.75 31.21
C ASP A 506 -43.04 -7.63 31.65
N TYR A 507 -42.82 -7.07 32.83
CA TYR A 507 -41.43 -6.71 33.21
C TYR A 507 -41.47 -6.31 34.68
N GLU A 508 -40.31 -6.27 35.33
CA GLU A 508 -40.13 -5.58 36.64
C GLU A 508 -38.98 -4.57 36.61
N ALA A 509 -39.16 -3.50 37.36
CA ALA A 509 -38.10 -2.50 37.52
C ALA A 509 -38.13 -2.09 38.99
N VAL A 510 -37.04 -2.36 39.71
CA VAL A 510 -36.91 -2.13 41.15
C VAL A 510 -35.58 -1.41 41.46
N ARG A 511 -35.60 -0.52 42.46
CA ARG A 511 -34.38 0.10 42.86
C ARG A 511 -33.99 -0.58 44.14
N VAL A 512 -32.70 -0.87 44.31
CA VAL A 512 -32.15 -1.36 45.61
C VAL A 512 -30.95 -0.47 46.07
N SER A 513 -31.03 -0.05 47.32
CA SER A 513 -30.09 0.88 47.97
C SER A 513 -29.40 0.26 49.17
N THR A 514 -29.98 -0.78 49.72
CA THR A 514 -29.48 -1.30 51.01
C THR A 514 -29.26 -2.81 50.87
N THR A 515 -28.46 -3.37 51.76
CA THR A 515 -28.28 -4.82 51.78
C THR A 515 -29.58 -5.58 51.97
N GLY A 516 -30.46 -5.09 52.83
CA GLY A 516 -31.78 -5.67 53.05
C GLY A 516 -32.67 -5.61 51.84
N GLU A 517 -32.61 -4.54 51.04
CA GLU A 517 -33.45 -4.51 49.83
C GLU A 517 -32.91 -5.47 48.77
N TRP A 518 -31.57 -5.47 48.65
CA TRP A 518 -30.83 -6.48 47.90
C TRP A 518 -31.28 -7.91 48.31
N ASN A 519 -31.11 -8.28 49.58
CA ASN A 519 -31.49 -9.65 50.00
C ASN A 519 -32.92 -9.98 49.73
N LYS A 520 -33.81 -9.06 50.06
CA LYS A 520 -35.23 -9.26 49.89
C LYS A 520 -35.59 -9.65 48.44
N LEU A 521 -34.96 -8.94 47.49
CA LEU A 521 -35.25 -9.06 46.09
C LEU A 521 -34.60 -10.32 45.57
N THR A 522 -33.32 -10.49 45.85
CA THR A 522 -32.59 -11.58 45.21
C THR A 522 -32.84 -12.97 45.81
N THR A 523 -33.26 -13.04 47.09
CA THR A 523 -33.57 -14.35 47.71
C THR A 523 -35.04 -14.76 47.48
N ASP A 524 -35.77 -13.92 46.76
CA ASP A 524 -37.19 -14.18 46.39
C ASP A 524 -37.29 -15.17 45.24
N GLU A 525 -38.06 -16.22 45.46
CA GLU A 525 -38.10 -17.39 44.59
C GLU A 525 -38.69 -17.09 43.22
N LYS A 526 -39.66 -16.24 43.19
CA LYS A 526 -40.23 -15.78 41.94
C LYS A 526 -39.22 -14.92 41.16
N PHE A 527 -38.49 -14.04 41.87
CA PHE A 527 -37.41 -13.25 41.28
C PHE A 527 -36.35 -14.12 40.62
N GLN A 528 -35.98 -15.22 41.28
CA GLN A 528 -34.95 -16.11 40.74
C GLN A 528 -35.33 -16.97 39.50
N ASP A 529 -36.59 -16.89 39.08
CA ASP A 529 -37.12 -17.55 37.89
C ASP A 529 -37.14 -16.52 36.74
N ASN A 530 -36.59 -16.89 35.59
CA ASN A 530 -36.51 -15.96 34.45
C ASN A 530 -37.82 -15.93 33.62
N THR A 531 -38.86 -15.35 34.21
CA THR A 531 -40.15 -15.42 33.56
C THR A 531 -40.48 -14.09 32.91
N ARG A 532 -39.64 -13.08 33.14
CA ARG A 532 -39.82 -11.76 32.60
C ARG A 532 -38.50 -10.98 32.64
N ILE A 533 -38.43 -9.99 31.75
CA ILE A 533 -37.30 -9.02 31.69
C ILE A 533 -37.32 -8.15 32.97
N ARG A 534 -36.19 -8.04 33.65
CA ARG A 534 -36.09 -7.24 34.85
C ARG A 534 -34.97 -6.18 34.71
N LEU A 535 -35.22 -5.01 35.29
CA LEU A 535 -34.13 -4.07 35.45
C LEU A 535 -34.01 -3.81 36.94
N ILE A 536 -32.80 -3.97 37.49
CA ILE A 536 -32.55 -3.70 38.92
C ILE A 536 -31.57 -2.49 39.02
N GLU A 537 -32.03 -1.37 39.59
CA GLU A 537 -31.19 -0.21 39.65
C GLU A 537 -30.49 -0.24 41.03
N VAL A 538 -29.17 -0.37 41.01
CA VAL A 538 -28.37 -0.61 42.19
C VAL A 538 -27.72 0.68 42.56
N MET A 539 -28.12 1.25 43.69
CA MET A 539 -27.58 2.56 44.05
C MET A 539 -26.32 2.41 44.87
N LEU A 540 -25.23 3.03 44.38
CA LEU A 540 -23.91 2.90 44.97
C LEU A 540 -23.14 4.26 45.06
N PRO A 541 -22.20 4.38 46.00
CA PRO A 541 -21.50 5.66 46.10
C PRO A 541 -20.65 5.88 44.89
N THR A 542 -20.48 7.15 44.55
CA THR A 542 -19.78 7.67 43.37
C THR A 542 -18.35 7.16 43.26
N MET A 543 -17.59 7.22 44.35
CA MET A 543 -16.15 6.82 44.32
C MET A 543 -15.90 5.40 44.81
N ASP A 544 -16.96 4.63 45.00
CA ASP A 544 -16.87 3.25 45.50
C ASP A 544 -16.45 2.28 44.39
N ALA A 545 -15.50 1.39 44.67
CA ALA A 545 -14.86 0.58 43.63
C ALA A 545 -14.26 -0.59 44.31
N PRO A 546 -14.13 -1.73 43.58
CA PRO A 546 -13.47 -2.83 44.23
C PRO A 546 -11.98 -2.49 44.27
N SER A 547 -11.26 -3.03 45.27
CA SER A 547 -9.97 -2.49 45.59
C SER A 547 -8.99 -2.81 44.47
N ASN A 548 -9.24 -3.94 43.78
CA ASN A 548 -8.43 -4.22 42.57
C ASN A 548 -8.48 -3.10 41.51
N LEU A 549 -9.62 -2.42 41.37
CA LEU A 549 -9.75 -1.44 40.26
C LEU A 549 -9.04 -0.17 40.70
N VAL A 550 -9.11 0.09 42.00
CA VAL A 550 -8.38 1.23 42.58
C VAL A 550 -6.89 1.14 42.22
N LYS A 551 -6.25 0.00 42.45
CA LYS A 551 -4.88 -0.15 42.04
C LYS A 551 -4.58 -0.12 40.57
N GLN A 552 -5.36 -0.86 39.80
CA GLN A 552 -5.24 -0.87 38.34
C GLN A 552 -5.39 0.51 37.63
N ALA A 553 -6.36 1.29 38.12
CA ALA A 553 -6.61 2.66 37.59
C ALA A 553 -5.30 3.46 37.69
N GLN A 554 -4.59 3.23 38.81
CA GLN A 554 -3.36 3.96 39.10
C GLN A 554 -2.20 3.54 38.20
N LEU A 555 -2.08 2.25 37.92
CA LEU A 555 -1.07 1.79 37.00
C LEU A 555 -1.32 2.28 35.60
N THR A 556 -2.54 2.18 35.17
CA THR A 556 -2.94 2.67 33.87
C THR A 556 -2.61 4.16 33.68
N ALA A 557 -3.09 5.01 34.59
CA ALA A 557 -2.68 6.44 34.71
C ALA A 557 -1.18 6.66 34.44
N ALA A 558 -0.35 5.86 35.14
CA ALA A 558 1.10 6.01 35.09
C ALA A 558 1.63 5.50 33.77
N THR A 559 1.10 4.39 33.26
CA THR A 559 1.46 3.98 31.91
C THR A 559 1.14 5.13 30.90
N ASN A 560 0.01 5.78 31.00
CA ASN A 560 -0.30 6.77 30.01
C ASN A 560 0.53 8.04 30.10
N ALA A 561 0.94 8.39 31.28
CA ALA A 561 1.80 9.54 31.52
C ALA A 561 3.25 9.39 31.11
N LYS A 562 3.84 8.23 31.26
CA LYS A 562 5.27 8.10 30.99
C LYS A 562 5.81 8.40 29.61
N ASN A 563 6.93 9.10 29.57
CA ASN A 563 7.70 9.34 28.37
C ASN A 563 8.71 8.29 27.91
N SER B 2 6.71 32.27 28.56
CA SER B 2 5.28 31.74 28.64
C SER B 2 4.93 30.60 27.68
N GLU B 3 4.48 29.54 28.32
CA GLU B 3 4.37 28.24 27.71
C GLU B 3 3.02 27.63 28.06
N ILE B 4 2.53 26.77 27.19
CA ILE B 4 1.26 26.13 27.42
C ILE B 4 1.39 24.68 27.04
N THR B 5 0.54 23.81 27.58
CA THR B 5 0.56 22.43 27.05
C THR B 5 0.14 22.35 25.56
N LEU B 6 0.59 21.30 24.89
CA LEU B 6 0.18 21.04 23.55
C LEU B 6 -1.35 20.88 23.47
N GLY B 7 -1.94 20.21 24.47
CA GLY B 7 -3.43 20.08 24.57
C GLY B 7 -4.08 21.47 24.63
N ARG B 8 -3.56 22.31 25.52
CA ARG B 8 -3.90 23.73 25.66
C ARG B 8 -3.86 24.49 24.32
N TYR B 9 -2.76 24.36 23.61
CA TYR B 9 -2.54 24.91 22.26
C TYR B 9 -3.71 24.54 21.28
N LEU B 10 -4.05 23.26 21.23
CA LEU B 10 -5.17 22.76 20.49
C LEU B 10 -6.49 23.43 20.73
N PHE B 11 -6.85 23.55 21.98
CA PHE B 11 -8.07 24.24 22.32
C PHE B 11 -8.07 25.73 22.07
N GLU B 12 -6.96 26.38 22.38
CA GLU B 12 -6.75 27.77 21.95
C GLU B 12 -6.84 27.94 20.44
N ARG B 13 -6.22 27.09 19.63
CA ARG B 13 -6.39 27.25 18.19
C ARG B 13 -7.86 27.07 17.77
N LEU B 14 -8.58 26.14 18.39
CA LEU B 14 -9.97 25.84 17.98
C LEU B 14 -10.82 27.00 18.32
N LYS B 15 -10.54 27.62 19.45
CA LYS B 15 -11.31 28.80 19.86
C LYS B 15 -11.10 29.89 18.81
N GLN B 16 -9.88 30.03 18.27
CA GLN B 16 -9.63 31.10 17.31
C GLN B 16 -10.41 30.88 16.04
N VAL B 17 -10.83 29.64 15.72
CA VAL B 17 -11.67 29.35 14.54
C VAL B 17 -13.12 29.15 14.98
N GLU B 18 -13.44 29.60 16.20
CA GLU B 18 -14.83 29.69 16.72
C GLU B 18 -15.49 28.36 17.17
N VAL B 19 -14.66 27.35 17.38
CA VAL B 19 -15.13 26.14 17.97
C VAL B 19 -15.15 26.40 19.48
N GLN B 20 -16.37 26.44 20.04
CA GLN B 20 -16.56 26.57 21.46
C GLN B 20 -17.00 25.30 22.14
N THR B 21 -17.66 24.44 21.40
CA THR B 21 -18.16 23.22 21.97
C THR B 21 -17.34 22.09 21.35
N ILE B 22 -16.85 21.20 22.23
CA ILE B 22 -16.10 19.98 21.86
C ILE B 22 -16.96 18.70 22.13
N PHE B 23 -16.99 17.83 21.11
CA PHE B 23 -17.77 16.61 21.09
C PHE B 23 -16.87 15.39 21.31
N GLY B 24 -17.51 14.25 21.64
CA GLY B 24 -16.81 13.00 21.88
C GLY B 24 -17.09 12.41 23.25
N LEU B 25 -16.32 11.38 23.59
CA LEU B 25 -16.44 10.76 24.92
C LEU B 25 -15.08 10.61 25.49
N PRO B 26 -14.98 10.63 26.84
CA PRO B 26 -13.62 10.48 27.47
C PRO B 26 -13.12 8.99 27.41
N GLY B 27 -11.81 8.78 27.50
CA GLY B 27 -11.22 7.46 27.77
C GLY B 27 -9.83 7.74 28.38
N ASP B 28 -9.19 6.76 28.98
CA ASP B 28 -7.96 7.00 29.71
C ASP B 28 -6.92 7.68 28.83
N PHE B 29 -6.92 7.30 27.55
CA PHE B 29 -5.99 7.82 26.54
C PHE B 29 -6.25 9.27 26.14
N ASN B 30 -7.32 9.90 26.64
CA ASN B 30 -7.54 11.32 26.37
C ASN B 30 -7.89 12.23 27.52
N LEU B 31 -7.95 11.65 28.72
CA LEU B 31 -8.33 12.41 29.85
C LEU B 31 -7.36 13.60 30.08
N SER B 32 -6.04 13.48 29.87
CA SER B 32 -5.20 14.69 30.17
C SER B 32 -5.46 15.74 29.16
N LEU B 33 -5.82 15.33 27.96
CA LEU B 33 -6.08 16.25 26.90
C LEU B 33 -7.28 17.04 27.28
N LEU B 34 -8.32 16.35 27.70
CA LEU B 34 -9.60 17.01 27.99
C LEU B 34 -9.54 18.06 29.10
N ASP B 35 -8.71 17.81 30.13
CA ASP B 35 -8.44 18.84 31.16
C ASP B 35 -8.28 20.23 30.60
N ASN B 36 -7.66 20.35 29.45
CA ASN B 36 -7.34 21.68 28.95
C ASN B 36 -8.54 22.52 28.52
N ILE B 37 -9.67 21.85 28.21
CA ILE B 37 -10.88 22.51 27.74
C ILE B 37 -11.34 23.55 28.79
N TYR B 38 -11.19 23.15 30.04
CA TYR B 38 -11.66 23.97 31.15
C TYR B 38 -10.82 25.17 31.43
N GLU B 39 -9.60 25.18 30.91
CA GLU B 39 -8.65 26.29 30.96
C GLU B 39 -8.82 27.36 29.91
N VAL B 40 -9.66 27.09 28.93
CA VAL B 40 -9.99 28.06 27.94
C VAL B 40 -11.29 28.76 28.01
N PRO B 41 -11.26 30.04 28.32
CA PRO B 41 -12.50 30.69 28.65
C PRO B 41 -13.53 30.56 27.50
N GLY B 42 -14.77 30.20 27.85
CA GLY B 42 -15.83 29.97 26.85
C GLY B 42 -15.99 28.53 26.35
N MET B 43 -14.93 27.70 26.34
CA MET B 43 -15.04 26.39 25.70
C MET B 43 -15.75 25.40 26.58
N ARG B 44 -16.52 24.49 26.00
CA ARG B 44 -17.16 23.44 26.81
C ARG B 44 -17.06 22.04 26.16
N TRP B 45 -17.34 21.01 26.95
CA TRP B 45 -17.29 19.60 26.57
C TRP B 45 -18.74 19.19 26.54
N ALA B 46 -19.26 18.71 25.40
CA ALA B 46 -20.70 18.35 25.33
C ALA B 46 -21.04 17.20 26.30
N GLY B 47 -20.23 16.17 26.43
CA GLY B 47 -20.57 15.03 27.27
C GLY B 47 -21.52 14.14 26.45
N ASN B 48 -21.11 13.69 25.27
CA ASN B 48 -22.04 12.98 24.37
C ASN B 48 -22.40 11.60 24.89
N ALA B 49 -23.47 11.01 24.37
CA ALA B 49 -23.93 9.75 24.97
C ALA B 49 -23.33 8.57 24.26
N ASN B 50 -22.85 8.78 23.03
CA ASN B 50 -21.96 7.82 22.33
C ASN B 50 -21.15 8.50 21.21
N GLU B 51 -20.07 7.86 20.78
CA GLU B 51 -19.14 8.48 19.81
C GLU B 51 -19.80 8.61 18.42
N LEU B 52 -20.65 7.67 18.05
CA LEU B 52 -21.34 7.87 16.72
C LEU B 52 -22.19 9.17 16.68
N ASN B 53 -22.98 9.39 17.76
CA ASN B 53 -23.80 10.57 17.90
C ASN B 53 -22.96 11.80 18.09
N ALA B 54 -21.84 11.66 18.80
CA ALA B 54 -20.86 12.73 18.90
C ALA B 54 -20.41 13.19 17.51
N ALA B 55 -20.15 12.26 16.58
CA ALA B 55 -19.65 12.64 15.27
C ALA B 55 -20.77 13.26 14.41
N TYR B 56 -22.00 12.78 14.59
CA TYR B 56 -23.15 13.39 13.93
C TYR B 56 -23.34 14.83 14.40
N ALA B 57 -23.16 15.02 15.71
CA ALA B 57 -23.27 16.34 16.34
C ALA B 57 -22.14 17.25 15.91
N ALA B 58 -20.91 16.72 15.81
CA ALA B 58 -19.79 17.54 15.24
C ALA B 58 -20.09 17.97 13.82
N ASP B 59 -20.77 17.10 13.07
CA ASP B 59 -21.21 17.42 11.71
C ASP B 59 -22.23 18.62 11.73
N GLY B 60 -23.40 18.45 12.37
CA GLY B 60 -24.38 19.56 12.49
C GLY B 60 -23.72 20.84 12.95
N TYR B 61 -22.87 20.78 13.99
CA TYR B 61 -22.19 21.98 14.48
C TYR B 61 -21.30 22.65 13.44
N ALA B 62 -20.53 21.84 12.72
CA ALA B 62 -19.64 22.38 11.69
C ALA B 62 -20.48 23.02 10.57
N ARG B 63 -21.70 22.50 10.34
CA ARG B 63 -22.46 22.99 9.18
C ARG B 63 -22.83 24.45 9.45
N LEU B 64 -23.14 24.80 10.71
CA LEU B 64 -23.54 26.12 11.10
C LEU B 64 -22.34 27.00 11.42
N LYS B 65 -21.38 26.45 12.18
CA LYS B 65 -20.31 27.23 12.76
C LYS B 65 -19.11 27.40 11.83
N GLY B 66 -18.95 26.48 10.86
CA GLY B 66 -17.81 26.47 9.93
C GLY B 66 -16.94 25.24 10.08
N MET B 67 -16.63 24.91 11.32
CA MET B 67 -15.91 23.67 11.55
C MET B 67 -16.19 23.22 12.99
N SER B 68 -15.69 22.04 13.34
CA SER B 68 -15.97 21.44 14.62
C SER B 68 -14.92 20.44 14.98
N CYS B 69 -15.00 19.96 16.21
CA CYS B 69 -14.02 19.05 16.73
C CYS B 69 -14.69 17.99 17.62
N ILE B 70 -14.39 16.75 17.28
CA ILE B 70 -14.79 15.60 18.11
C ILE B 70 -13.54 14.89 18.65
N ILE B 71 -13.49 14.61 19.96
CA ILE B 71 -12.39 13.84 20.54
C ILE B 71 -12.88 12.46 21.00
N THR B 72 -12.24 11.40 20.50
CA THR B 72 -12.48 10.02 20.91
C THR B 72 -11.20 9.34 21.48
N THR B 73 -11.37 8.11 21.95
CA THR B 73 -10.28 7.37 22.59
C THR B 73 -9.87 6.28 21.56
N PHE B 74 -8.56 5.94 21.54
CA PHE B 74 -7.98 4.93 20.66
C PHE B 74 -8.87 3.69 20.50
N GLY B 75 -9.02 3.24 19.26
CA GLY B 75 -9.75 1.96 18.98
C GLY B 75 -11.25 2.10 19.10
N VAL B 76 -11.72 1.97 20.34
CA VAL B 76 -13.17 1.84 20.59
C VAL B 76 -13.99 3.17 20.40
N GLY B 77 -13.38 4.32 20.75
CA GLY B 77 -14.00 5.57 20.48
C GLY B 77 -13.94 5.94 19.01
N GLU B 78 -12.73 5.86 18.46
CA GLU B 78 -12.59 6.22 17.04
C GLU B 78 -13.47 5.42 16.08
N LEU B 79 -13.54 4.10 16.27
CA LEU B 79 -14.17 3.18 15.34
C LEU B 79 -15.66 3.30 15.41
N SER B 80 -16.15 3.62 16.59
CA SER B 80 -17.55 4.00 16.76
C SER B 80 -17.93 5.25 15.97
N ALA B 81 -17.03 6.23 15.87
CA ALA B 81 -17.33 7.48 15.19
C ALA B 81 -17.34 7.36 13.69
N LEU B 82 -16.78 6.31 13.16
CA LEU B 82 -16.46 6.26 11.78
C LEU B 82 -17.57 6.52 10.76
N ASN B 83 -18.79 6.08 11.01
CA ASN B 83 -19.94 6.35 10.08
C ASN B 83 -20.32 7.87 10.05
N GLY B 84 -20.18 8.56 11.20
CA GLY B 84 -20.27 10.00 11.36
C GLY B 84 -19.21 10.68 10.50
N ILE B 85 -17.92 10.37 10.74
CA ILE B 85 -16.83 10.90 9.88
C ILE B 85 -17.05 10.70 8.34
N ALA B 86 -17.33 9.47 7.89
CA ALA B 86 -17.64 9.20 6.47
C ALA B 86 -18.68 10.09 5.84
N GLY B 87 -19.82 10.19 6.53
CA GLY B 87 -20.83 11.15 6.14
C GLY B 87 -20.37 12.61 6.00
N SER B 88 -19.42 13.03 6.85
CA SER B 88 -18.91 14.40 6.79
C SER B 88 -18.02 14.48 5.54
N TYR B 89 -17.30 13.43 5.26
CA TYR B 89 -16.53 13.39 4.07
C TYR B 89 -17.41 13.44 2.78
N ALA B 90 -18.37 12.53 2.67
CA ALA B 90 -19.33 12.45 1.58
C ALA B 90 -19.92 13.81 1.32
N GLU B 91 -20.30 14.52 2.39
CA GLU B 91 -21.08 15.76 2.22
C GLU B 91 -20.31 17.04 2.40
N HIS B 92 -18.99 16.93 2.52
CA HIS B 92 -18.05 18.09 2.54
C HIS B 92 -18.26 18.92 3.80
N VAL B 93 -18.16 18.28 4.97
CA VAL B 93 -18.36 18.98 6.25
C VAL B 93 -17.02 18.94 6.99
N GLY B 94 -16.51 20.09 7.39
CA GLY B 94 -15.20 20.10 8.01
C GLY B 94 -15.20 19.71 9.47
N VAL B 95 -14.94 18.44 9.75
CA VAL B 95 -14.91 17.89 11.13
C VAL B 95 -13.48 17.49 11.53
N LEU B 96 -12.94 18.10 12.58
CA LEU B 96 -11.60 17.68 13.05
C LEU B 96 -11.72 16.50 14.04
N HIS B 97 -11.22 15.32 13.65
CA HIS B 97 -11.38 14.18 14.52
C HIS B 97 -10.08 13.95 15.28
N VAL B 98 -10.08 14.22 16.57
CA VAL B 98 -8.83 14.10 17.35
C VAL B 98 -8.94 12.80 18.12
N VAL B 99 -7.92 11.95 18.10
CA VAL B 99 -8.01 10.74 18.88
C VAL B 99 -6.92 10.70 20.00
N GLY B 100 -7.26 10.46 21.26
CA GLY B 100 -6.23 10.27 22.30
C GLY B 100 -5.68 8.89 22.06
N VAL B 101 -4.36 8.74 21.81
CA VAL B 101 -3.77 7.43 21.57
C VAL B 101 -2.75 7.05 22.68
N PRO B 102 -2.35 5.75 22.76
CA PRO B 102 -1.39 5.28 23.79
C PRO B 102 -0.13 6.08 23.67
N SER B 103 0.53 6.26 24.78
CA SER B 103 1.69 7.09 24.75
C SER B 103 2.66 6.47 23.74
N VAL B 104 3.60 7.25 23.24
CA VAL B 104 4.66 6.72 22.38
C VAL B 104 5.46 5.53 22.97
N SER B 105 5.74 5.53 24.27
CA SER B 105 6.52 4.43 24.80
C SER B 105 5.69 3.13 24.94
N SER B 106 4.40 3.24 25.27
CA SER B 106 3.53 2.09 25.09
C SER B 106 3.54 1.60 23.62
N GLN B 107 3.51 2.48 22.64
CA GLN B 107 3.52 2.01 21.25
C GLN B 107 4.84 1.35 20.83
N ALA B 108 5.96 2.05 21.13
CA ALA B 108 7.32 1.58 20.80
C ALA B 108 7.51 0.21 21.36
N LYS B 109 7.09 0.01 22.60
CA LYS B 109 7.25 -1.32 23.18
C LYS B 109 6.05 -2.30 22.96
N GLN B 110 5.15 -1.96 22.04
CA GLN B 110 4.06 -2.85 21.61
C GLN B 110 3.32 -3.53 22.79
N LEU B 111 3.15 -2.76 23.85
CA LEU B 111 2.37 -3.18 24.97
C LEU B 111 1.02 -3.79 24.57
N LEU B 112 0.64 -4.88 25.24
CA LEU B 112 -0.64 -5.51 24.97
C LEU B 112 -1.80 -4.77 25.68
N LEU B 113 -2.16 -3.63 25.14
CA LEU B 113 -3.05 -2.74 25.86
C LEU B 113 -4.50 -2.99 25.47
N HIS B 114 -5.41 -2.67 26.37
CA HIS B 114 -6.81 -2.55 26.05
C HIS B 114 -7.07 -1.67 24.81
N HIS B 115 -8.19 -1.92 24.12
CA HIS B 115 -8.55 -1.22 22.87
C HIS B 115 -7.58 -1.45 21.72
N THR B 116 -6.76 -2.49 21.81
CA THR B 116 -5.97 -2.85 20.68
C THR B 116 -6.53 -4.17 20.16
N LEU B 117 -6.08 -4.56 18.96
CA LEU B 117 -6.47 -5.86 18.37
C LEU B 117 -5.65 -7.04 18.93
N GLY B 118 -4.69 -6.75 19.82
CA GLY B 118 -3.98 -7.79 20.53
C GLY B 118 -2.83 -8.34 19.73
N ASN B 119 -2.51 -7.65 18.64
CA ASN B 119 -1.40 -8.01 17.76
C ASN B 119 -0.29 -6.93 17.78
N GLY B 120 -0.34 -5.94 18.66
CA GLY B 120 0.75 -4.93 18.70
C GLY B 120 0.81 -3.96 17.53
N ASP B 121 -0.21 -3.94 16.68
CA ASP B 121 -0.32 -2.92 15.64
C ASP B 121 -1.11 -1.66 16.10
N PHE B 122 -0.38 -0.54 16.32
CA PHE B 122 -0.94 0.72 16.79
C PHE B 122 -1.31 1.68 15.65
N THR B 123 -1.13 1.21 14.40
CA THR B 123 -1.36 2.03 13.23
C THR B 123 -2.69 1.68 12.56
N VAL B 124 -3.28 0.56 12.95
CA VAL B 124 -4.45 0.02 12.21
C VAL B 124 -5.61 1.03 12.10
N PHE B 125 -6.03 1.66 13.21
CA PHE B 125 -7.24 2.47 13.19
C PHE B 125 -7.01 3.77 12.41
N HIS B 126 -5.76 4.24 12.49
CA HIS B 126 -5.31 5.42 11.81
C HIS B 126 -5.40 5.17 10.30
N ARG B 127 -4.94 3.98 9.86
CA ARG B 127 -4.97 3.51 8.51
C ARG B 127 -6.40 3.39 7.99
N MET B 128 -7.33 2.88 8.81
CA MET B 128 -8.73 2.79 8.41
C MET B 128 -9.29 4.22 8.17
N SER B 129 -9.00 5.16 9.08
CA SER B 129 -9.56 6.48 9.02
C SER B 129 -8.97 7.29 7.86
N SER B 130 -7.75 6.94 7.39
CA SER B 130 -7.18 7.71 6.29
C SER B 130 -8.03 7.64 5.01
N ASN B 131 -8.84 6.59 4.91
CA ASN B 131 -9.72 6.30 3.79
C ASN B 131 -10.86 7.29 3.69
N ILE B 132 -11.16 7.93 4.83
CA ILE B 132 -12.29 8.85 4.91
C ILE B 132 -11.90 10.24 5.45
N SER B 133 -10.64 10.62 5.24
CA SER B 133 -10.15 11.87 5.72
C SER B 133 -9.45 12.60 4.54
N GLU B 134 -9.52 13.91 4.52
CA GLU B 134 -8.72 14.69 3.59
C GLU B 134 -7.23 14.56 3.89
N THR B 135 -6.88 14.54 5.17
CA THR B 135 -5.48 14.37 5.51
C THR B 135 -5.42 13.80 6.91
N THR B 136 -4.24 13.39 7.36
CA THR B 136 -4.09 12.85 8.71
C THR B 136 -2.77 13.25 9.29
N ALA B 137 -2.67 13.16 10.63
CA ALA B 137 -1.38 13.37 11.33
C ALA B 137 -1.41 12.46 12.53
N MET B 138 -0.37 11.69 12.74
CA MET B 138 -0.24 10.95 14.00
C MET B 138 0.96 11.54 14.66
N ILE B 139 0.72 12.40 15.66
CA ILE B 139 1.79 13.24 16.21
C ILE B 139 2.79 12.45 17.07
N THR B 140 4.06 12.44 16.61
CA THR B 140 5.10 11.86 17.46
C THR B 140 6.18 12.89 17.90
N ASP B 141 6.27 13.96 17.14
CA ASP B 141 7.32 14.95 17.35
C ASP B 141 6.80 16.26 17.97
N ILE B 142 7.18 16.54 19.23
CA ILE B 142 6.72 17.72 19.87
C ILE B 142 7.13 19.00 19.12
N ASN B 143 8.31 18.96 18.41
CA ASN B 143 8.87 20.18 17.83
C ASN B 143 8.09 20.61 16.63
N THR B 144 7.43 19.70 15.95
CA THR B 144 6.65 20.08 14.80
C THR B 144 5.14 20.06 15.10
N ALA B 145 4.76 19.58 16.27
CA ALA B 145 3.34 19.40 16.63
C ALA B 145 2.44 20.65 16.50
N PRO B 146 2.86 21.84 17.00
CA PRO B 146 2.00 23.03 16.72
C PRO B 146 1.73 23.26 15.22
N ALA B 147 2.78 23.09 14.42
CA ALA B 147 2.65 23.21 12.98
C ALA B 147 1.72 22.15 12.38
N GLU B 148 1.76 20.93 12.92
CA GLU B 148 0.91 19.83 12.40
C GLU B 148 -0.55 20.05 12.73
N ILE B 149 -0.81 20.56 13.93
CA ILE B 149 -2.15 20.84 14.38
C ILE B 149 -2.70 21.95 13.53
N ASP B 150 -1.91 23.01 13.33
CA ASP B 150 -2.32 24.13 12.47
C ASP B 150 -2.62 23.60 11.08
N ARG B 151 -1.82 22.64 10.59
CA ARG B 151 -2.03 22.12 9.24
C ARG B 151 -3.38 21.38 9.15
N CYS B 152 -3.66 20.57 10.16
CA CYS B 152 -4.95 19.82 10.31
C CYS B 152 -6.17 20.74 10.42
N ILE B 153 -6.10 21.74 11.27
CA ILE B 153 -7.12 22.79 11.30
C ILE B 153 -7.35 23.51 9.95
N ARG B 154 -6.30 24.04 9.34
CA ARG B 154 -6.51 24.75 8.06
C ARG B 154 -7.21 23.83 7.03
N THR B 155 -6.76 22.58 6.96
CA THR B 155 -7.19 21.68 5.94
C THR B 155 -8.67 21.35 6.20
N THR B 156 -9.03 21.16 7.48
CA THR B 156 -10.41 20.87 7.88
C THR B 156 -11.30 22.01 7.45
N TYR B 157 -10.85 23.22 7.77
CA TYR B 157 -11.62 24.41 7.56
C TYR B 157 -11.77 24.74 6.05
N VAL B 158 -10.66 24.79 5.37
CA VAL B 158 -10.69 25.12 3.98
C VAL B 158 -11.25 24.11 3.00
N SER B 159 -10.86 22.88 3.17
CA SER B 159 -11.34 21.82 2.29
C SER B 159 -12.75 21.41 2.65
N GLN B 160 -13.15 21.61 3.89
CA GLN B 160 -14.46 21.11 4.34
C GLN B 160 -14.61 19.58 4.19
N ARG B 161 -13.62 18.84 4.72
CA ARG B 161 -13.62 17.40 4.78
C ARG B 161 -13.02 17.06 6.14
N PRO B 162 -13.38 15.92 6.67
CA PRO B 162 -12.81 15.48 7.89
C PRO B 162 -11.26 15.33 7.86
N VAL B 163 -10.64 15.60 9.00
CA VAL B 163 -9.14 15.42 9.19
C VAL B 163 -8.96 14.65 10.44
N TYR B 164 -7.95 13.80 10.48
CA TYR B 164 -7.75 12.89 11.59
C TYR B 164 -6.43 13.31 12.26
N LEU B 165 -6.51 13.56 13.58
CA LEU B 165 -5.35 14.01 14.31
C LEU B 165 -5.11 13.06 15.47
N GLY B 166 -4.03 12.30 15.46
CA GLY B 166 -3.81 11.37 16.59
C GLY B 166 -2.85 12.00 17.59
N LEU B 167 -3.18 11.97 18.89
CA LEU B 167 -2.31 12.61 19.87
C LEU B 167 -1.88 11.64 20.99
N PRO B 168 -0.62 11.18 21.02
CA PRO B 168 -0.23 10.37 22.19
C PRO B 168 -0.44 11.09 23.52
N ALA B 169 -0.98 10.34 24.48
CA ALA B 169 -1.26 10.80 25.81
C ALA B 169 -0.05 11.48 26.45
N ASN B 170 1.15 10.97 26.18
CA ASN B 170 2.37 11.54 26.76
C ASN B 170 2.77 12.87 26.07
N LEU B 171 2.46 13.05 24.82
CA LEU B 171 2.70 14.32 24.16
C LEU B 171 1.83 15.52 24.55
N VAL B 172 0.61 15.27 24.97
CA VAL B 172 -0.36 16.33 25.24
C VAL B 172 0.01 17.21 26.43
N ASP B 173 0.80 16.65 27.35
CA ASP B 173 1.28 17.40 28.49
C ASP B 173 2.56 18.19 28.35
N LEU B 174 3.27 17.99 27.26
CA LEU B 174 4.45 18.79 26.92
C LEU B 174 4.06 20.23 26.51
N THR B 175 4.93 21.16 26.89
CA THR B 175 4.78 22.58 26.66
C THR B 175 5.37 23.09 25.33
N VAL B 176 4.69 24.14 24.82
CA VAL B 176 5.01 24.76 23.55
C VAL B 176 4.98 26.23 23.85
N PRO B 177 5.72 27.04 23.05
CA PRO B 177 5.60 28.47 23.43
C PRO B 177 4.22 29.05 23.13
N ALA B 178 3.60 29.70 24.11
CA ALA B 178 2.32 30.39 23.98
C ALA B 178 2.24 31.47 22.88
N SER B 179 3.37 32.10 22.56
CA SER B 179 3.47 33.12 21.52
C SER B 179 3.17 32.59 20.09
N LEU B 180 3.25 31.30 19.91
CA LEU B 180 2.81 30.63 18.71
C LEU B 180 1.36 30.88 18.32
N LEU B 181 0.57 31.11 19.32
CA LEU B 181 -0.85 31.47 19.16
C LEU B 181 -1.13 32.89 18.64
N ASP B 182 -0.18 33.83 18.80
CA ASP B 182 -0.31 35.27 18.38
C ASP B 182 -0.49 35.48 16.86
N THR B 183 0.05 34.51 16.12
CA THR B 183 -0.04 34.47 14.67
C THR B 183 -1.16 33.50 14.30
N PRO B 184 -2.14 34.00 13.54
CA PRO B 184 -3.33 33.17 13.16
C PRO B 184 -2.97 32.12 12.15
N ILE B 185 -3.72 31.01 12.16
CA ILE B 185 -3.63 30.02 11.12
C ILE B 185 -4.08 30.75 9.83
N ASP B 186 -3.43 30.46 8.72
CA ASP B 186 -3.86 30.96 7.46
C ASP B 186 -5.08 30.13 7.06
N LEU B 187 -6.23 30.78 6.91
CA LEU B 187 -7.45 30.09 6.54
C LEU B 187 -7.96 30.51 5.17
N SER B 188 -7.12 31.18 4.39
CA SER B 188 -7.50 31.57 3.06
C SER B 188 -7.16 30.59 1.93
N LEU B 189 -7.92 30.74 0.85
CA LEU B 189 -7.63 30.15 -0.42
C LEU B 189 -6.63 31.03 -1.16
N LYS B 190 -5.86 30.44 -2.06
CA LYS B 190 -5.02 31.28 -2.93
C LYS B 190 -5.90 31.89 -4.03
N PRO B 191 -5.52 33.08 -4.56
CA PRO B 191 -6.35 33.69 -5.60
C PRO B 191 -6.28 32.81 -6.83
N ASN B 192 -7.25 32.98 -7.73
CA ASN B 192 -7.20 32.25 -9.01
C ASN B 192 -6.03 32.70 -9.89
N ASP B 193 -5.60 31.84 -10.83
CA ASP B 193 -4.87 32.30 -11.99
C ASP B 193 -5.61 33.45 -12.73
N PRO B 194 -5.01 34.64 -12.78
CA PRO B 194 -5.59 35.82 -13.44
C PRO B 194 -6.09 35.57 -14.85
N GLU B 195 -5.34 34.82 -15.65
CA GLU B 195 -5.66 34.58 -17.05
C GLU B 195 -6.77 33.56 -17.18
N ALA B 196 -6.67 32.49 -16.41
CA ALA B 196 -7.66 31.45 -16.45
C ALA B 196 -8.99 32.04 -15.99
N GLU B 197 -9.00 32.75 -14.86
CA GLU B 197 -10.21 33.31 -14.31
C GLU B 197 -10.82 34.36 -15.26
N GLU B 198 -10.00 35.28 -15.75
CA GLU B 198 -10.46 36.27 -16.72
C GLU B 198 -11.12 35.66 -17.96
N GLU B 199 -10.61 34.51 -18.43
CA GLU B 199 -11.21 33.77 -19.54
C GLU B 199 -12.58 33.12 -19.14
N VAL B 200 -12.65 32.49 -17.96
CA VAL B 200 -13.94 32.09 -17.42
C VAL B 200 -14.95 33.27 -17.43
N ILE B 201 -14.55 34.41 -16.89
CA ILE B 201 -15.48 35.59 -16.79
C ILE B 201 -16.03 36.07 -18.15
N GLU B 202 -15.13 36.39 -19.06
CA GLU B 202 -15.47 36.79 -20.41
C GLU B 202 -16.39 35.83 -21.08
N ASN B 203 -16.09 34.56 -20.91
CA ASN B 203 -16.88 33.48 -21.43
C ASN B 203 -18.31 33.47 -20.91
N VAL B 204 -18.45 33.43 -19.57
CA VAL B 204 -19.76 33.50 -18.90
C VAL B 204 -20.48 34.79 -19.26
N LEU B 205 -19.76 35.91 -19.23
CA LEU B 205 -20.35 37.19 -19.63
C LEU B 205 -21.02 37.20 -21.05
N GLN B 206 -20.32 36.66 -22.04
CA GLN B 206 -20.82 36.53 -23.40
C GLN B 206 -22.08 35.61 -23.48
N LEU B 207 -22.00 34.44 -22.83
CA LEU B 207 -23.16 33.55 -22.68
C LEU B 207 -24.43 34.21 -22.06
N ILE B 208 -24.24 34.95 -20.98
CA ILE B 208 -25.32 35.71 -20.37
C ILE B 208 -25.89 36.75 -21.33
N LYS B 209 -25.03 37.43 -22.07
CA LYS B 209 -25.41 38.54 -23.00
C LYS B 209 -26.28 38.02 -24.10
N GLU B 210 -26.12 36.75 -24.44
CA GLU B 210 -26.79 36.06 -25.53
C GLU B 210 -28.04 35.30 -25.13
N ALA B 211 -28.14 34.93 -23.88
CA ALA B 211 -29.21 34.05 -23.39
C ALA B 211 -30.56 34.79 -23.27
N LYS B 212 -31.61 34.21 -23.82
CA LYS B 212 -32.97 34.78 -23.72
C LYS B 212 -33.70 34.25 -22.46
N ASN B 213 -33.44 32.96 -22.13
CA ASN B 213 -34.07 32.25 -20.98
C ASN B 213 -32.97 31.62 -20.07
N PRO B 214 -32.12 32.45 -19.48
CA PRO B 214 -31.09 31.99 -18.56
C PRO B 214 -31.69 31.66 -17.18
N VAL B 215 -31.19 30.61 -16.57
CA VAL B 215 -31.66 30.19 -15.28
C VAL B 215 -30.42 29.98 -14.31
N ILE B 216 -30.58 30.22 -13.00
CA ILE B 216 -29.54 29.88 -11.99
C ILE B 216 -30.04 28.63 -11.19
N LEU B 217 -29.17 27.67 -10.91
CA LEU B 217 -29.43 26.51 -10.12
C LEU B 217 -28.40 26.29 -9.02
N ALA B 218 -28.81 26.40 -7.77
CA ALA B 218 -27.90 26.34 -6.62
C ALA B 218 -28.00 24.92 -6.06
N ASP B 219 -26.85 24.24 -5.90
CA ASP B 219 -26.84 22.86 -5.44
C ASP B 219 -25.97 22.79 -4.17
N ALA B 220 -25.68 21.60 -3.65
CA ALA B 220 -25.02 21.33 -2.38
C ALA B 220 -23.77 22.12 -2.11
N CYS B 221 -22.86 22.21 -3.09
CA CYS B 221 -21.54 22.84 -2.89
C CYS B 221 -21.58 24.36 -2.85
N CYS B 222 -22.69 24.93 -3.29
CA CYS B 222 -23.00 26.31 -3.03
C CYS B 222 -23.06 26.58 -1.52
N SER B 223 -23.73 25.69 -0.83
CA SER B 223 -23.83 25.65 0.61
C SER B 223 -22.54 25.16 1.26
N ARG B 224 -22.06 23.96 0.90
CA ARG B 224 -20.89 23.33 1.60
C ARG B 224 -19.63 24.18 1.44
N HIS B 225 -19.48 24.83 0.30
CA HIS B 225 -18.26 25.60 0.03
C HIS B 225 -18.47 27.08 -0.04
N ASP B 226 -19.48 27.57 0.67
CA ASP B 226 -19.50 28.99 1.00
C ASP B 226 -19.64 29.96 -0.18
N ALA B 227 -20.45 29.64 -1.19
CA ALA B 227 -20.78 30.63 -2.23
C ALA B 227 -22.19 31.20 -2.15
N LYS B 228 -22.79 31.15 -0.96
CA LYS B 228 -24.13 31.61 -0.78
C LYS B 228 -24.34 33.13 -0.94
N ALA B 229 -23.45 33.94 -0.35
CA ALA B 229 -23.50 35.39 -0.54
C ALA B 229 -23.30 35.80 -1.99
N GLU B 230 -22.48 35.08 -2.74
CA GLU B 230 -22.22 35.42 -4.15
C GLU B 230 -23.42 35.05 -5.02
N THR B 231 -24.00 33.88 -4.73
CA THR B 231 -25.11 33.38 -5.48
C THR B 231 -26.30 34.26 -5.24
N LYS B 232 -26.54 34.62 -3.98
CA LYS B 232 -27.48 35.69 -3.69
C LYS B 232 -27.26 36.99 -4.54
N LYS B 233 -26.02 37.52 -4.60
CA LYS B 233 -25.83 38.77 -5.37
C LYS B 233 -26.13 38.58 -6.86
N LEU B 234 -25.76 37.39 -7.36
CA LEU B 234 -25.90 37.05 -8.77
C LEU B 234 -27.38 37.05 -9.18
N ILE B 235 -28.24 36.56 -8.27
CA ILE B 235 -29.67 36.49 -8.50
C ILE B 235 -30.20 37.94 -8.49
N ASP B 236 -29.77 38.72 -7.51
CA ASP B 236 -30.19 40.09 -7.40
C ASP B 236 -29.79 40.91 -8.64
N LEU B 237 -28.50 40.84 -9.02
CA LEU B 237 -27.99 41.57 -10.16
C LEU B 237 -28.48 41.10 -11.54
N THR B 238 -28.72 39.81 -11.73
CA THR B 238 -29.24 39.36 -13.02
C THR B 238 -30.79 39.29 -13.13
N GLN B 239 -31.49 39.08 -12.01
CA GLN B 239 -32.95 38.81 -12.06
C GLN B 239 -33.33 37.55 -12.85
N PHE B 240 -32.36 36.65 -13.03
CA PHE B 240 -32.66 35.38 -13.61
C PHE B 240 -33.46 34.50 -12.61
N PRO B 241 -34.36 33.66 -13.15
CA PRO B 241 -35.06 32.71 -12.31
C PRO B 241 -34.03 31.87 -11.51
N ALA B 242 -34.29 31.65 -10.22
CA ALA B 242 -33.35 30.91 -9.38
C ALA B 242 -34.02 29.67 -8.85
N PHE B 243 -33.36 28.54 -9.03
CA PHE B 243 -33.87 27.25 -8.56
C PHE B 243 -32.85 26.60 -7.58
N VAL B 244 -33.30 25.62 -6.80
CA VAL B 244 -32.46 24.96 -5.79
C VAL B 244 -32.68 23.41 -5.87
N THR B 245 -31.64 22.64 -5.58
CA THR B 245 -31.79 21.19 -5.63
C THR B 245 -32.22 20.76 -4.24
N PRO B 246 -32.67 19.53 -4.05
CA PRO B 246 -32.90 19.13 -2.65
C PRO B 246 -31.66 19.22 -1.68
N MET B 247 -30.47 18.88 -2.12
CA MET B 247 -29.33 18.94 -1.23
C MET B 247 -28.84 20.39 -1.04
N GLY B 248 -29.37 21.34 -1.80
CA GLY B 248 -29.03 22.70 -1.55
C GLY B 248 -30.15 23.58 -1.01
N LYS B 249 -31.28 22.98 -0.73
CA LYS B 249 -32.38 23.70 -0.13
C LYS B 249 -31.91 24.55 1.03
N GLY B 250 -32.28 25.83 1.02
CA GLY B 250 -31.89 26.72 2.08
C GLY B 250 -30.70 27.60 1.71
N SER B 251 -29.97 27.26 0.64
CA SER B 251 -28.76 28.00 0.27
C SER B 251 -29.11 29.27 -0.52
N ILE B 252 -30.35 29.30 -1.06
CA ILE B 252 -30.92 30.51 -1.67
C ILE B 252 -32.28 30.78 -1.04
N ASP B 253 -32.67 32.04 -1.01
CA ASP B 253 -33.86 32.55 -0.32
C ASP B 253 -35.14 32.24 -1.12
N GLU B 254 -36.08 31.54 -0.44
CA GLU B 254 -37.24 31.00 -1.16
C GLU B 254 -38.38 31.98 -1.31
N LYS B 255 -38.32 33.09 -0.58
CA LYS B 255 -39.30 34.16 -0.78
C LYS B 255 -38.79 35.32 -1.67
N HIS B 256 -37.63 35.19 -2.32
CA HIS B 256 -37.20 36.17 -3.36
C HIS B 256 -38.21 36.13 -4.48
N PRO B 257 -38.58 37.30 -5.07
CA PRO B 257 -39.58 37.24 -6.18
C PRO B 257 -39.15 36.35 -7.35
N ARG B 258 -37.85 36.11 -7.53
CA ARG B 258 -37.33 35.31 -8.66
C ARG B 258 -37.11 33.82 -8.34
N PHE B 259 -37.32 33.41 -7.09
CA PHE B 259 -37.15 32.01 -6.74
C PHE B 259 -38.20 31.10 -7.42
N GLY B 260 -37.80 30.13 -8.23
CA GLY B 260 -38.81 29.32 -8.95
C GLY B 260 -39.15 27.94 -8.44
N GLY B 261 -38.43 27.45 -7.44
CA GLY B 261 -38.70 26.16 -6.94
C GLY B 261 -37.49 25.26 -6.75
N VAL B 262 -37.77 24.06 -6.27
CA VAL B 262 -36.85 22.96 -6.11
C VAL B 262 -36.85 22.14 -7.41
N TYR B 263 -35.70 22.05 -8.08
CA TYR B 263 -35.59 21.21 -9.28
C TYR B 263 -35.00 19.84 -8.92
N VAL B 264 -35.74 18.77 -9.26
CA VAL B 264 -35.28 17.40 -8.97
C VAL B 264 -35.42 16.55 -10.25
N GLY B 265 -34.95 17.12 -11.35
CA GLY B 265 -35.14 16.50 -12.68
C GLY B 265 -36.58 16.12 -12.97
N THR B 266 -36.82 14.84 -13.17
CA THR B 266 -38.07 14.34 -13.65
C THR B 266 -39.16 14.27 -12.54
N LEU B 267 -38.69 14.40 -11.28
CA LEU B 267 -39.58 14.50 -10.14
C LEU B 267 -39.93 15.94 -9.79
N SER B 268 -39.49 16.94 -10.56
CA SER B 268 -39.86 18.31 -10.22
C SER B 268 -41.35 18.47 -10.54
N SER B 269 -42.01 19.49 -9.97
CA SER B 269 -43.36 19.87 -10.41
C SER B 269 -43.30 20.18 -11.89
N PRO B 270 -44.43 19.95 -12.64
CA PRO B 270 -44.46 20.28 -14.06
C PRO B 270 -44.02 21.70 -14.41
N ALA B 271 -44.41 22.72 -13.64
CA ALA B 271 -43.94 24.08 -13.94
C ALA B 271 -42.43 24.29 -13.71
N VAL B 272 -41.85 23.71 -12.66
CA VAL B 272 -40.40 23.82 -12.37
C VAL B 272 -39.58 23.07 -13.42
N LYS B 273 -40.02 21.85 -13.71
CA LYS B 273 -39.34 21.01 -14.69
C LYS B 273 -39.19 21.79 -16.02
N GLU B 274 -40.31 22.34 -16.48
CA GLU B 274 -40.38 23.16 -17.69
C GLU B 274 -39.57 24.46 -17.61
N ALA B 275 -39.63 25.14 -16.48
CA ALA B 275 -38.96 26.47 -16.40
C ALA B 275 -37.45 26.29 -16.48
N VAL B 276 -37.00 25.16 -15.93
CA VAL B 276 -35.58 24.80 -15.92
C VAL B 276 -35.11 24.17 -17.22
N GLU B 277 -35.83 23.15 -17.65
CA GLU B 277 -35.38 22.40 -18.80
C GLU B 277 -35.47 23.18 -20.11
N SER B 278 -36.28 24.27 -20.15
CA SER B 278 -36.40 25.16 -21.34
C SER B 278 -35.35 26.24 -21.37
N ALA B 279 -34.55 26.36 -20.28
CA ALA B 279 -33.54 27.42 -20.21
C ALA B 279 -32.55 27.28 -21.40
N ASP B 280 -32.15 28.39 -22.02
CA ASP B 280 -31.05 28.32 -23.04
C ASP B 280 -29.65 28.60 -22.41
N LEU B 281 -29.58 28.70 -21.09
CA LEU B 281 -28.28 28.84 -20.37
C LEU B 281 -28.57 28.51 -18.91
N VAL B 282 -27.79 27.58 -18.35
CA VAL B 282 -27.94 27.19 -16.94
C VAL B 282 -26.68 27.71 -16.22
N LEU B 283 -26.85 28.55 -15.20
CA LEU B 283 -25.74 28.88 -14.31
C LEU B 283 -25.80 27.97 -13.12
N SER B 284 -25.09 26.87 -13.16
CA SER B 284 -25.09 25.88 -12.06
C SER B 284 -24.03 26.17 -10.98
N VAL B 285 -24.44 26.30 -9.72
CA VAL B 285 -23.52 26.55 -8.60
C VAL B 285 -23.38 25.35 -7.64
N GLY B 286 -22.34 24.54 -7.84
CA GLY B 286 -21.97 23.57 -6.82
C GLY B 286 -22.71 22.26 -7.00
N ALA B 287 -22.79 21.82 -8.26
CA ALA B 287 -23.49 20.56 -8.60
C ALA B 287 -22.93 19.39 -7.81
N LEU B 288 -23.86 18.55 -7.34
CA LEU B 288 -23.52 17.28 -6.74
C LEU B 288 -24.66 16.39 -7.12
N LEU B 289 -24.45 15.61 -8.17
CA LEU B 289 -25.54 14.95 -8.84
C LEU B 289 -25.82 13.55 -8.30
N SER B 290 -26.23 13.46 -7.03
CA SER B 290 -26.49 12.13 -6.48
C SER B 290 -27.89 11.61 -6.96
N ASP B 291 -28.09 10.31 -6.77
CA ASP B 291 -29.26 9.65 -7.21
C ASP B 291 -30.47 10.35 -6.71
N PHE B 292 -30.60 10.53 -5.39
CA PHE B 292 -31.79 11.15 -4.78
C PHE B 292 -31.84 12.66 -5.01
N ASN B 293 -30.70 13.30 -5.22
CA ASN B 293 -30.67 14.71 -5.43
C ASN B 293 -31.19 15.09 -6.84
N THR B 294 -31.23 14.11 -7.75
CA THR B 294 -31.55 14.33 -9.19
C THR B 294 -32.67 13.42 -9.71
N GLY B 295 -33.50 12.88 -8.82
CA GLY B 295 -34.56 11.95 -9.21
C GLY B 295 -33.96 10.78 -9.98
N SER B 296 -32.98 10.12 -9.36
CA SER B 296 -32.24 9.04 -10.01
C SER B 296 -31.69 9.47 -11.36
N PHE B 297 -30.93 10.56 -11.38
CA PHE B 297 -30.16 10.97 -12.57
C PHE B 297 -31.11 11.24 -13.74
N SER B 298 -32.10 12.11 -13.51
CA SER B 298 -33.15 12.34 -14.50
C SER B 298 -33.18 13.76 -15.08
N TYR B 299 -32.08 14.50 -14.97
CA TYR B 299 -31.94 15.80 -15.67
C TYR B 299 -32.12 15.56 -17.15
N SER B 300 -32.74 16.50 -17.83
CA SER B 300 -32.94 16.43 -19.28
C SER B 300 -32.80 17.83 -19.88
N TYR B 301 -31.60 18.40 -19.99
CA TYR B 301 -31.57 19.70 -20.71
C TYR B 301 -31.17 19.89 -22.26
N LYS B 302 -30.07 19.22 -22.70
CA LYS B 302 -29.66 18.93 -24.14
C LYS B 302 -29.08 20.13 -24.96
N THR B 303 -29.56 21.31 -24.51
CA THR B 303 -29.02 22.67 -24.61
C THR B 303 -27.50 22.90 -24.57
N LYS B 304 -26.88 22.56 -23.47
CA LYS B 304 -25.62 23.22 -23.11
C LYS B 304 -25.71 24.70 -23.24
N ASN B 305 -24.58 25.32 -23.12
CA ASN B 305 -24.55 26.48 -22.31
C ASN B 305 -25.00 25.95 -20.95
N ILE B 306 -24.18 25.04 -20.44
CA ILE B 306 -24.17 24.75 -19.03
C ILE B 306 -22.89 25.41 -18.51
N VAL B 307 -23.04 26.33 -17.57
CA VAL B 307 -21.87 26.75 -16.77
C VAL B 307 -22.00 26.07 -15.41
N GLU B 308 -21.01 25.23 -15.11
CA GLU B 308 -20.73 24.68 -13.78
C GLU B 308 -19.63 25.37 -12.98
N PHE B 309 -20.06 26.15 -11.97
CA PHE B 309 -19.21 26.63 -10.88
C PHE B 309 -18.98 25.58 -9.79
N HIS B 310 -17.71 25.37 -9.49
CA HIS B 310 -17.28 24.41 -8.48
C HIS B 310 -16.21 25.09 -7.69
N SER B 311 -16.10 24.54 -6.48
CA SER B 311 -15.17 24.96 -5.49
C SER B 311 -13.80 25.22 -6.09
N ASP B 312 -13.30 24.26 -6.87
CA ASP B 312 -11.91 24.26 -7.35
C ASP B 312 -11.69 24.27 -8.89
N TYR B 313 -12.75 24.47 -9.67
CA TYR B 313 -12.66 24.50 -11.12
C TYR B 313 -13.97 25.01 -11.63
N THR B 314 -14.03 25.22 -12.93
CA THR B 314 -15.24 25.71 -13.55
C THR B 314 -15.40 24.94 -14.84
N LYS B 315 -16.62 24.62 -15.24
CA LYS B 315 -16.83 24.04 -16.55
C LYS B 315 -17.72 24.97 -17.40
N ILE B 316 -17.44 25.10 -18.70
CA ILE B 316 -18.28 25.92 -19.57
C ILE B 316 -18.46 25.07 -20.78
N ARG B 317 -19.70 24.70 -21.08
CA ARG B 317 -19.94 23.71 -22.16
C ARG B 317 -19.00 22.51 -22.00
N SER B 318 -18.30 22.08 -23.05
CA SER B 318 -17.38 20.91 -22.92
C SER B 318 -15.98 21.18 -22.29
N ALA B 319 -15.68 22.44 -21.94
CA ALA B 319 -14.33 22.89 -21.52
C ALA B 319 -14.24 22.85 -19.98
N THR B 320 -13.09 22.47 -19.41
CA THR B 320 -12.88 22.53 -17.98
C THR B 320 -11.79 23.53 -17.76
N PHE B 321 -11.91 24.31 -16.71
CA PHE B 321 -10.87 25.27 -16.39
C PHE B 321 -10.37 24.92 -15.00
N PRO B 322 -9.40 23.99 -14.94
CA PRO B 322 -8.79 23.47 -13.70
C PRO B 322 -8.30 24.60 -12.79
N GLY B 323 -8.51 24.48 -11.49
CA GLY B 323 -8.08 25.55 -10.56
C GLY B 323 -8.89 26.83 -10.51
N VAL B 324 -9.79 27.07 -11.44
CA VAL B 324 -10.69 28.19 -11.30
C VAL B 324 -11.79 28.12 -10.28
N GLN B 325 -11.50 28.60 -9.10
CA GLN B 325 -12.37 28.45 -7.93
C GLN B 325 -13.56 29.40 -7.95
N MET B 326 -14.73 28.87 -7.59
CA MET B 326 -15.97 29.59 -7.80
C MET B 326 -16.12 30.84 -6.94
N LYS B 327 -15.58 30.84 -5.72
CA LYS B 327 -15.89 31.96 -4.85
C LYS B 327 -15.25 33.23 -5.37
N PHE B 328 -14.00 33.16 -5.80
CA PHE B 328 -13.35 34.34 -6.37
C PHE B 328 -13.86 34.62 -7.74
N ALA B 329 -14.24 33.59 -8.49
CA ALA B 329 -14.65 33.78 -9.88
C ALA B 329 -16.02 34.49 -9.93
N LEU B 330 -16.96 34.04 -9.08
CA LEU B 330 -18.22 34.72 -8.80
C LEU B 330 -18.07 36.17 -8.30
N GLN B 331 -17.26 36.40 -7.27
CA GLN B 331 -16.90 37.78 -6.88
C GLN B 331 -16.52 38.74 -8.06
N LYS B 332 -15.59 38.30 -8.88
CA LYS B 332 -15.15 39.02 -10.07
C LYS B 332 -16.25 39.17 -11.12
N LEU B 333 -17.07 38.11 -11.29
CA LEU B 333 -18.20 38.10 -12.21
C LEU B 333 -19.24 39.16 -11.87
N LEU B 334 -19.49 39.30 -10.59
CA LEU B 334 -20.47 40.16 -10.07
C LEU B 334 -20.23 41.64 -10.24
N THR B 335 -19.00 42.06 -10.36
CA THR B 335 -18.60 43.42 -10.73
C THR B 335 -19.00 43.80 -12.19
N LYS B 336 -19.27 42.80 -13.04
CA LYS B 336 -19.63 43.13 -14.46
C LYS B 336 -20.95 42.53 -14.87
N VAL B 337 -21.51 41.70 -14.01
CA VAL B 337 -22.67 40.94 -14.42
C VAL B 337 -23.91 41.81 -14.71
N ALA B 338 -24.10 42.90 -13.97
CA ALA B 338 -25.31 43.71 -14.22
C ALA B 338 -25.33 44.28 -15.65
N ASP B 339 -24.18 44.81 -16.10
CA ASP B 339 -24.11 45.29 -17.50
C ASP B 339 -24.36 44.16 -18.49
N ALA B 340 -23.70 43.00 -18.30
CA ALA B 340 -23.92 41.84 -19.18
C ALA B 340 -25.41 41.48 -19.35
N ALA B 341 -26.20 41.68 -18.28
CA ALA B 341 -27.62 41.21 -18.22
C ALA B 341 -28.66 42.31 -18.50
N LYS B 342 -28.23 43.55 -18.75
CA LYS B 342 -29.19 44.67 -18.79
C LYS B 342 -30.26 44.54 -19.90
N GLY B 343 -29.97 43.76 -20.94
CA GLY B 343 -30.92 43.48 -21.97
C GLY B 343 -31.96 42.42 -21.68
N TYR B 344 -31.89 41.77 -20.48
CA TYR B 344 -32.80 40.67 -20.07
C TYR B 344 -34.24 41.12 -19.68
N LYS B 345 -35.21 40.64 -20.44
CA LYS B 345 -36.62 40.75 -20.08
C LYS B 345 -36.98 39.58 -19.17
N PRO B 346 -37.30 39.85 -17.86
CA PRO B 346 -37.63 38.81 -16.88
C PRO B 346 -38.72 37.81 -17.33
N VAL B 347 -38.38 36.57 -17.55
CA VAL B 347 -39.41 35.59 -17.67
C VAL B 347 -40.06 35.28 -16.35
N PRO B 348 -41.34 35.06 -16.36
CA PRO B 348 -42.11 34.71 -15.16
C PRO B 348 -41.60 33.42 -14.51
N VAL B 349 -41.58 33.35 -13.16
CA VAL B 349 -41.14 32.10 -12.47
C VAL B 349 -42.34 31.23 -12.02
N PRO B 350 -42.21 29.87 -11.92
CA PRO B 350 -43.36 29.15 -11.36
C PRO B 350 -43.76 29.76 -10.02
N SER B 351 -45.10 29.92 -9.88
CA SER B 351 -45.69 30.55 -8.68
C SER B 351 -45.62 29.53 -7.56
N GLU B 352 -45.48 30.04 -6.33
CA GLU B 352 -45.26 29.17 -5.17
C GLU B 352 -46.39 28.10 -4.98
N PRO B 353 -46.11 27.02 -4.20
CA PRO B 353 -47.19 26.01 -3.98
C PRO B 353 -48.56 26.60 -3.47
N GLU B 354 -48.57 27.24 -2.29
CA GLU B 354 -49.86 27.53 -1.65
C GLU B 354 -49.99 28.05 -0.17
N HIS B 355 -51.12 27.57 0.38
CA HIS B 355 -51.44 27.39 1.76
C HIS B 355 -52.32 26.15 1.52
N ASN B 356 -52.48 25.30 2.52
CA ASN B 356 -53.55 24.32 2.49
C ASN B 356 -54.88 25.07 2.51
N GLU B 357 -55.89 24.51 1.87
CA GLU B 357 -57.24 25.02 2.11
C GLU B 357 -57.62 24.60 3.52
N ALA B 358 -58.46 25.41 4.19
CA ALA B 358 -59.07 25.07 5.50
C ALA B 358 -59.85 23.79 5.38
N VAL B 359 -59.72 22.94 6.39
CA VAL B 359 -60.44 21.68 6.55
C VAL B 359 -61.01 21.53 7.98
N ALA B 360 -61.94 20.59 8.20
CA ALA B 360 -62.44 20.30 9.57
C ALA B 360 -61.23 20.00 10.47
N ASP B 361 -61.32 20.48 11.69
CA ASP B 361 -60.29 20.29 12.67
C ASP B 361 -60.07 18.84 13.01
N SER B 362 -61.04 17.98 12.67
CA SER B 362 -60.98 16.55 13.01
C SER B 362 -60.21 15.77 11.95
N THR B 363 -59.82 16.44 10.87
CA THR B 363 -59.22 15.77 9.75
C THR B 363 -57.88 15.13 10.15
N PRO B 364 -57.70 13.80 9.90
CA PRO B 364 -56.41 13.21 10.30
C PRO B 364 -55.22 13.79 9.48
N LEU B 365 -54.04 13.73 10.07
CA LEU B 365 -52.86 14.34 9.50
C LEU B 365 -52.42 13.49 8.33
N LYS B 366 -52.08 14.13 7.20
CA LYS B 366 -51.46 13.44 6.05
C LYS B 366 -50.13 14.17 5.74
N GLN B 367 -49.16 13.43 5.19
CA GLN B 367 -47.81 13.88 4.83
C GLN B 367 -47.88 15.12 3.97
N GLU B 368 -48.66 15.03 2.91
CA GLU B 368 -48.79 16.15 2.00
C GLU B 368 -49.24 17.44 2.69
N TRP B 369 -50.20 17.31 3.61
CA TRP B 369 -50.79 18.46 4.26
C TRP B 369 -49.73 19.05 5.22
N VAL B 370 -49.01 18.17 5.92
CA VAL B 370 -47.99 18.55 6.90
C VAL B 370 -46.88 19.40 6.26
N TRP B 371 -46.33 18.95 5.12
CA TRP B 371 -45.18 19.63 4.50
C TRP B 371 -45.53 21.02 4.01
N THR B 372 -46.75 21.20 3.49
CA THR B 372 -47.23 22.51 3.20
C THR B 372 -47.46 23.35 4.44
N GLN B 373 -48.04 22.74 5.46
CA GLN B 373 -48.35 23.54 6.63
C GLN B 373 -47.09 24.03 7.38
N VAL B 374 -46.04 23.21 7.38
CA VAL B 374 -44.82 23.49 8.18
C VAL B 374 -44.34 24.89 7.78
N GLY B 375 -44.64 25.29 6.53
CA GLY B 375 -44.29 26.60 6.01
C GLY B 375 -44.91 27.74 6.78
N GLU B 376 -46.08 27.52 7.43
CA GLU B 376 -46.71 28.55 8.26
C GLU B 376 -46.03 28.67 9.64
N PHE B 377 -45.35 27.62 10.07
CA PHE B 377 -44.70 27.62 11.37
C PHE B 377 -43.32 28.28 11.33
N LEU B 378 -42.57 28.07 10.23
CA LEU B 378 -41.21 28.56 10.08
C LEU B 378 -41.10 30.08 10.09
N ARG B 379 -39.96 30.57 10.54
CA ARG B 379 -39.65 32.01 10.52
C ARG B 379 -38.19 32.13 10.06
N GLU B 380 -37.87 33.32 9.59
CA GLU B 380 -36.51 33.64 9.21
C GLU B 380 -35.51 33.29 10.30
N GLY B 381 -34.44 32.64 9.91
CA GLY B 381 -33.41 32.33 10.88
C GLY B 381 -33.56 30.96 11.52
N ASP B 382 -34.66 30.24 11.26
CA ASP B 382 -34.78 28.82 11.75
C ASP B 382 -33.73 27.89 11.11
N VAL B 383 -33.33 26.88 11.85
CA VAL B 383 -32.55 25.78 11.31
C VAL B 383 -33.51 24.55 11.20
N VAL B 384 -33.66 23.99 9.99
CA VAL B 384 -34.69 22.97 9.73
C VAL B 384 -33.95 21.67 9.36
N ILE B 385 -34.06 20.65 10.21
CA ILE B 385 -33.27 19.45 10.06
C ILE B 385 -34.20 18.29 9.69
N THR B 386 -33.89 17.59 8.58
CA THR B 386 -34.80 16.52 8.11
C THR B 386 -34.11 15.22 7.90
N GLU B 387 -34.66 14.15 8.51
CA GLU B 387 -34.04 12.83 8.47
C GLU B 387 -34.28 12.18 7.12
N THR B 388 -33.32 11.37 6.64
CA THR B 388 -33.57 10.41 5.60
C THR B 388 -34.84 9.57 5.92
N GLY B 389 -35.71 9.49 4.91
CA GLY B 389 -37.03 8.92 5.06
C GLY B 389 -38.04 9.88 4.49
N THR B 390 -39.33 9.68 4.79
CA THR B 390 -40.40 10.55 4.25
C THR B 390 -40.05 12.00 4.60
N SER B 391 -39.46 12.26 5.77
CA SER B 391 -39.15 13.64 6.21
C SER B 391 -38.33 14.38 5.22
N ALA B 392 -37.18 13.83 4.85
CA ALA B 392 -36.25 14.42 3.84
C ALA B 392 -36.94 14.69 2.46
N PHE B 393 -37.83 13.78 2.08
CA PHE B 393 -38.56 13.96 0.84
C PHE B 393 -39.63 15.00 0.92
N GLY B 394 -40.34 15.06 2.04
CA GLY B 394 -41.43 16.01 2.19
C GLY B 394 -40.96 17.44 2.27
N ILE B 395 -39.81 17.69 2.93
CA ILE B 395 -39.32 19.06 3.13
C ILE B 395 -39.15 19.85 1.80
N ASN B 396 -38.80 19.15 0.74
CA ASN B 396 -38.74 19.73 -0.62
C ASN B 396 -39.94 20.57 -0.99
N GLN B 397 -41.12 20.20 -0.48
CA GLN B 397 -42.34 20.83 -0.90
C GLN B 397 -42.65 21.96 0.13
N THR B 398 -41.92 22.01 1.24
CA THR B 398 -42.12 23.08 2.20
C THR B 398 -41.44 24.40 1.72
N HIS B 399 -42.17 25.50 1.88
CA HIS B 399 -41.74 26.84 1.42
C HIS B 399 -40.95 27.50 2.58
N PHE B 400 -39.64 27.68 2.42
CA PHE B 400 -38.83 28.25 3.51
C PHE B 400 -38.98 29.78 3.55
N PRO B 401 -39.06 30.40 4.74
CA PRO B 401 -38.83 31.86 4.85
C PRO B 401 -37.43 32.16 4.34
N ASN B 402 -37.14 33.42 4.02
CA ASN B 402 -35.76 33.79 3.68
C ASN B 402 -34.84 33.47 4.86
N ASN B 403 -33.56 33.29 4.62
CA ASN B 403 -32.62 33.02 5.71
C ASN B 403 -32.98 31.79 6.56
N THR B 404 -33.43 30.69 5.92
CA THR B 404 -33.66 29.42 6.63
C THR B 404 -32.48 28.48 6.30
N TYR B 405 -31.86 27.90 7.34
CA TYR B 405 -30.70 27.05 7.11
C TYR B 405 -31.20 25.59 7.11
N GLY B 406 -31.06 24.89 5.99
CA GLY B 406 -31.53 23.55 5.95
C GLY B 406 -30.42 22.58 6.21
N ILE B 407 -30.79 21.44 6.78
CA ILE B 407 -29.82 20.33 6.93
C ILE B 407 -30.56 19.04 6.54
N SER B 408 -30.04 18.39 5.47
CA SER B 408 -30.58 17.13 4.90
C SER B 408 -29.48 16.38 4.23
N GLN B 409 -29.21 15.17 4.73
CA GLN B 409 -28.03 14.35 4.32
C GLN B 409 -28.41 13.49 3.11
N VAL B 410 -28.64 14.15 1.99
CA VAL B 410 -29.21 13.53 0.81
C VAL B 410 -28.26 12.54 0.21
N LEU B 411 -26.97 12.78 0.32
CA LEU B 411 -26.01 11.83 -0.29
C LEU B 411 -25.72 10.67 0.69
N TRP B 412 -25.26 10.96 1.93
CA TRP B 412 -24.80 9.89 2.77
C TRP B 412 -26.00 9.01 3.20
N GLY B 413 -27.06 9.63 3.72
CA GLY B 413 -28.34 9.04 3.93
C GLY B 413 -28.29 8.12 5.09
N SER B 414 -27.57 8.48 6.13
CA SER B 414 -27.47 7.67 7.34
C SER B 414 -28.59 7.96 8.32
N ILE B 415 -29.60 7.10 8.38
CA ILE B 415 -30.69 7.31 9.33
C ILE B 415 -30.16 7.39 10.78
N GLY B 416 -30.66 8.37 11.54
CA GLY B 416 -30.23 8.50 12.90
C GLY B 416 -29.28 9.67 12.98
N PHE B 417 -28.56 9.96 11.92
CA PHE B 417 -27.76 11.19 11.83
C PHE B 417 -28.38 12.38 12.54
N THR B 418 -29.69 12.58 12.33
CA THR B 418 -30.26 13.91 12.64
C THR B 418 -30.50 14.11 14.13
N THR B 419 -30.77 13.06 14.91
CA THR B 419 -30.73 13.30 16.35
C THR B 419 -29.39 13.97 16.76
N GLY B 420 -28.24 13.41 16.36
CA GLY B 420 -26.96 14.06 16.77
C GLY B 420 -26.74 15.40 16.05
N ALA B 421 -27.10 15.52 14.76
CA ALA B 421 -26.91 16.78 14.03
C ALA B 421 -27.69 17.87 14.67
N THR B 422 -28.81 17.49 15.28
CA THR B 422 -29.68 18.44 16.00
C THR B 422 -29.01 18.89 17.28
N LEU B 423 -28.37 17.98 18.03
CA LEU B 423 -27.71 18.41 19.22
C LEU B 423 -26.61 19.45 18.86
N GLY B 424 -25.88 19.23 17.76
CA GLY B 424 -24.68 19.99 17.48
C GLY B 424 -25.09 21.30 16.91
N ALA B 425 -26.16 21.28 16.12
CA ALA B 425 -26.77 22.52 15.58
C ALA B 425 -27.37 23.36 16.70
N ALA B 426 -27.94 22.71 17.74
CA ALA B 426 -28.53 23.50 18.81
C ALA B 426 -27.38 24.20 19.53
N PHE B 427 -26.26 23.50 19.73
CA PHE B 427 -25.09 24.16 20.34
C PHE B 427 -24.60 25.36 19.53
N ALA B 428 -24.47 25.18 18.23
CA ALA B 428 -23.98 26.19 17.31
C ALA B 428 -24.92 27.37 17.30
N ALA B 429 -26.23 27.11 17.18
CA ALA B 429 -27.24 28.16 17.12
C ALA B 429 -27.18 29.01 18.38
N GLU B 430 -27.01 28.36 19.51
CA GLU B 430 -27.02 29.04 20.76
C GLU B 430 -25.90 30.07 20.81
N GLU B 431 -24.77 29.73 20.24
CA GLU B 431 -23.57 30.58 20.22
C GLU B 431 -23.65 31.67 19.15
N ILE B 432 -24.48 31.43 18.14
CA ILE B 432 -24.71 32.35 17.04
C ILE B 432 -25.82 33.36 17.42
N ASP B 433 -26.96 32.85 17.88
CA ASP B 433 -28.10 33.65 18.19
C ASP B 433 -29.04 32.76 19.01
N PRO B 434 -29.18 33.09 20.31
CA PRO B 434 -30.02 32.32 21.28
C PRO B 434 -31.54 32.27 20.86
N LYS B 435 -31.97 33.14 19.94
CA LYS B 435 -33.36 33.13 19.50
C LYS B 435 -33.56 32.38 18.21
N LYS B 436 -32.48 31.89 17.57
CA LYS B 436 -32.73 30.99 16.46
C LYS B 436 -33.19 29.60 16.88
N ARG B 437 -34.23 29.17 16.18
CA ARG B 437 -34.89 27.92 16.49
C ARG B 437 -34.22 26.82 15.71
N VAL B 438 -34.09 25.67 16.35
CA VAL B 438 -33.62 24.44 15.73
C VAL B 438 -34.77 23.39 15.72
N ILE B 439 -35.21 23.06 14.51
CA ILE B 439 -36.44 22.28 14.29
C ILE B 439 -36.09 21.02 13.53
N LEU B 440 -36.41 19.90 14.15
CA LEU B 440 -36.09 18.60 13.65
C LEU B 440 -37.36 17.87 13.26
N PHE B 441 -37.32 17.29 12.07
CA PHE B 441 -38.29 16.28 11.67
C PHE B 441 -37.60 14.96 11.55
N ILE B 442 -37.95 13.98 12.39
CA ILE B 442 -37.22 12.68 12.32
C ILE B 442 -38.24 11.58 12.32
N GLY B 443 -38.01 10.48 11.60
CA GLY B 443 -38.95 9.35 11.66
C GLY B 443 -38.81 8.57 12.97
N ASP B 444 -39.84 7.79 13.27
CA ASP B 444 -39.83 6.95 14.43
C ASP B 444 -38.74 5.87 14.35
N GLY B 445 -38.51 5.30 13.18
CA GLY B 445 -37.45 4.31 13.00
C GLY B 445 -36.05 4.89 13.17
N SER B 446 -35.76 6.02 12.51
CA SER B 446 -34.45 6.69 12.62
C SER B 446 -34.12 7.11 14.02
N LEU B 447 -35.12 7.61 14.76
CA LEU B 447 -34.89 7.99 16.15
C LEU B 447 -34.26 6.88 16.99
N GLN B 448 -34.69 5.63 16.79
CA GLN B 448 -34.22 4.55 17.63
C GLN B 448 -32.70 4.38 17.61
N LEU B 449 -32.09 4.65 16.45
CA LEU B 449 -30.66 4.41 16.30
C LEU B 449 -29.86 5.36 17.16
N THR B 450 -30.40 6.57 17.40
CA THR B 450 -29.58 7.62 18.01
C THR B 450 -30.28 8.37 19.19
N VAL B 451 -31.40 7.79 19.65
CA VAL B 451 -32.25 8.40 20.68
C VAL B 451 -31.57 8.98 21.91
N GLN B 452 -30.50 8.35 22.37
CA GLN B 452 -29.87 8.79 23.61
C GLN B 452 -29.29 10.20 23.49
N GLU B 453 -29.07 10.74 22.28
CA GLU B 453 -28.45 12.09 22.17
C GLU B 453 -29.44 13.16 22.63
N ILE B 454 -30.71 12.80 22.75
CA ILE B 454 -31.69 13.68 23.43
C ILE B 454 -31.21 14.05 24.88
N SER B 455 -30.60 13.08 25.55
CA SER B 455 -30.16 13.26 26.88
C SER B 455 -29.17 14.43 26.98
N THR B 456 -28.29 14.52 25.99
CA THR B 456 -27.25 15.54 26.02
C THR B 456 -27.85 16.93 25.77
N MET B 457 -28.91 17.01 24.96
CA MET B 457 -29.63 18.26 24.72
C MET B 457 -30.25 18.72 26.04
N ILE B 458 -30.90 17.78 26.71
CA ILE B 458 -31.44 18.04 28.06
C ILE B 458 -30.37 18.56 29.04
N ARG B 459 -29.18 17.92 29.10
CA ARG B 459 -28.25 18.30 30.18
C ARG B 459 -27.69 19.72 29.98
N TRP B 460 -27.71 20.19 28.73
CA TRP B 460 -27.25 21.54 28.41
C TRP B 460 -28.37 22.58 28.33
N GLY B 461 -29.59 22.17 28.67
CA GLY B 461 -30.77 23.01 28.52
C GLY B 461 -30.90 23.56 27.11
N LEU B 462 -30.59 22.77 26.07
CA LEU B 462 -30.86 23.16 24.69
C LEU B 462 -32.37 22.94 24.42
N LYS B 463 -32.92 23.67 23.45
CA LYS B 463 -34.36 23.87 23.31
C LYS B 463 -34.89 23.62 21.89
N PRO B 464 -34.40 22.55 21.21
CA PRO B 464 -34.93 22.20 19.87
C PRO B 464 -36.35 21.64 19.95
N TYR B 465 -37.01 21.65 18.78
CA TYR B 465 -38.35 21.09 18.55
C TYR B 465 -38.08 19.77 17.86
N LEU B 466 -38.49 18.68 18.50
CA LEU B 466 -38.24 17.36 17.97
C LEU B 466 -39.62 16.81 17.49
N PHE B 467 -39.93 16.99 16.21
CA PHE B 467 -41.07 16.36 15.57
C PHE B 467 -40.73 14.94 15.20
N VAL B 468 -41.46 14.03 15.85
CA VAL B 468 -41.25 12.62 15.61
C VAL B 468 -42.35 12.04 14.72
N LEU B 469 -42.03 11.58 13.50
CA LEU B 469 -43.07 11.13 12.60
C LEU B 469 -43.36 9.66 12.87
N ASN B 470 -44.42 9.43 13.66
CA ASN B 470 -44.87 8.10 14.07
C ASN B 470 -45.80 7.46 12.99
N ASN B 471 -45.19 6.68 12.06
CA ASN B 471 -45.98 5.98 11.04
C ASN B 471 -45.81 4.46 11.17
N ASP B 472 -45.39 4.01 12.35
CA ASP B 472 -45.37 2.57 12.73
C ASP B 472 -44.26 1.78 12.01
N GLY B 473 -43.09 2.39 11.80
CA GLY B 473 -42.00 1.66 11.12
C GLY B 473 -41.34 2.42 9.98
N TYR B 474 -40.66 1.69 9.09
CA TYR B 474 -39.84 2.25 8.03
C TYR B 474 -40.64 2.45 6.76
N THR B 475 -41.47 3.49 6.71
CA THR B 475 -42.33 3.73 5.55
C THR B 475 -41.55 3.85 4.25
N ILE B 476 -40.41 4.59 4.27
CA ILE B 476 -39.60 4.77 3.05
C ILE B 476 -39.23 3.40 2.48
N GLU B 477 -38.80 2.50 3.34
CA GLU B 477 -38.37 1.12 2.96
C GLU B 477 -39.58 0.27 2.53
N ARG B 478 -40.72 0.42 3.21
CA ARG B 478 -41.97 -0.29 2.81
C ARG B 478 -42.36 0.02 1.38
N LEU B 479 -42.17 1.29 1.00
CA LEU B 479 -42.38 1.78 -0.38
C LEU B 479 -41.39 1.18 -1.42
N ILE B 480 -40.20 0.75 -0.97
CA ILE B 480 -39.15 0.19 -1.88
C ILE B 480 -39.31 -1.34 -2.03
N HIS B 481 -39.37 -2.08 -0.94
CA HIS B 481 -39.55 -3.54 -0.97
C HIS B 481 -40.10 -4.07 0.39
N GLY B 482 -41.09 -4.94 0.39
CA GLY B 482 -41.50 -5.55 1.64
C GLY B 482 -42.40 -4.64 2.46
N GLU B 483 -43.50 -4.24 1.85
CA GLU B 483 -44.43 -3.33 2.45
C GLU B 483 -44.93 -3.85 3.77
N THR B 484 -45.06 -5.19 3.90
CA THR B 484 -45.49 -5.76 5.17
C THR B 484 -44.39 -6.66 5.83
N ALA B 485 -43.14 -6.51 5.40
CA ALA B 485 -42.10 -7.38 5.90
C ALA B 485 -41.79 -7.02 7.34
N GLN B 486 -41.67 -8.03 8.21
CA GLN B 486 -41.25 -7.85 9.60
C GLN B 486 -39.98 -6.96 9.76
N TYR B 487 -39.06 -6.98 8.79
CA TYR B 487 -37.82 -6.22 8.90
C TYR B 487 -38.04 -4.71 8.74
N ASN B 488 -39.24 -4.36 8.28
CA ASN B 488 -39.67 -2.97 8.14
C ASN B 488 -40.50 -2.46 9.32
N CYS B 489 -40.83 -3.36 10.24
CA CYS B 489 -41.46 -2.97 11.52
C CYS B 489 -40.45 -2.70 12.62
N ILE B 490 -40.90 -1.93 13.61
CA ILE B 490 -40.12 -1.55 14.76
C ILE B 490 -40.96 -1.83 16.00
N GLN B 491 -40.25 -2.08 17.10
CA GLN B 491 -40.80 -2.02 18.44
C GLN B 491 -41.36 -0.59 18.66
N ASN B 492 -42.63 -0.45 19.04
CA ASN B 492 -43.13 0.86 19.32
C ASN B 492 -42.73 1.41 20.70
N TRP B 493 -42.33 2.69 20.70
CA TRP B 493 -41.88 3.37 21.90
C TRP B 493 -42.92 4.38 22.38
N GLN B 494 -42.97 4.61 23.69
CA GLN B 494 -43.71 5.70 24.28
C GLN B 494 -42.91 7.01 24.06
N HIS B 495 -42.98 7.55 22.87
CA HIS B 495 -42.27 8.79 22.51
C HIS B 495 -42.45 9.94 23.48
N LEU B 496 -43.61 10.02 24.09
CA LEU B 496 -43.88 11.14 25.00
C LEU B 496 -43.10 11.02 26.33
N GLU B 497 -42.61 9.82 26.59
CA GLU B 497 -41.88 9.50 27.79
C GLU B 497 -40.37 9.63 27.63
N LEU B 498 -39.93 9.85 26.38
CA LEU B 498 -38.44 9.90 26.16
C LEU B 498 -37.79 10.98 26.96
N LEU B 499 -38.38 12.17 26.95
CA LEU B 499 -37.84 13.32 27.66
C LEU B 499 -37.68 13.15 29.19
N PRO B 500 -38.75 12.92 29.93
CA PRO B 500 -38.59 12.72 31.37
C PRO B 500 -37.72 11.49 31.76
N THR B 501 -37.82 10.39 31.03
CA THR B 501 -36.90 9.26 31.19
C THR B 501 -35.44 9.68 31.07
N PHE B 502 -35.08 10.60 30.17
CA PHE B 502 -33.67 11.05 30.11
C PHE B 502 -33.33 12.16 31.11
N GLY B 503 -34.29 12.41 31.99
CA GLY B 503 -34.09 13.37 33.09
C GLY B 503 -34.60 14.79 32.81
N ALA B 504 -35.39 15.06 31.76
CA ALA B 504 -35.86 16.45 31.56
C ALA B 504 -36.82 16.89 32.67
N LYS B 505 -36.68 18.14 33.10
CA LYS B 505 -37.64 18.75 34.03
C LYS B 505 -38.49 19.88 33.46
N ASP B 506 -37.94 20.68 32.55
CA ASP B 506 -38.65 21.78 31.88
C ASP B 506 -38.72 21.39 30.39
N TYR B 507 -39.87 20.89 29.98
CA TYR B 507 -40.06 20.35 28.62
C TYR B 507 -41.58 20.32 28.31
N GLU B 508 -41.90 20.11 27.04
CA GLU B 508 -43.23 19.72 26.61
C GLU B 508 -43.15 18.48 25.75
N ALA B 509 -44.08 17.52 25.88
CA ALA B 509 -44.19 16.38 24.97
C ALA B 509 -45.66 16.26 24.61
N VAL B 510 -45.98 16.48 23.35
CA VAL B 510 -47.37 16.47 22.92
C VAL B 510 -47.60 15.60 21.68
N ARG B 511 -48.76 14.94 21.61
CA ARG B 511 -49.10 14.13 20.43
C ARG B 511 -50.10 14.91 19.62
N VAL B 512 -49.89 14.94 18.29
CA VAL B 512 -50.86 15.54 17.33
C VAL B 512 -51.27 14.48 16.30
N SER B 513 -52.57 14.33 16.08
CA SER B 513 -53.11 13.32 15.22
C SER B 513 -53.96 14.00 14.14
N THR B 514 -54.43 15.24 14.39
CA THR B 514 -55.36 15.95 13.46
C THR B 514 -54.84 17.30 13.00
N THR B 515 -55.36 17.82 11.88
CA THR B 515 -55.05 19.19 11.49
C THR B 515 -55.40 20.24 12.59
N GLY B 516 -56.57 20.09 13.20
CA GLY B 516 -56.90 20.88 14.37
C GLY B 516 -55.87 20.91 15.51
N GLU B 517 -55.34 19.74 15.88
CA GLU B 517 -54.31 19.61 16.97
C GLU B 517 -53.02 20.22 16.53
N TRP B 518 -52.67 19.94 15.27
CA TRP B 518 -51.49 20.53 14.68
C TRP B 518 -51.50 22.08 14.79
N ASN B 519 -52.54 22.68 14.18
CA ASN B 519 -52.72 24.13 14.13
C ASN B 519 -52.78 24.74 15.54
N LYS B 520 -53.48 24.08 16.44
CA LYS B 520 -53.62 24.64 17.80
C LYS B 520 -52.23 24.85 18.52
N LEU B 521 -51.41 23.82 18.35
CA LEU B 521 -50.07 23.73 18.85
C LEU B 521 -49.19 24.74 18.14
N THR B 522 -49.16 24.70 16.80
CA THR B 522 -48.18 25.47 16.07
C THR B 522 -48.47 26.98 15.91
N THR B 523 -49.74 27.34 16.11
CA THR B 523 -50.16 28.77 16.04
C THR B 523 -50.14 29.38 17.43
N ASP B 524 -49.83 28.60 18.46
CA ASP B 524 -49.79 29.10 19.80
C ASP B 524 -48.50 29.93 20.01
N GLU B 525 -48.67 31.16 20.47
CA GLU B 525 -47.57 32.11 20.54
C GLU B 525 -46.47 31.63 21.48
N LYS B 526 -46.86 31.06 22.60
CA LYS B 526 -45.90 30.56 23.55
C LYS B 526 -45.11 29.40 22.99
N PHE B 527 -45.79 28.50 22.24
CA PHE B 527 -45.14 27.35 21.56
C PHE B 527 -44.04 27.74 20.56
N GLN B 528 -44.29 28.85 19.89
CA GLN B 528 -43.43 29.42 18.87
C GLN B 528 -42.14 30.01 19.38
N ASP B 529 -42.05 30.22 20.68
CA ASP B 529 -40.87 30.74 21.34
C ASP B 529 -40.05 29.58 21.88
N ASN B 530 -38.73 29.60 21.64
CA ASN B 530 -37.91 28.45 21.96
C ASN B 530 -37.49 28.49 23.41
N THR B 531 -38.45 28.38 24.34
CA THR B 531 -38.16 28.54 25.79
C THR B 531 -37.84 27.21 26.54
N ARG B 532 -38.07 26.08 25.89
CA ARG B 532 -37.81 24.79 26.47
C ARG B 532 -37.72 23.76 25.36
N ILE B 533 -37.08 22.63 25.62
CA ILE B 533 -37.08 21.45 24.71
C ILE B 533 -38.46 20.88 24.49
N ARG B 534 -38.73 20.45 23.26
CA ARG B 534 -40.09 19.98 22.92
C ARG B 534 -40.08 18.78 22.01
N LEU B 535 -40.96 17.80 22.29
CA LEU B 535 -41.09 16.63 21.44
C LEU B 535 -42.58 16.61 21.04
N ILE B 536 -42.82 16.45 19.73
CA ILE B 536 -44.13 16.46 19.18
C ILE B 536 -44.24 15.14 18.42
N GLU B 537 -45.12 14.25 18.90
CA GLU B 537 -45.35 13.01 18.21
C GLU B 537 -46.49 13.17 17.17
N VAL B 538 -46.14 12.99 15.91
CA VAL B 538 -46.97 13.34 14.77
C VAL B 538 -47.47 11.99 14.25
N MET B 539 -48.75 11.69 14.45
CA MET B 539 -49.27 10.37 14.08
C MET B 539 -49.70 10.42 12.65
N LEU B 540 -49.12 9.53 11.84
CA LEU B 540 -49.39 9.51 10.41
C LEU B 540 -49.71 8.12 9.95
N PRO B 541 -50.43 7.98 8.79
CA PRO B 541 -50.64 6.61 8.21
C PRO B 541 -49.32 5.92 7.77
N THR B 542 -49.26 4.60 7.94
CA THR B 542 -48.08 3.75 7.73
C THR B 542 -47.51 3.83 6.34
N MET B 543 -48.38 3.88 5.33
CA MET B 543 -47.95 3.94 3.94
C MET B 543 -48.13 5.37 3.36
N ASP B 544 -48.55 6.33 4.16
CA ASP B 544 -48.58 7.70 3.65
C ASP B 544 -47.12 8.29 3.44
N ALA B 545 -46.87 8.81 2.23
CA ALA B 545 -45.59 9.36 1.82
C ALA B 545 -45.79 10.56 0.88
N PRO B 546 -44.79 11.51 0.83
CA PRO B 546 -44.82 12.52 -0.24
C PRO B 546 -44.70 11.86 -1.65
N SER B 547 -45.43 12.38 -2.65
CA SER B 547 -45.55 11.71 -3.98
C SER B 547 -44.20 11.46 -4.67
N ASN B 548 -43.29 12.43 -4.51
CA ASN B 548 -41.92 12.29 -4.99
C ASN B 548 -41.26 11.06 -4.37
N LEU B 549 -41.59 10.71 -3.12
CA LEU B 549 -40.92 9.52 -2.53
C LEU B 549 -41.43 8.21 -3.17
N VAL B 550 -42.72 8.16 -3.45
CA VAL B 550 -43.24 6.98 -4.05
C VAL B 550 -42.61 6.66 -5.35
N LYS B 551 -42.56 7.68 -6.20
CA LYS B 551 -41.74 7.62 -7.46
C LYS B 551 -40.33 7.18 -7.23
N GLN B 552 -39.58 7.91 -6.42
CA GLN B 552 -38.17 7.57 -6.16
C GLN B 552 -38.01 6.09 -5.66
N ALA B 553 -38.87 5.68 -4.73
CA ALA B 553 -38.77 4.32 -4.14
C ALA B 553 -38.69 3.27 -5.26
N GLN B 554 -39.48 3.47 -6.31
CA GLN B 554 -39.58 2.56 -7.47
C GLN B 554 -38.35 2.59 -8.38
N LEU B 555 -37.88 3.81 -8.68
CA LEU B 555 -36.63 4.02 -9.40
C LEU B 555 -35.44 3.32 -8.72
N THR B 556 -35.41 3.44 -7.38
CA THR B 556 -34.35 2.82 -6.57
C THR B 556 -34.43 1.28 -6.55
N ALA B 557 -35.64 0.75 -6.32
CA ALA B 557 -35.85 -0.70 -6.33
C ALA B 557 -35.31 -1.34 -7.62
N ALA B 558 -35.70 -0.74 -8.75
CA ALA B 558 -35.32 -1.19 -10.09
C ALA B 558 -33.79 -1.17 -10.20
N THR B 559 -33.15 -0.07 -9.80
CA THR B 559 -31.68 0.07 -9.94
C THR B 559 -30.86 -1.07 -9.31
N ASN B 560 -31.27 -1.47 -8.11
CA ASN B 560 -30.61 -2.50 -7.27
C ASN B 560 -30.80 -3.95 -7.74
N ALA B 561 -31.97 -4.26 -8.24
CA ALA B 561 -32.25 -5.57 -8.72
C ALA B 561 -31.76 -5.74 -10.16
N LYS B 562 -31.34 -4.63 -10.74
CA LYS B 562 -30.31 -4.59 -11.75
C LYS B 562 -30.73 -5.40 -12.89
N ASN B 563 -29.91 -6.39 -13.23
CA ASN B 563 -30.38 -7.71 -13.66
C ASN B 563 -30.23 -8.94 -12.71
N SER C 2 -7.96 -27.91 -33.85
CA SER C 2 -6.52 -27.60 -34.06
C SER C 2 -6.01 -26.70 -32.91
N GLU C 3 -4.89 -27.09 -32.32
CA GLU C 3 -4.47 -26.52 -31.03
C GLU C 3 -3.04 -26.11 -31.14
N ILE C 4 -2.72 -24.92 -30.61
CA ILE C 4 -1.34 -24.48 -30.55
C ILE C 4 -0.96 -24.23 -29.10
N THR C 5 0.33 -24.32 -28.78
CA THR C 5 0.73 -23.93 -27.42
C THR C 5 0.48 -22.44 -27.14
N LEU C 6 0.34 -22.12 -25.87
CA LEU C 6 0.24 -20.75 -25.47
C LEU C 6 1.45 -19.89 -25.91
N GLY C 7 2.66 -20.42 -25.81
CA GLY C 7 3.84 -19.69 -26.19
C GLY C 7 3.71 -19.38 -27.66
N ARG C 8 3.11 -20.32 -28.40
CA ARG C 8 2.95 -20.17 -29.86
C ARG C 8 1.90 -19.08 -30.16
N TYR C 9 0.80 -19.11 -29.40
CA TYR C 9 -0.20 -18.08 -29.46
C TYR C 9 0.44 -16.70 -29.27
N LEU C 10 1.25 -16.54 -28.22
CA LEU C 10 1.91 -15.26 -27.99
C LEU C 10 2.58 -14.75 -29.26
N PHE C 11 3.39 -15.63 -29.83
CA PHE C 11 4.30 -15.24 -30.91
C PHE C 11 3.59 -15.02 -32.25
N GLU C 12 2.57 -15.84 -32.53
CA GLU C 12 1.60 -15.54 -33.59
C GLU C 12 0.94 -14.19 -33.41
N ARG C 13 0.46 -13.90 -32.20
CA ARG C 13 -0.07 -12.56 -31.92
C ARG C 13 0.93 -11.42 -32.20
N LEU C 14 2.15 -11.55 -31.67
CA LEU C 14 3.22 -10.52 -31.89
C LEU C 14 3.45 -10.32 -33.39
N LYS C 15 3.37 -11.41 -34.15
CA LYS C 15 3.54 -11.33 -35.61
C LYS C 15 2.47 -10.44 -36.26
N GLN C 16 1.21 -10.63 -35.87
CA GLN C 16 0.06 -9.86 -36.38
C GLN C 16 0.22 -8.33 -36.14
N VAL C 17 1.11 -7.95 -35.24
CA VAL C 17 1.35 -6.57 -34.97
C VAL C 17 2.74 -6.20 -35.48
N GLU C 18 3.21 -7.01 -36.45
CA GLU C 18 4.50 -6.86 -37.17
C GLU C 18 5.74 -6.89 -36.32
N VAL C 19 5.74 -7.65 -35.21
CA VAL C 19 6.97 -7.84 -34.46
C VAL C 19 7.55 -9.08 -35.11
N GLN C 20 8.83 -9.03 -35.51
CA GLN C 20 9.54 -10.16 -36.13
C GLN C 20 10.83 -10.55 -35.37
N THR C 21 11.41 -9.57 -34.68
CA THR C 21 12.55 -9.81 -33.80
C THR C 21 12.11 -9.71 -32.34
N ILE C 22 12.53 -10.72 -31.61
CA ILE C 22 12.26 -10.84 -30.21
C ILE C 22 13.58 -10.68 -29.50
N PHE C 23 13.63 -9.69 -28.61
CA PHE C 23 14.83 -9.40 -27.81
C PHE C 23 14.83 -10.11 -26.45
N GLY C 24 15.96 -10.07 -25.78
CA GLY C 24 16.10 -10.61 -24.43
C GLY C 24 17.24 -11.62 -24.35
N LEU C 25 17.25 -12.35 -23.22
CA LEU C 25 18.15 -13.46 -22.97
C LEU C 25 17.39 -14.65 -22.38
N PRO C 26 17.89 -15.88 -22.68
CA PRO C 26 17.26 -17.11 -22.13
C PRO C 26 17.53 -17.27 -20.61
N GLY C 27 16.72 -18.09 -19.96
CA GLY C 27 17.07 -18.73 -18.67
C GLY C 27 16.02 -19.83 -18.52
N ASP C 28 16.23 -20.71 -17.57
CA ASP C 28 15.49 -21.95 -17.51
C ASP C 28 13.97 -21.72 -17.51
N PHE C 29 13.54 -20.67 -16.81
CA PHE C 29 12.13 -20.31 -16.74
C PHE C 29 11.52 -19.77 -18.05
N ASN C 30 12.32 -19.47 -19.08
CA ASN C 30 11.74 -19.07 -20.40
C ASN C 30 12.11 -19.98 -21.61
N LEU C 31 13.00 -20.93 -21.41
CA LEU C 31 13.45 -21.81 -22.49
C LEU C 31 12.30 -22.46 -23.31
N SER C 32 11.34 -23.13 -22.66
CA SER C 32 10.21 -23.69 -23.42
C SER C 32 9.44 -22.63 -24.22
N LEU C 33 9.18 -21.50 -23.61
CA LEU C 33 8.57 -20.40 -24.33
C LEU C 33 9.35 -20.06 -25.63
N LEU C 34 10.67 -19.93 -25.51
CA LEU C 34 11.49 -19.54 -26.66
C LEU C 34 11.43 -20.52 -27.85
N ASP C 35 11.31 -21.82 -27.59
CA ASP C 35 11.20 -22.82 -28.67
C ASP C 35 10.23 -22.36 -29.75
N ASN C 36 9.20 -21.62 -29.33
CA ASN C 36 8.08 -21.27 -30.21
C ASN C 36 8.43 -20.19 -31.19
N ILE C 37 9.45 -19.40 -30.90
CA ILE C 37 9.86 -18.39 -31.82
C ILE C 37 10.11 -19.01 -33.23
N TYR C 38 10.86 -20.11 -33.23
CA TYR C 38 11.38 -20.74 -34.42
C TYR C 38 10.29 -21.50 -35.21
N GLU C 39 9.08 -21.57 -34.66
CA GLU C 39 7.95 -22.21 -35.34
C GLU C 39 7.01 -21.23 -36.00
N VAL C 40 7.30 -19.98 -35.78
CA VAL C 40 6.73 -18.92 -36.52
C VAL C 40 7.48 -18.37 -37.66
N PRO C 41 6.92 -18.53 -38.84
CA PRO C 41 7.61 -18.15 -40.03
C PRO C 41 7.98 -16.69 -39.95
N GLY C 42 9.22 -16.36 -40.21
CA GLY C 42 9.64 -14.96 -40.20
C GLY C 42 10.34 -14.56 -38.91
N MET C 43 9.91 -15.14 -37.79
CA MET C 43 10.33 -14.70 -36.45
C MET C 43 11.76 -15.12 -36.07
N ARG C 44 12.43 -14.29 -35.26
CA ARG C 44 13.79 -14.57 -34.86
C ARG C 44 14.12 -14.06 -33.43
N TRP C 45 15.07 -14.72 -32.77
CA TRP C 45 15.55 -14.35 -31.44
C TRP C 45 16.85 -13.58 -31.61
N ALA C 46 16.89 -12.30 -31.24
CA ALA C 46 18.13 -11.51 -31.33
C ALA C 46 19.42 -12.14 -30.71
N GLY C 47 19.27 -12.80 -29.56
CA GLY C 47 20.43 -13.26 -28.75
C GLY C 47 21.18 -12.04 -28.26
N ASN C 48 20.60 -11.32 -27.30
CA ASN C 48 21.24 -10.07 -26.86
C ASN C 48 22.41 -10.35 -25.87
N ALA C 49 23.35 -9.40 -25.72
CA ALA C 49 24.54 -9.61 -24.86
C ALA C 49 24.33 -9.32 -23.36
N ASN C 50 23.29 -8.54 -23.04
CA ASN C 50 22.67 -8.45 -21.67
C ASN C 50 21.24 -7.95 -21.73
N GLU C 51 20.51 -8.09 -20.62
CA GLU C 51 19.06 -7.75 -20.58
C GLU C 51 18.86 -6.24 -20.63
N LEU C 52 19.77 -5.46 -20.06
CA LEU C 52 19.59 -4.03 -20.14
C LEU C 52 19.67 -3.54 -21.58
N ASN C 53 20.66 -4.05 -22.33
CA ASN C 53 20.82 -3.71 -23.78
C ASN C 53 19.66 -4.23 -24.61
N ALA C 54 19.19 -5.42 -24.25
CA ALA C 54 17.95 -5.97 -24.84
C ALA C 54 16.79 -5.00 -24.75
N ALA C 55 16.59 -4.41 -23.56
CA ALA C 55 15.47 -3.50 -23.34
C ALA C 55 15.64 -2.16 -24.14
N TYR C 56 16.81 -1.51 -24.07
CA TYR C 56 17.18 -0.45 -25.02
C TYR C 56 16.87 -0.78 -26.49
N ALA C 57 17.28 -1.97 -26.92
CA ALA C 57 17.09 -2.44 -28.27
C ALA C 57 15.60 -2.61 -28.57
N ALA C 58 14.85 -3.23 -27.65
CA ALA C 58 13.40 -3.37 -27.81
C ALA C 58 12.75 -1.97 -27.94
N ASP C 59 13.28 -1.01 -27.18
CA ASP C 59 12.92 0.40 -27.31
C ASP C 59 13.11 0.93 -28.74
N GLY C 60 14.34 0.82 -29.29
CA GLY C 60 14.64 1.26 -30.66
C GLY C 60 13.76 0.56 -31.69
N TYR C 61 13.67 -0.75 -31.57
CA TYR C 61 12.80 -1.50 -32.45
C TYR C 61 11.39 -0.92 -32.47
N ALA C 62 10.83 -0.67 -31.30
CA ALA C 62 9.44 -0.27 -31.21
C ALA C 62 9.19 1.11 -31.79
N ARG C 63 10.17 1.99 -31.65
CA ARG C 63 10.06 3.33 -32.23
C ARG C 63 9.86 3.27 -33.77
N LEU C 64 10.59 2.37 -34.46
CA LEU C 64 10.46 2.23 -35.89
C LEU C 64 9.30 1.28 -36.24
N LYS C 65 9.14 0.17 -35.52
CA LYS C 65 8.25 -0.85 -35.97
C LYS C 65 6.79 -0.63 -35.56
N GLY C 66 6.55 0.06 -34.43
CA GLY C 66 5.23 0.20 -33.81
C GLY C 66 5.24 -0.26 -32.36
N MET C 67 5.58 -1.53 -32.13
CA MET C 67 5.90 -2.02 -30.79
C MET C 67 7.03 -3.09 -30.84
N SER C 68 7.37 -3.67 -29.69
CA SER C 68 8.46 -4.61 -29.59
C SER C 68 8.21 -5.57 -28.41
N CYS C 69 8.98 -6.63 -28.35
CA CYS C 69 8.89 -7.55 -27.25
C CYS C 69 10.29 -7.96 -26.81
N ILE C 70 10.50 -7.84 -25.50
CA ILE C 70 11.68 -8.38 -24.84
C ILE C 70 11.20 -9.51 -23.90
N ILE C 71 11.94 -10.62 -23.91
CA ILE C 71 11.75 -11.69 -22.96
C ILE C 71 12.92 -11.88 -21.98
N THR C 72 12.62 -11.90 -20.68
CA THR C 72 13.67 -12.14 -19.68
C THR C 72 13.29 -13.27 -18.73
N THR C 73 14.24 -13.61 -17.86
CA THR C 73 13.99 -14.61 -16.85
C THR C 73 13.71 -13.89 -15.50
N PHE C 74 12.89 -14.56 -14.69
CA PHE C 74 12.57 -14.21 -13.31
C PHE C 74 13.72 -13.71 -12.45
N GLY C 75 13.49 -12.60 -11.75
CA GLY C 75 14.50 -11.98 -10.93
C GLY C 75 15.64 -11.30 -11.71
N VAL C 76 16.60 -12.12 -12.12
CA VAL C 76 17.93 -11.71 -12.62
C VAL C 76 17.81 -11.07 -14.00
N GLY C 77 16.85 -11.49 -14.80
CA GLY C 77 16.74 -10.96 -16.15
C GLY C 77 15.94 -9.70 -16.13
N GLU C 78 14.72 -9.83 -15.61
CA GLU C 78 13.79 -8.73 -15.53
C GLU C 78 14.36 -7.55 -14.78
N LEU C 79 15.02 -7.79 -13.65
CA LEU C 79 15.57 -6.69 -12.88
C LEU C 79 16.66 -6.01 -13.67
N SER C 80 17.38 -6.76 -14.47
CA SER C 80 18.42 -6.20 -15.35
C SER C 80 17.81 -5.25 -16.41
N ALA C 81 16.60 -5.54 -16.89
CA ALA C 81 16.00 -4.82 -17.96
C ALA C 81 15.35 -3.54 -17.56
N LEU C 82 15.27 -3.21 -16.29
CA LEU C 82 14.35 -2.24 -15.77
C LEU C 82 14.60 -0.77 -16.09
N ASN C 83 15.84 -0.35 -16.17
CA ASN C 83 16.20 1.00 -16.65
C ASN C 83 15.79 1.26 -18.10
N GLY C 84 15.94 0.24 -18.94
CA GLY C 84 15.49 0.30 -20.33
C GLY C 84 13.99 0.49 -20.35
N ILE C 85 13.30 -0.34 -19.57
CA ILE C 85 11.83 -0.36 -19.48
C ILE C 85 11.30 0.95 -18.95
N ALA C 86 12.03 1.49 -17.97
CA ALA C 86 11.64 2.74 -17.35
C ALA C 86 11.76 3.85 -18.41
N GLY C 87 12.81 3.78 -19.25
CA GLY C 87 12.99 4.81 -20.27
C GLY C 87 11.84 4.74 -21.29
N SER C 88 11.35 3.53 -21.57
CA SER C 88 10.28 3.34 -22.54
C SER C 88 8.99 3.82 -21.98
N TYR C 89 8.83 3.63 -20.66
CA TYR C 89 7.70 4.29 -20.01
C TYR C 89 7.77 5.86 -20.08
N ALA C 90 8.92 6.41 -19.67
CA ALA C 90 9.12 7.85 -19.68
C ALA C 90 8.84 8.43 -21.03
N GLU C 91 9.32 7.80 -22.11
CA GLU C 91 9.25 8.42 -23.44
C GLU C 91 8.13 7.86 -24.30
N HIS C 92 7.21 7.12 -23.69
CA HIS C 92 6.01 6.64 -24.39
C HIS C 92 6.38 5.71 -25.54
N VAL C 93 7.10 4.63 -25.21
CA VAL C 93 7.47 3.60 -26.20
C VAL C 93 6.84 2.26 -25.84
N GLY C 94 6.06 1.69 -26.78
CA GLY C 94 5.30 0.42 -26.61
C GLY C 94 6.16 -0.86 -26.65
N VAL C 95 6.55 -1.31 -25.45
CA VAL C 95 7.46 -2.42 -25.22
C VAL C 95 6.75 -3.44 -24.37
N LEU C 96 6.55 -4.63 -24.92
CA LEU C 96 5.92 -5.67 -24.12
C LEU C 96 7.03 -6.51 -23.49
N HIS C 97 7.12 -6.49 -22.15
CA HIS C 97 8.15 -7.20 -21.39
C HIS C 97 7.60 -8.49 -20.81
N VAL C 98 7.97 -9.60 -21.41
CA VAL C 98 7.53 -10.85 -20.92
C VAL C 98 8.54 -11.55 -20.11
N VAL C 99 8.13 -12.12 -19.01
CA VAL C 99 9.09 -12.62 -18.09
C VAL C 99 8.71 -14.07 -17.89
N GLY C 100 9.70 -14.95 -18.09
CA GLY C 100 9.55 -16.33 -17.64
C GLY C 100 9.70 -16.51 -16.12
N VAL C 101 8.70 -17.13 -15.52
CA VAL C 101 8.58 -17.18 -14.09
C VAL C 101 8.41 -18.63 -13.59
N PRO C 102 8.81 -18.92 -12.35
CA PRO C 102 8.61 -20.31 -11.86
C PRO C 102 7.15 -20.85 -12.04
N SER C 103 7.02 -22.15 -12.19
CA SER C 103 5.67 -22.76 -12.31
C SER C 103 4.79 -22.48 -11.10
N VAL C 104 3.49 -22.40 -11.36
CA VAL C 104 2.46 -22.19 -10.36
C VAL C 104 2.70 -23.14 -9.19
N SER C 105 3.05 -24.39 -9.50
CA SER C 105 3.30 -25.39 -8.46
C SER C 105 4.51 -24.97 -7.58
N SER C 106 5.60 -24.48 -8.24
CA SER C 106 6.82 -23.97 -7.58
C SER C 106 6.54 -22.81 -6.63
N GLN C 107 5.79 -21.82 -7.11
CA GLN C 107 5.44 -20.66 -6.29
C GLN C 107 4.51 -21.04 -5.16
N ALA C 108 3.67 -22.05 -5.45
CA ALA C 108 2.64 -22.52 -4.56
C ALA C 108 3.33 -23.13 -3.37
N LYS C 109 4.23 -24.07 -3.63
CA LYS C 109 4.99 -24.76 -2.60
C LYS C 109 6.06 -23.83 -2.01
N GLN C 110 6.20 -22.62 -2.58
CA GLN C 110 7.27 -21.66 -2.21
C GLN C 110 8.65 -22.33 -2.15
N LEU C 111 9.07 -22.94 -3.23
CA LEU C 111 10.41 -23.46 -3.29
C LEU C 111 11.46 -22.33 -3.21
N LEU C 112 12.48 -22.55 -2.35
CA LEU C 112 13.65 -21.67 -2.29
C LEU C 112 14.49 -21.82 -3.61
N LEU C 113 14.01 -21.22 -4.70
CA LEU C 113 14.62 -21.37 -6.00
C LEU C 113 15.65 -20.28 -6.29
N HIS C 114 16.53 -20.55 -7.22
CA HIS C 114 17.48 -19.55 -7.66
C HIS C 114 16.63 -18.38 -8.21
N HIS C 115 17.26 -17.19 -8.26
CA HIS C 115 16.65 -15.91 -8.67
C HIS C 115 15.53 -15.43 -7.80
N THR C 116 15.46 -15.94 -6.58
CA THR C 116 14.52 -15.40 -5.59
C THR C 116 15.39 -14.72 -4.53
N LEU C 117 14.75 -13.91 -3.69
CA LEU C 117 15.35 -13.19 -2.60
C LEU C 117 15.54 -14.08 -1.38
N GLY C 118 15.11 -15.33 -1.47
CA GLY C 118 15.36 -16.28 -0.39
C GLY C 118 14.27 -16.30 0.65
N ASN C 119 13.15 -15.66 0.32
CA ASN C 119 12.09 -15.37 1.28
C ASN C 119 10.72 -15.91 0.86
N GLY C 120 10.64 -16.69 -0.22
CA GLY C 120 9.36 -17.26 -0.69
C GLY C 120 8.39 -16.31 -1.42
N ASP C 121 8.80 -15.08 -1.68
CA ASP C 121 7.91 -14.11 -2.26
C ASP C 121 8.12 -14.04 -3.78
N PHE C 122 7.15 -14.53 -4.54
CA PHE C 122 7.27 -14.64 -5.98
C PHE C 122 6.57 -13.46 -6.68
N THR C 123 6.10 -12.49 -5.85
CA THR C 123 5.42 -11.31 -6.35
C THR C 123 6.30 -10.08 -6.46
N VAL C 124 7.45 -10.09 -5.78
CA VAL C 124 8.24 -8.89 -5.57
C VAL C 124 8.70 -8.22 -6.87
N PHE C 125 9.12 -8.98 -7.86
CA PHE C 125 9.64 -8.30 -9.04
C PHE C 125 8.51 -7.74 -9.93
N HIS C 126 7.40 -8.47 -9.96
CA HIS C 126 6.15 -8.10 -10.59
C HIS C 126 5.70 -6.79 -10.00
N ARG C 127 5.72 -6.70 -8.66
CA ARG C 127 5.39 -5.47 -7.95
C ARG C 127 6.32 -4.27 -8.30
N MET C 128 7.63 -4.49 -8.34
CA MET C 128 8.57 -3.47 -8.78
C MET C 128 8.26 -2.99 -10.19
N SER C 129 8.02 -3.93 -11.08
CA SER C 129 7.69 -3.59 -12.47
C SER C 129 6.44 -2.79 -12.66
N SER C 130 5.46 -3.03 -11.78
CA SER C 130 4.14 -2.40 -11.95
C SER C 130 4.32 -0.89 -11.81
N ASN C 131 5.43 -0.44 -11.22
CA ASN C 131 5.65 0.99 -11.10
C ASN C 131 6.02 1.66 -12.41
N ILE C 132 6.44 0.89 -13.41
CA ILE C 132 6.98 1.50 -14.65
C ILE C 132 6.31 0.89 -15.87
N SER C 133 5.11 0.32 -15.63
CA SER C 133 4.29 -0.28 -16.67
C SER C 133 2.94 0.39 -16.71
N GLU C 134 2.34 0.34 -17.89
CA GLU C 134 1.00 0.87 -18.05
C GLU C 134 0.03 -0.11 -17.40
N THR C 135 0.37 -1.38 -17.41
CA THR C 135 -0.52 -2.40 -16.88
C THR C 135 0.34 -3.65 -16.74
N THR C 136 -0.15 -4.64 -16.00
CA THR C 136 0.52 -5.93 -15.91
C THR C 136 -0.50 -7.08 -15.96
N ALA C 137 0.03 -8.29 -16.22
CA ALA C 137 -0.68 -9.53 -16.11
C ALA C 137 0.32 -10.57 -15.58
N MET C 138 -0.10 -11.45 -14.67
CA MET C 138 0.66 -12.59 -14.20
C MET C 138 -0.24 -13.79 -14.45
N ILE C 139 0.06 -14.57 -15.48
CA ILE C 139 -0.92 -15.51 -16.00
C ILE C 139 -0.93 -16.74 -15.13
N THR C 140 -2.10 -17.09 -14.63
CA THR C 140 -2.22 -18.26 -13.78
C THR C 140 -3.26 -19.28 -14.27
N ASP C 141 -3.96 -18.96 -15.35
CA ASP C 141 -5.15 -19.71 -15.75
C ASP C 141 -5.20 -19.74 -17.27
N ILE C 142 -4.99 -20.92 -17.84
CA ILE C 142 -4.95 -21.15 -19.28
C ILE C 142 -6.21 -20.67 -20.04
N ASN C 143 -7.37 -20.79 -19.40
CA ASN C 143 -8.64 -20.48 -20.06
C ASN C 143 -8.82 -19.06 -20.45
N THR C 144 -8.31 -18.17 -19.61
CA THR C 144 -8.40 -16.74 -19.85
C THR C 144 -7.07 -16.12 -20.30
N ALA C 145 -6.07 -16.98 -20.50
CA ALA C 145 -4.70 -16.56 -20.80
C ALA C 145 -4.59 -15.94 -22.20
N PRO C 146 -5.24 -16.55 -23.24
CA PRO C 146 -5.23 -15.87 -24.55
C PRO C 146 -5.79 -14.44 -24.54
N ALA C 147 -6.97 -14.25 -23.94
CA ALA C 147 -7.56 -12.92 -23.67
C ALA C 147 -6.61 -11.90 -22.94
N GLU C 148 -5.89 -12.37 -21.93
CA GLU C 148 -4.87 -11.53 -21.22
C GLU C 148 -3.67 -11.11 -22.09
N ILE C 149 -3.15 -12.05 -22.86
CA ILE C 149 -2.16 -11.76 -23.85
C ILE C 149 -2.69 -10.69 -24.76
N ASP C 150 -3.86 -10.90 -25.38
CA ASP C 150 -4.43 -9.89 -26.32
C ASP C 150 -4.52 -8.52 -25.66
N ARG C 151 -4.95 -8.54 -24.37
CA ARG C 151 -5.13 -7.33 -23.62
C ARG C 151 -3.80 -6.60 -23.46
N CYS C 152 -2.75 -7.35 -23.12
CA CYS C 152 -1.46 -6.74 -22.86
C CYS C 152 -0.87 -6.17 -24.13
N ILE C 153 -1.05 -6.87 -25.24
CA ILE C 153 -0.55 -6.38 -26.56
C ILE C 153 -1.31 -5.12 -27.06
N ARG C 154 -2.65 -5.13 -27.03
CA ARG C 154 -3.46 -3.92 -27.28
C ARG C 154 -3.01 -2.73 -26.42
N THR C 155 -2.89 -2.94 -25.09
CA THR C 155 -2.46 -1.87 -24.25
C THR C 155 -1.10 -1.36 -24.71
N THR C 156 -0.14 -2.24 -24.97
CA THR C 156 1.23 -1.79 -25.27
C THR C 156 1.19 -0.91 -26.52
N TYR C 157 0.46 -1.40 -27.50
CA TYR C 157 0.48 -0.83 -28.82
C TYR C 157 -0.27 0.49 -28.83
N VAL C 158 -1.41 0.50 -28.15
CA VAL C 158 -2.29 1.69 -28.14
C VAL C 158 -1.84 2.80 -27.19
N SER C 159 -1.55 2.45 -25.94
CA SER C 159 -1.05 3.46 -24.99
C SER C 159 0.45 3.88 -25.23
N GLN C 160 1.17 3.17 -26.11
CA GLN C 160 2.63 3.27 -26.28
C GLN C 160 3.39 3.39 -24.95
N ARG C 161 3.17 2.44 -24.06
CA ARG C 161 3.91 2.36 -22.82
C ARG C 161 4.22 0.90 -22.57
N PRO C 162 5.30 0.60 -21.84
CA PRO C 162 5.61 -0.77 -21.48
C PRO C 162 4.50 -1.51 -20.73
N VAL C 163 4.39 -2.81 -20.97
CA VAL C 163 3.43 -3.66 -20.30
C VAL C 163 4.23 -4.87 -19.78
N TYR C 164 3.84 -5.39 -18.63
CA TYR C 164 4.58 -6.45 -17.97
C TYR C 164 3.69 -7.69 -18.10
N LEU C 165 4.21 -8.80 -18.67
CA LEU C 165 3.48 -10.10 -18.84
C LEU C 165 4.30 -11.28 -18.26
N GLY C 166 3.84 -11.86 -17.16
CA GLY C 166 4.52 -12.96 -16.48
C GLY C 166 3.91 -14.28 -16.92
N LEU C 167 4.76 -15.23 -17.25
CA LEU C 167 4.39 -16.53 -17.76
C LEU C 167 5.08 -17.66 -17.00
N PRO C 168 4.34 -18.35 -16.17
CA PRO C 168 4.80 -19.56 -15.49
C PRO C 168 5.16 -20.60 -16.50
N ALA C 169 6.34 -21.18 -16.26
CA ALA C 169 6.95 -22.20 -17.07
C ALA C 169 5.99 -23.33 -17.45
N ASN C 170 5.06 -23.68 -16.56
CA ASN C 170 4.21 -24.86 -16.73
C ASN C 170 3.10 -24.65 -17.78
N LEU C 171 2.73 -23.40 -17.97
CA LEU C 171 1.67 -22.94 -18.81
C LEU C 171 2.00 -22.81 -20.30
N VAL C 172 3.23 -22.42 -20.61
CA VAL C 172 3.60 -22.03 -21.97
C VAL C 172 3.37 -23.15 -23.02
N ASP C 173 3.56 -24.40 -22.57
CA ASP C 173 3.30 -25.60 -23.36
C ASP C 173 1.86 -26.08 -23.25
N LEU C 174 1.05 -25.62 -22.29
CA LEU C 174 -0.40 -25.87 -22.41
C LEU C 174 -0.94 -25.34 -23.77
N THR C 175 -1.95 -26.01 -24.33
CA THR C 175 -2.47 -25.67 -25.65
C THR C 175 -3.82 -24.94 -25.62
N VAL C 176 -4.05 -24.11 -26.65
CA VAL C 176 -5.25 -23.28 -26.82
C VAL C 176 -5.70 -23.39 -28.32
N PRO C 177 -7.02 -23.13 -28.64
CA PRO C 177 -7.52 -23.27 -30.03
C PRO C 177 -6.82 -22.30 -31.01
N ALA C 178 -6.29 -22.84 -32.10
CA ALA C 178 -5.57 -22.01 -33.07
C ALA C 178 -6.52 -21.00 -33.72
N SER C 179 -7.82 -21.26 -33.64
CA SER C 179 -8.84 -20.42 -34.27
C SER C 179 -8.98 -19.04 -33.60
N LEU C 180 -8.59 -18.95 -32.33
CA LEU C 180 -8.44 -17.70 -31.61
C LEU C 180 -7.74 -16.59 -32.39
N LEU C 181 -6.93 -16.97 -33.35
CA LEU C 181 -6.05 -16.05 -34.01
C LEU C 181 -6.73 -15.39 -35.18
N ASP C 182 -7.78 -16.03 -35.65
CA ASP C 182 -8.56 -15.57 -36.79
C ASP C 182 -9.36 -14.32 -36.43
N THR C 183 -9.56 -14.06 -35.13
CA THR C 183 -10.11 -12.76 -34.77
C THR C 183 -8.98 -11.80 -34.39
N PRO C 184 -8.86 -10.67 -35.11
CA PRO C 184 -7.68 -9.86 -34.79
C PRO C 184 -7.79 -9.16 -33.44
N ILE C 185 -6.63 -8.79 -32.88
CA ILE C 185 -6.70 -7.91 -31.72
C ILE C 185 -7.31 -6.55 -32.16
N ASP C 186 -8.18 -6.02 -31.33
CA ASP C 186 -8.66 -4.67 -31.52
C ASP C 186 -7.58 -3.63 -31.14
N LEU C 187 -7.06 -2.91 -32.13
CA LEU C 187 -6.02 -1.92 -31.94
C LEU C 187 -6.47 -0.45 -32.10
N SER C 188 -7.77 -0.26 -32.27
CA SER C 188 -8.34 1.09 -32.41
C SER C 188 -8.74 1.81 -31.11
N LEU C 189 -8.89 3.12 -31.29
CA LEU C 189 -9.28 4.08 -30.29
C LEU C 189 -10.76 4.30 -30.45
N LYS C 190 -11.44 4.46 -29.31
CA LYS C 190 -12.84 4.79 -29.30
C LYS C 190 -12.94 6.20 -29.90
N PRO C 191 -14.02 6.49 -30.66
CA PRO C 191 -13.99 7.84 -31.25
C PRO C 191 -14.11 8.96 -30.21
N ASN C 192 -13.76 10.17 -30.64
CA ASN C 192 -14.09 11.36 -29.93
C ASN C 192 -15.61 11.55 -29.79
N ASP C 193 -16.00 12.16 -28.66
CA ASP C 193 -17.33 12.63 -28.39
C ASP C 193 -17.59 13.67 -29.46
N PRO C 194 -18.69 13.53 -30.23
CA PRO C 194 -18.92 14.45 -31.36
C PRO C 194 -19.06 15.92 -30.93
N GLU C 195 -19.73 16.15 -29.82
CA GLU C 195 -20.00 17.47 -29.31
C GLU C 195 -18.76 18.16 -28.77
N ALA C 196 -17.95 17.41 -27.99
CA ALA C 196 -16.71 17.92 -27.42
C ALA C 196 -15.71 18.27 -28.55
N GLU C 197 -15.50 17.32 -29.48
CA GLU C 197 -14.63 17.51 -30.63
C GLU C 197 -15.04 18.73 -31.44
N GLU C 198 -16.33 18.82 -31.75
CA GLU C 198 -16.87 19.94 -32.50
C GLU C 198 -16.66 21.29 -31.81
N GLU C 199 -16.70 21.33 -30.48
CA GLU C 199 -16.44 22.59 -29.78
C GLU C 199 -14.95 22.93 -29.96
N VAL C 200 -14.10 21.91 -29.87
CA VAL C 200 -12.68 22.06 -30.12
C VAL C 200 -12.35 22.57 -31.52
N ILE C 201 -12.90 21.92 -32.56
CA ILE C 201 -12.72 22.33 -33.97
C ILE C 201 -13.24 23.74 -34.24
N GLU C 202 -14.50 24.00 -33.92
CA GLU C 202 -15.05 25.35 -34.22
C GLU C 202 -14.16 26.41 -33.61
N ASN C 203 -13.70 26.09 -32.42
CA ASN C 203 -12.83 26.97 -31.71
C ASN C 203 -11.45 27.24 -32.30
N VAL C 204 -10.84 26.15 -32.81
CA VAL C 204 -9.52 26.26 -33.40
C VAL C 204 -9.65 26.98 -34.74
N LEU C 205 -10.68 26.66 -35.51
CA LEU C 205 -10.95 27.36 -36.80
C LEU C 205 -11.05 28.84 -36.61
N GLN C 206 -11.85 29.25 -35.60
CA GLN C 206 -12.02 30.67 -35.25
C GLN C 206 -10.71 31.36 -34.89
N LEU C 207 -9.89 30.70 -34.07
CA LEU C 207 -8.55 31.22 -33.74
C LEU C 207 -7.65 31.45 -35.00
N ILE C 208 -7.78 30.54 -35.95
CA ILE C 208 -6.97 30.51 -37.16
C ILE C 208 -7.38 31.67 -38.02
N LYS C 209 -8.69 31.87 -38.18
CA LYS C 209 -9.25 32.99 -38.98
C LYS C 209 -8.81 34.33 -38.44
N GLU C 210 -8.42 34.37 -37.19
CA GLU C 210 -8.09 35.64 -36.60
C GLU C 210 -6.58 35.85 -36.47
N ALA C 211 -5.78 34.85 -36.84
CA ALA C 211 -4.35 34.95 -36.60
C ALA C 211 -3.59 35.54 -37.78
N LYS C 212 -2.73 36.48 -37.44
CA LYS C 212 -1.86 37.08 -38.41
C LYS C 212 -0.49 36.35 -38.54
N ASN C 213 0.03 35.86 -37.43
CA ASN C 213 1.30 35.16 -37.42
C ASN C 213 1.17 33.74 -36.75
N PRO C 214 0.29 32.86 -37.29
CA PRO C 214 0.23 31.54 -36.65
C PRO C 214 1.45 30.64 -36.91
N VAL C 215 1.89 29.96 -35.86
CA VAL C 215 2.89 28.90 -36.00
C VAL C 215 2.42 27.47 -35.59
N ILE C 216 3.06 26.45 -36.17
CA ILE C 216 2.87 25.05 -35.79
C ILE C 216 4.17 24.59 -35.07
N LEU C 217 4.06 23.94 -33.91
CA LEU C 217 5.22 23.42 -33.21
C LEU C 217 5.02 21.90 -32.97
N ALA C 218 5.79 21.05 -33.66
CA ALA C 218 5.78 19.61 -33.42
C ALA C 218 6.75 19.14 -32.31
N ASP C 219 6.26 18.27 -31.43
CA ASP C 219 6.98 17.86 -30.24
C ASP C 219 6.83 16.34 -30.06
N ALA C 220 7.37 15.83 -28.96
CA ALA C 220 7.54 14.38 -28.70
C ALA C 220 6.31 13.52 -29.03
N CYS C 221 5.16 13.90 -28.51
CA CYS C 221 3.97 13.07 -28.71
C CYS C 221 3.43 13.09 -30.11
N CYS C 222 3.82 14.10 -30.92
CA CYS C 222 3.62 14.03 -32.38
C CYS C 222 4.17 12.72 -33.03
N SER C 223 5.43 12.34 -32.72
CA SER C 223 5.81 10.98 -33.11
C SER C 223 5.33 9.91 -32.14
N ARG C 224 5.58 10.05 -30.84
CA ARG C 224 5.28 8.91 -29.97
C ARG C 224 3.80 8.40 -30.19
N HIS C 225 2.88 9.31 -30.47
CA HIS C 225 1.47 8.94 -30.58
C HIS C 225 0.91 9.12 -32.00
N ASP C 226 1.79 9.05 -32.98
CA ASP C 226 1.31 8.74 -34.35
C ASP C 226 0.47 9.87 -34.98
N ALA C 227 0.87 11.12 -34.80
CA ALA C 227 0.12 12.26 -35.36
C ALA C 227 0.90 12.97 -36.47
N LYS C 228 1.84 12.23 -37.11
CA LYS C 228 2.83 12.82 -38.01
C LYS C 228 2.25 13.01 -39.39
N ALA C 229 1.46 12.05 -39.84
CA ALA C 229 0.75 12.20 -41.13
C ALA C 229 -0.25 13.40 -41.08
N GLU C 230 -0.96 13.57 -39.95
CA GLU C 230 -1.84 14.71 -39.72
C GLU C 230 -1.13 16.06 -39.62
N THR C 231 -0.03 16.06 -38.89
CA THR C 231 0.79 17.25 -38.80
C THR C 231 1.28 17.70 -40.16
N LYS C 232 1.83 16.76 -40.96
CA LYS C 232 2.22 17.06 -42.33
C LYS C 232 1.12 17.71 -43.20
N LYS C 233 -0.02 17.03 -43.40
CA LYS C 233 -1.20 17.66 -44.03
C LYS C 233 -1.63 18.96 -43.34
N LEU C 234 -1.53 19.03 -42.00
CA LEU C 234 -1.81 20.32 -41.38
C LEU C 234 -0.87 21.41 -41.91
N ILE C 235 0.45 21.13 -41.93
CA ILE C 235 1.43 22.13 -42.40
C ILE C 235 1.18 22.49 -43.86
N ASP C 236 0.75 21.49 -44.61
CA ASP C 236 0.60 21.61 -46.06
C ASP C 236 -0.59 22.45 -46.46
N LEU C 237 -1.69 22.26 -45.71
CA LEU C 237 -2.94 22.95 -45.97
C LEU C 237 -2.99 24.33 -45.38
N THR C 238 -2.10 24.69 -44.47
CA THR C 238 -2.13 26.03 -43.89
C THR C 238 -0.95 26.91 -44.34
N GLN C 239 0.16 26.26 -44.69
CA GLN C 239 1.40 26.94 -45.03
C GLN C 239 1.88 27.78 -43.87
N PHE C 240 1.51 27.39 -42.62
CA PHE C 240 1.95 28.13 -41.43
C PHE C 240 3.38 27.73 -41.21
N PRO C 241 4.24 28.67 -40.77
CA PRO C 241 5.59 28.19 -40.42
C PRO C 241 5.54 27.03 -39.37
N ALA C 242 6.40 26.04 -39.55
CA ALA C 242 6.42 24.85 -38.71
C ALA C 242 7.79 24.71 -38.05
N PHE C 243 7.77 24.52 -36.72
CA PHE C 243 8.98 24.29 -35.95
C PHE C 243 8.85 22.95 -35.24
N VAL C 244 9.97 22.51 -34.66
CA VAL C 244 10.09 21.23 -34.01
C VAL C 244 10.91 21.46 -32.74
N THR C 245 10.68 20.63 -31.73
CA THR C 245 11.47 20.58 -30.48
C THR C 245 12.63 19.58 -30.64
N PRO C 246 13.67 19.62 -29.77
CA PRO C 246 14.71 18.58 -29.68
C PRO C 246 14.14 17.17 -29.63
N MET C 247 13.08 16.99 -28.87
CA MET C 247 12.50 15.68 -28.66
C MET C 247 11.62 15.26 -29.78
N GLY C 248 11.09 16.20 -30.55
CA GLY C 248 10.29 15.86 -31.73
C GLY C 248 11.02 15.84 -33.06
N LYS C 249 12.32 16.21 -33.07
CA LYS C 249 13.14 16.23 -34.32
C LYS C 249 12.94 15.01 -35.22
N GLY C 250 12.67 15.28 -36.51
CA GLY C 250 12.35 14.25 -37.48
C GLY C 250 10.87 13.91 -37.61
N SER C 251 10.05 14.44 -36.70
CA SER C 251 8.62 14.20 -36.81
C SER C 251 7.98 15.03 -37.90
N ILE C 252 8.64 16.15 -38.27
CA ILE C 252 8.23 16.98 -39.45
C ILE C 252 9.40 17.22 -40.43
N ASP C 253 9.10 17.36 -41.72
CA ASP C 253 10.12 17.48 -42.79
C ASP C 253 10.91 18.79 -42.75
N GLU C 254 12.19 18.70 -42.37
CA GLU C 254 13.07 19.88 -42.30
C GLU C 254 13.41 20.60 -43.62
N LYS C 255 13.17 19.97 -44.77
CA LYS C 255 13.38 20.62 -46.08
C LYS C 255 12.04 21.00 -46.74
N HIS C 256 10.98 21.08 -45.92
CA HIS C 256 9.73 21.66 -46.36
C HIS C 256 9.89 23.18 -46.45
N PRO C 257 9.42 23.79 -47.55
CA PRO C 257 9.76 25.22 -47.66
C PRO C 257 9.25 26.03 -46.47
N ARG C 258 8.26 25.48 -45.79
CA ARG C 258 7.69 26.17 -44.62
C ARG C 258 8.35 25.86 -43.26
N PHE C 259 9.40 25.02 -43.26
CA PHE C 259 10.02 24.58 -42.01
C PHE C 259 10.92 25.66 -41.46
N GLY C 260 10.71 26.07 -40.22
CA GLY C 260 11.44 27.16 -39.69
C GLY C 260 12.55 26.84 -38.73
N GLY C 261 12.61 25.60 -38.27
CA GLY C 261 13.71 25.25 -37.39
C GLY C 261 13.38 24.59 -36.06
N VAL C 262 14.41 24.51 -35.21
CA VAL C 262 14.30 23.90 -33.88
C VAL C 262 14.05 24.94 -32.79
N TYR C 263 12.87 24.88 -32.19
CA TYR C 263 12.55 25.74 -31.08
C TYR C 263 12.96 25.11 -29.75
N VAL C 264 13.84 25.78 -29.01
CA VAL C 264 14.34 25.27 -27.73
C VAL C 264 14.33 26.40 -26.67
N GLY C 265 13.25 27.18 -26.69
CA GLY C 265 13.11 28.32 -25.83
C GLY C 265 14.30 29.28 -25.93
N THR C 266 14.77 29.80 -24.80
CA THR C 266 15.93 30.70 -24.81
C THR C 266 17.22 30.18 -25.45
N LEU C 267 17.28 28.90 -25.72
CA LEU C 267 18.40 28.29 -26.37
C LEU C 267 18.23 28.14 -27.88
N SER C 268 17.15 28.66 -28.44
CA SER C 268 16.99 28.71 -29.91
C SER C 268 18.01 29.64 -30.64
N SER C 269 18.24 29.42 -31.93
CA SER C 269 18.87 30.46 -32.75
C SER C 269 18.03 31.75 -32.56
N PRO C 270 18.68 32.94 -32.50
CA PRO C 270 17.90 34.18 -32.41
C PRO C 270 16.76 34.35 -33.47
N ALA C 271 16.94 33.87 -34.69
CA ALA C 271 15.84 33.91 -35.66
C ALA C 271 14.66 33.05 -35.21
N VAL C 272 14.97 31.87 -34.65
CA VAL C 272 13.89 30.91 -34.31
C VAL C 272 13.12 31.33 -33.04
N LYS C 273 13.84 31.79 -32.03
CA LYS C 273 13.22 32.35 -30.83
C LYS C 273 12.18 33.41 -31.25
N GLU C 274 12.57 34.35 -32.10
CA GLU C 274 11.71 35.47 -32.46
C GLU C 274 10.45 35.01 -33.24
N ALA C 275 10.71 34.14 -34.19
CA ALA C 275 9.74 33.74 -35.16
C ALA C 275 8.64 32.95 -34.49
N VAL C 276 8.98 32.29 -33.38
CA VAL C 276 8.05 31.43 -32.64
C VAL C 276 7.36 32.26 -31.57
N GLU C 277 8.13 33.14 -30.90
CA GLU C 277 7.56 33.88 -29.78
C GLU C 277 6.75 35.07 -30.17
N SER C 278 6.85 35.48 -31.43
CA SER C 278 6.04 36.53 -31.97
C SER C 278 4.81 35.94 -32.59
N ALA C 279 4.59 34.64 -32.45
CA ALA C 279 3.36 34.07 -33.02
C ALA C 279 2.13 34.64 -32.32
N ASP C 280 1.06 34.91 -33.08
CA ASP C 280 -0.20 35.29 -32.43
C ASP C 280 -1.14 34.09 -32.23
N LEU C 281 -0.63 32.92 -32.54
CA LEU C 281 -1.37 31.67 -32.41
C LEU C 281 -0.35 30.54 -32.47
N VAL C 282 -0.36 29.65 -31.49
CA VAL C 282 0.51 28.45 -31.57
C VAL C 282 -0.34 27.20 -31.73
N LEU C 283 -0.05 26.40 -32.72
CA LEU C 283 -0.67 25.11 -32.82
C LEU C 283 0.41 24.07 -32.38
N SER C 284 0.32 23.65 -31.11
CA SER C 284 1.30 22.74 -30.50
C SER C 284 0.84 21.29 -30.65
N VAL C 285 1.61 20.45 -31.31
CA VAL C 285 1.25 19.04 -31.40
C VAL C 285 2.11 18.11 -30.52
N GLY C 286 1.54 17.61 -29.41
CA GLY C 286 2.19 16.59 -28.60
C GLY C 286 3.26 17.10 -27.64
N ALA C 287 2.98 18.21 -26.97
CA ALA C 287 3.96 18.82 -26.10
C ALA C 287 4.46 17.88 -25.01
N LEU C 288 5.75 17.98 -24.70
CA LEU C 288 6.37 17.30 -23.56
C LEU C 288 7.46 18.23 -23.04
N LEU C 289 7.13 19.01 -22.02
CA LEU C 289 7.95 20.14 -21.66
C LEU C 289 9.00 19.82 -20.62
N SER C 290 9.90 18.86 -20.92
CA SER C 290 11.00 18.51 -20.00
C SER C 290 12.09 19.60 -19.93
N ASP C 291 12.84 19.70 -18.83
CA ASP C 291 14.01 20.60 -18.76
C ASP C 291 14.86 20.69 -20.03
N PHE C 292 15.43 19.58 -20.50
CA PHE C 292 16.30 19.69 -21.71
C PHE C 292 15.52 19.92 -22.98
N ASN C 293 14.25 19.48 -23.02
CA ASN C 293 13.46 19.77 -24.18
C ASN C 293 13.16 21.28 -24.40
N THR C 294 13.21 22.07 -23.34
CA THR C 294 12.69 23.43 -23.38
C THR C 294 13.71 24.47 -22.94
N GLY C 295 14.98 24.17 -23.13
CA GLY C 295 16.03 25.11 -22.73
C GLY C 295 15.91 25.42 -21.25
N SER C 296 15.70 24.39 -20.43
CA SER C 296 15.45 24.56 -19.00
C SER C 296 14.20 25.38 -18.70
N PHE C 297 13.09 24.99 -19.29
CA PHE C 297 11.81 25.60 -19.09
C PHE C 297 11.80 27.09 -19.47
N SER C 298 12.38 27.45 -20.61
CA SER C 298 12.55 28.87 -20.92
C SER C 298 11.71 29.43 -22.10
N TYR C 299 10.61 28.73 -22.44
CA TYR C 299 9.66 29.23 -23.45
C TYR C 299 9.19 30.59 -22.96
N SER C 300 9.05 31.52 -23.89
CA SER C 300 8.59 32.84 -23.57
C SER C 300 7.62 33.26 -24.67
N TYR C 301 6.55 32.49 -24.86
CA TYR C 301 5.57 32.89 -25.85
C TYR C 301 4.91 34.20 -25.40
N LYS C 302 4.69 35.07 -26.39
CA LYS C 302 4.05 36.35 -26.16
C LYS C 302 2.54 36.25 -26.42
N THR C 303 1.99 35.05 -26.59
CA THR C 303 0.55 34.93 -26.85
C THR C 303 -0.11 34.04 -25.82
N LYS C 304 -1.25 34.41 -25.32
CA LYS C 304 -2.13 33.41 -24.77
C LYS C 304 -2.85 32.39 -25.60
N ASN C 305 -2.91 32.65 -26.88
CA ASN C 305 -3.48 31.77 -27.91
C ASN C 305 -2.64 30.52 -28.20
N ILE C 306 -2.62 29.61 -27.23
CA ILE C 306 -1.89 28.36 -27.33
C ILE C 306 -2.94 27.26 -27.42
N VAL C 307 -2.93 26.50 -28.52
CA VAL C 307 -3.68 25.22 -28.66
C VAL C 307 -2.67 24.07 -28.47
N GLU C 308 -2.94 23.17 -27.54
CA GLU C 308 -2.12 22.02 -27.34
C GLU C 308 -2.92 20.78 -27.70
N PHE C 309 -2.54 20.10 -28.79
CA PHE C 309 -3.06 18.78 -29.10
C PHE C 309 -2.25 17.74 -28.36
N HIS C 310 -2.97 16.78 -27.78
CA HIS C 310 -2.37 15.72 -26.98
C HIS C 310 -3.10 14.50 -27.32
N SER C 311 -2.51 13.37 -26.97
CA SER C 311 -3.06 12.07 -27.37
C SER C 311 -4.50 11.87 -26.90
N ASP C 312 -4.79 12.32 -25.68
CA ASP C 312 -6.07 11.96 -25.06
C ASP C 312 -6.97 13.13 -24.67
N TYR C 313 -6.47 14.36 -24.86
CA TYR C 313 -7.24 15.56 -24.55
C TYR C 313 -6.72 16.76 -25.40
N THR C 314 -7.42 17.88 -25.37
CA THR C 314 -6.96 19.07 -26.10
C THR C 314 -7.05 20.24 -25.12
N LYS C 315 -6.02 21.09 -25.10
CA LYS C 315 -6.15 22.38 -24.42
C LYS C 315 -6.21 23.49 -25.47
N ILE C 316 -7.01 24.51 -25.18
CA ILE C 316 -7.12 25.72 -25.98
C ILE C 316 -7.08 26.80 -24.94
N ARG C 317 -5.96 27.49 -24.90
CA ARG C 317 -5.73 28.47 -23.86
C ARG C 317 -5.69 27.94 -22.45
N SER C 318 -6.59 28.44 -21.61
CA SER C 318 -6.76 27.97 -20.22
C SER C 318 -7.76 26.82 -20.09
N ALA C 319 -8.50 26.55 -21.16
CA ALA C 319 -9.50 25.51 -21.18
C ALA C 319 -8.93 24.13 -21.48
N THR C 320 -9.34 23.15 -20.71
CA THR C 320 -9.08 21.75 -21.07
C THR C 320 -10.33 21.09 -21.65
N PHE C 321 -10.15 20.34 -22.73
CA PHE C 321 -11.21 19.50 -23.24
C PHE C 321 -10.84 18.04 -23.04
N PRO C 322 -11.21 17.46 -21.86
CA PRO C 322 -10.83 16.05 -21.55
C PRO C 322 -11.38 15.10 -22.61
N GLY C 323 -10.59 14.10 -22.98
CA GLY C 323 -11.14 13.09 -23.89
C GLY C 323 -11.07 13.42 -25.36
N VAL C 324 -10.84 14.67 -25.70
CA VAL C 324 -10.55 15.09 -27.05
C VAL C 324 -9.26 14.74 -27.75
N GLN C 325 -9.19 13.58 -28.37
CA GLN C 325 -7.95 12.98 -28.79
C GLN C 325 -7.41 13.60 -30.11
N MET C 326 -6.10 13.88 -30.16
CA MET C 326 -5.53 14.61 -31.31
C MET C 326 -5.64 13.90 -32.66
N LYS C 327 -5.46 12.57 -32.67
CA LYS C 327 -5.52 11.88 -33.95
C LYS C 327 -6.83 12.24 -34.72
N PHE C 328 -7.99 11.91 -34.15
CA PHE C 328 -9.26 12.29 -34.76
C PHE C 328 -9.60 13.78 -34.81
N ALA C 329 -9.19 14.56 -33.79
CA ALA C 329 -9.46 15.99 -33.79
C ALA C 329 -8.75 16.64 -35.00
N LEU C 330 -7.45 16.34 -35.15
CA LEU C 330 -6.67 16.81 -36.28
C LEU C 330 -7.27 16.37 -37.60
N GLN C 331 -7.78 15.15 -37.68
CA GLN C 331 -8.40 14.67 -38.91
C GLN C 331 -9.63 15.50 -39.30
N LYS C 332 -10.41 15.81 -38.28
CA LYS C 332 -11.59 16.62 -38.41
C LYS C 332 -11.24 18.05 -38.77
N LEU C 333 -10.26 18.63 -38.07
CA LEU C 333 -9.78 19.96 -38.40
C LEU C 333 -9.40 20.07 -39.89
N LEU C 334 -8.87 18.98 -40.43
CA LEU C 334 -8.17 19.01 -41.69
C LEU C 334 -9.20 19.14 -42.81
N THR C 335 -10.42 18.68 -42.57
CA THR C 335 -11.49 18.84 -43.53
C THR C 335 -11.93 20.33 -43.69
N LYS C 336 -11.69 21.15 -42.68
CA LYS C 336 -12.08 22.56 -42.68
C LYS C 336 -10.93 23.61 -42.64
N VAL C 337 -9.71 23.20 -42.30
CA VAL C 337 -8.62 24.18 -42.10
C VAL C 337 -8.17 24.98 -43.38
N ALA C 338 -8.31 24.38 -44.56
CA ALA C 338 -7.91 25.10 -45.81
C ALA C 338 -8.78 26.34 -45.97
N ASP C 339 -10.07 26.18 -45.73
CA ASP C 339 -10.96 27.33 -45.83
C ASP C 339 -10.76 28.41 -44.76
N ALA C 340 -10.68 27.98 -43.51
CA ALA C 340 -10.18 28.82 -42.39
C ALA C 340 -8.87 29.62 -42.64
N ALA C 341 -7.82 28.95 -43.12
CA ALA C 341 -6.56 29.65 -43.48
C ALA C 341 -6.54 30.33 -44.87
N LYS C 342 -7.65 30.33 -45.60
CA LYS C 342 -7.65 30.93 -46.96
C LYS C 342 -7.12 32.40 -46.99
N GLY C 343 -7.42 33.18 -45.97
CA GLY C 343 -6.92 34.57 -45.93
C GLY C 343 -5.51 34.80 -45.42
N TYR C 344 -4.71 33.75 -45.29
CA TYR C 344 -3.42 33.87 -44.60
C TYR C 344 -2.33 34.19 -45.62
N LYS C 345 -1.56 35.25 -45.32
CA LYS C 345 -0.41 35.73 -46.14
C LYS C 345 0.79 35.15 -45.48
N PRO C 346 1.44 34.20 -46.18
CA PRO C 346 2.54 33.47 -45.59
C PRO C 346 3.66 34.39 -45.11
N VAL C 347 3.94 34.40 -43.82
CA VAL C 347 5.13 35.09 -43.39
C VAL C 347 6.41 34.26 -43.72
N PRO C 348 7.55 34.96 -43.96
CA PRO C 348 8.82 34.31 -44.14
C PRO C 348 9.23 33.44 -42.93
N VAL C 349 9.88 32.31 -43.19
CA VAL C 349 10.40 31.45 -42.12
C VAL C 349 11.88 31.78 -41.96
N PRO C 350 12.47 31.51 -40.76
CA PRO C 350 13.92 31.63 -40.61
C PRO C 350 14.72 30.75 -41.60
N SER C 351 15.80 31.38 -42.09
CA SER C 351 16.57 30.98 -43.28
C SER C 351 17.10 29.56 -43.35
N GLU C 352 17.32 28.94 -42.20
CA GLU C 352 18.09 27.68 -42.09
C GLU C 352 19.52 28.14 -41.83
N PRO C 353 20.36 27.22 -41.29
CA PRO C 353 21.68 27.77 -40.94
C PRO C 353 22.61 27.76 -42.16
N GLU C 354 23.77 28.36 -42.00
CA GLU C 354 25.02 27.69 -42.42
C GLU C 354 25.08 26.82 -43.72
N HIS C 355 25.94 25.80 -43.60
CA HIS C 355 26.88 25.31 -44.59
C HIS C 355 28.16 25.88 -44.00
N ASN C 356 29.08 25.00 -43.65
CA ASN C 356 30.41 25.42 -43.22
C ASN C 356 31.13 26.07 -44.42
N GLU C 357 31.77 27.21 -44.23
CA GLU C 357 32.61 27.76 -45.29
C GLU C 357 33.88 26.88 -45.39
N ALA C 358 34.48 26.79 -46.57
CA ALA C 358 35.68 25.92 -46.74
C ALA C 358 36.81 26.38 -45.81
N VAL C 359 37.57 25.41 -45.31
CA VAL C 359 38.76 25.66 -44.48
C VAL C 359 39.91 24.73 -44.93
N ALA C 360 41.11 24.97 -44.39
CA ALA C 360 42.28 24.09 -44.60
C ALA C 360 41.89 22.65 -44.24
N ASP C 361 42.27 21.68 -45.08
CA ASP C 361 41.97 20.29 -44.81
C ASP C 361 42.50 19.75 -43.49
N SER C 362 43.53 20.42 -42.97
CA SER C 362 44.23 20.05 -41.76
C SER C 362 43.57 20.59 -40.51
N THR C 363 42.48 21.35 -40.68
CA THR C 363 41.76 22.00 -39.59
C THR C 363 41.25 20.92 -38.61
N PRO C 364 41.61 21.05 -37.32
CA PRO C 364 41.14 19.99 -36.41
C PRO C 364 39.58 19.99 -36.34
N LEU C 365 38.99 18.80 -36.28
CA LEU C 365 37.55 18.61 -36.08
C LEU C 365 37.04 19.37 -34.85
N LYS C 366 35.94 20.12 -35.02
CA LYS C 366 35.21 20.82 -33.92
C LYS C 366 33.72 20.47 -33.93
N GLN C 367 33.11 20.42 -32.74
CA GLN C 367 31.68 20.08 -32.59
C GLN C 367 30.78 20.97 -33.49
N GLU C 368 30.95 22.26 -33.42
CA GLU C 368 30.08 23.13 -34.15
C GLU C 368 30.13 22.81 -35.64
N TRP C 369 31.32 22.54 -36.13
CA TRP C 369 31.61 22.18 -37.51
C TRP C 369 30.96 20.86 -37.89
N VAL C 370 31.21 19.84 -37.09
CA VAL C 370 30.70 18.49 -37.36
C VAL C 370 29.17 18.48 -37.50
N TRP C 371 28.49 19.10 -36.54
CA TRP C 371 27.01 19.10 -36.51
C TRP C 371 26.38 19.69 -37.75
N THR C 372 26.94 20.79 -38.23
CA THR C 372 26.58 21.38 -39.53
C THR C 372 26.90 20.46 -40.71
N GLN C 373 28.06 19.82 -40.67
CA GLN C 373 28.52 18.96 -41.75
C GLN C 373 27.75 17.68 -41.93
N VAL C 374 27.23 17.15 -40.82
CA VAL C 374 26.52 15.89 -40.84
C VAL C 374 25.40 16.00 -41.89
N GLY C 375 24.92 17.22 -42.13
CA GLY C 375 23.80 17.46 -43.03
C GLY C 375 24.09 17.01 -44.44
N GLU C 376 25.36 17.14 -44.86
CA GLU C 376 25.80 16.80 -46.25
C GLU C 376 25.77 15.28 -46.50
N PHE C 377 25.99 14.51 -45.43
CA PHE C 377 26.08 13.05 -45.45
C PHE C 377 24.69 12.41 -45.45
N LEU C 378 23.77 13.03 -44.68
CA LEU C 378 22.44 12.47 -44.45
C LEU C 378 21.61 12.36 -45.71
N ARG C 379 20.90 11.24 -45.87
CA ARG C 379 19.91 11.10 -46.97
C ARG C 379 18.49 10.76 -46.48
N GLU C 380 17.51 11.11 -47.30
CA GLU C 380 16.13 10.74 -47.06
C GLU C 380 16.00 9.29 -46.64
N GLY C 381 15.30 9.04 -45.53
CA GLY C 381 15.16 7.67 -45.02
C GLY C 381 16.18 7.26 -44.01
N ASP C 382 17.17 8.11 -43.73
CA ASP C 382 18.08 7.78 -42.62
C ASP C 382 17.36 7.72 -41.24
N VAL C 383 17.92 6.88 -40.36
CA VAL C 383 17.55 6.83 -38.96
C VAL C 383 18.79 7.40 -38.26
N VAL C 384 18.59 8.48 -37.51
CA VAL C 384 19.70 9.19 -36.86
C VAL C 384 19.59 9.19 -35.32
N ILE C 385 20.50 8.45 -34.69
CA ILE C 385 20.41 8.19 -33.28
C ILE C 385 21.59 8.86 -32.60
N THR C 386 21.27 9.69 -31.60
CA THR C 386 22.19 10.55 -30.85
C THR C 386 22.08 10.39 -29.30
N GLU C 387 23.22 10.03 -28.70
CA GLU C 387 23.34 9.83 -27.25
C GLU C 387 23.31 11.11 -26.52
N THR C 388 22.70 11.03 -25.34
CA THR C 388 22.81 12.01 -24.27
C THR C 388 24.28 12.37 -24.06
N GLY C 389 24.59 13.66 -23.96
CA GLY C 389 25.96 14.15 -24.10
C GLY C 389 26.05 15.19 -25.22
N THR C 390 27.27 15.53 -25.64
CA THR C 390 27.46 16.59 -26.64
C THR C 390 26.61 16.34 -27.89
N SER C 391 26.41 15.07 -28.25
CA SER C 391 25.71 14.63 -29.48
C SER C 391 24.23 14.96 -29.54
N ALA C 392 23.53 14.65 -28.44
CA ALA C 392 22.12 15.01 -28.22
C ALA C 392 21.89 16.53 -28.45
N PHE C 393 22.67 17.36 -27.76
CA PHE C 393 22.67 18.78 -27.98
C PHE C 393 23.11 19.14 -29.38
N GLY C 394 24.08 18.44 -29.93
CA GLY C 394 24.64 18.83 -31.21
C GLY C 394 23.77 18.62 -32.42
N ILE C 395 23.09 17.47 -32.48
CA ILE C 395 22.20 17.17 -33.55
C ILE C 395 21.13 18.25 -33.76
N ASN C 396 20.86 19.07 -32.75
CA ASN C 396 19.85 20.08 -32.97
C ASN C 396 20.23 21.11 -34.03
N GLN C 397 21.55 21.36 -34.22
CA GLN C 397 22.01 22.21 -35.31
C GLN C 397 22.12 21.51 -36.66
N THR C 398 21.93 20.19 -36.70
CA THR C 398 22.00 19.48 -37.95
C THR C 398 20.71 19.64 -38.68
N HIS C 399 20.80 19.94 -39.99
CA HIS C 399 19.65 20.04 -40.87
C HIS C 399 19.38 18.65 -41.51
N PHE C 400 18.18 18.12 -41.27
CA PHE C 400 17.80 16.83 -41.76
C PHE C 400 17.20 16.92 -43.15
N PRO C 401 17.47 15.90 -44.01
CA PRO C 401 16.69 15.74 -45.26
C PRO C 401 15.29 15.36 -44.86
N ASN C 402 14.33 15.61 -45.74
CA ASN C 402 13.00 15.10 -45.49
C ASN C 402 13.05 13.61 -45.16
N ASN C 403 12.01 13.13 -44.50
CA ASN C 403 11.86 11.73 -44.13
C ASN C 403 13.08 11.11 -43.41
N THR C 404 13.62 11.83 -42.44
CA THR C 404 14.65 11.32 -41.54
C THR C 404 13.95 10.97 -40.23
N TYR C 405 14.34 9.85 -39.62
CA TYR C 405 13.77 9.41 -38.36
C TYR C 405 14.81 9.59 -37.27
N GLY C 406 14.55 10.47 -36.30
CA GLY C 406 15.56 10.75 -35.25
C GLY C 406 15.23 10.08 -33.91
N ILE C 407 16.25 9.62 -33.18
CA ILE C 407 16.00 9.00 -31.88
C ILE C 407 16.88 9.72 -30.89
N SER C 408 16.29 10.43 -29.94
CA SER C 408 17.10 11.16 -28.98
C SER C 408 16.31 11.21 -27.72
N GLN C 409 16.91 10.70 -26.66
CA GLN C 409 16.16 10.32 -25.49
C GLN C 409 16.22 11.45 -24.46
N VAL C 410 15.60 12.57 -24.82
CA VAL C 410 15.79 13.87 -24.12
C VAL C 410 15.23 13.91 -22.68
N LEU C 411 14.06 13.28 -22.46
CA LEU C 411 13.53 13.11 -21.10
C LEU C 411 14.29 12.08 -20.26
N TRP C 412 14.31 10.81 -20.69
CA TRP C 412 14.94 9.80 -19.84
C TRP C 412 16.49 9.99 -19.72
N GLY C 413 17.19 10.16 -20.83
CA GLY C 413 18.60 10.54 -20.78
C GLY C 413 19.57 9.54 -20.11
N SER C 414 19.37 8.27 -20.38
CA SER C 414 20.20 7.21 -19.88
C SER C 414 21.37 6.90 -20.88
N ILE C 415 22.58 7.29 -20.50
CA ILE C 415 23.70 7.11 -21.39
C ILE C 415 23.91 5.60 -21.57
N GLY C 416 24.19 5.24 -22.83
CA GLY C 416 24.34 3.85 -23.17
C GLY C 416 23.14 3.29 -23.90
N PHE C 417 21.99 3.88 -23.69
CA PHE C 417 20.78 3.50 -24.41
C PHE C 417 21.05 3.32 -25.91
N THR C 418 21.87 4.20 -26.49
CA THR C 418 21.87 4.29 -27.96
C THR C 418 22.45 3.12 -28.65
N THR C 419 23.45 2.47 -28.07
CA THR C 419 24.00 1.25 -28.66
C THR C 419 22.88 0.17 -28.76
N GLY C 420 22.10 0.02 -27.70
CA GLY C 420 21.04 -0.95 -27.73
C GLY C 420 20.03 -0.49 -28.73
N ALA C 421 19.67 0.80 -28.68
CA ALA C 421 18.67 1.32 -29.60
C ALA C 421 19.07 1.22 -31.09
N THR C 422 20.33 1.47 -31.40
CA THR C 422 20.87 1.21 -32.74
C THR C 422 20.60 -0.23 -33.21
N LEU C 423 20.88 -1.19 -32.35
CA LEU C 423 20.59 -2.59 -32.69
C LEU C 423 19.11 -2.79 -33.04
N GLY C 424 18.21 -2.27 -32.21
CA GLY C 424 16.81 -2.54 -32.44
C GLY C 424 16.28 -1.82 -33.67
N ALA C 425 16.73 -0.59 -33.87
CA ALA C 425 16.40 0.24 -35.04
C ALA C 425 16.90 -0.45 -36.34
N ALA C 426 18.15 -0.95 -36.31
CA ALA C 426 18.70 -1.66 -37.45
C ALA C 426 17.97 -2.97 -37.75
N PHE C 427 17.55 -3.74 -36.74
CA PHE C 427 16.66 -4.90 -37.05
C PHE C 427 15.38 -4.39 -37.73
N ALA C 428 14.74 -3.37 -37.17
CA ALA C 428 13.49 -2.85 -37.71
C ALA C 428 13.70 -2.28 -39.12
N ALA C 429 14.73 -1.43 -39.30
CA ALA C 429 15.05 -0.80 -40.60
C ALA C 429 15.28 -1.85 -41.65
N GLU C 430 15.91 -2.94 -41.25
CA GLU C 430 16.13 -4.06 -42.16
C GLU C 430 14.82 -4.66 -42.62
N GLU C 431 13.88 -4.83 -41.69
CA GLU C 431 12.56 -5.40 -42.05
C GLU C 431 11.73 -4.38 -42.83
N ILE C 432 12.01 -3.10 -42.71
CA ILE C 432 11.23 -2.12 -43.46
C ILE C 432 11.78 -1.95 -44.87
N ASP C 433 13.08 -1.66 -44.95
CA ASP C 433 13.80 -1.40 -46.19
C ASP C 433 15.34 -1.50 -45.98
N PRO C 434 15.98 -2.52 -46.60
CA PRO C 434 17.41 -2.74 -46.45
C PRO C 434 18.27 -1.56 -46.92
N LYS C 435 17.70 -0.65 -47.71
CA LYS C 435 18.38 0.64 -48.06
C LYS C 435 18.41 1.73 -46.95
N LYS C 436 17.54 1.59 -45.94
CA LYS C 436 17.47 2.54 -44.83
C LYS C 436 18.76 2.36 -44.03
N ARG C 437 19.48 3.45 -43.80
CA ARG C 437 20.74 3.42 -43.09
C ARG C 437 20.43 3.84 -41.65
N VAL C 438 21.21 3.31 -40.72
CA VAL C 438 21.04 3.61 -39.32
C VAL C 438 22.34 4.20 -38.93
N ILE C 439 22.26 5.42 -38.41
CA ILE C 439 23.45 6.24 -38.13
C ILE C 439 23.47 6.70 -36.68
N LEU C 440 24.51 6.30 -35.97
CA LEU C 440 24.65 6.57 -34.56
C LEU C 440 25.77 7.56 -34.26
N PHE C 441 25.49 8.53 -33.39
CA PHE C 441 26.46 9.36 -32.75
C PHE C 441 26.44 9.09 -31.22
N ILE C 442 27.51 8.53 -30.69
CA ILE C 442 27.58 8.18 -29.26
C ILE C 442 28.89 8.63 -28.69
N GLY C 443 28.89 9.25 -27.52
CA GLY C 443 30.17 9.64 -26.90
C GLY C 443 30.99 8.41 -26.51
N ASP C 444 32.31 8.62 -26.32
CA ASP C 444 33.19 7.56 -25.81
C ASP C 444 32.82 7.04 -24.41
N GLY C 445 32.37 7.91 -23.54
CA GLY C 445 31.88 7.51 -22.22
C GLY C 445 30.61 6.68 -22.29
N SER C 446 29.61 7.14 -23.05
CA SER C 446 28.31 6.44 -23.13
C SER C 446 28.49 5.06 -23.67
N LEU C 447 29.44 4.92 -24.63
CA LEU C 447 29.70 3.67 -25.27
C LEU C 447 30.14 2.53 -24.33
N GLN C 448 30.90 2.90 -23.31
CA GLN C 448 31.36 1.93 -22.36
C GLN C 448 30.27 1.14 -21.62
N LEU C 449 29.10 1.73 -21.39
CA LEU C 449 28.09 1.09 -20.53
C LEU C 449 27.43 -0.05 -21.30
N THR C 450 27.43 0.06 -22.65
CA THR C 450 26.65 -0.83 -23.46
C THR C 450 27.43 -1.43 -24.65
N VAL C 451 28.76 -1.29 -24.63
CA VAL C 451 29.63 -1.74 -25.73
C VAL C 451 29.32 -3.12 -26.34
N GLN C 452 28.99 -4.12 -25.53
CA GLN C 452 28.83 -5.51 -26.00
C GLN C 452 27.68 -5.66 -26.94
N GLU C 453 26.73 -4.72 -26.96
CA GLU C 453 25.65 -4.91 -27.97
C GLU C 453 26.09 -4.75 -29.42
N ILE C 454 27.29 -4.19 -29.66
CA ILE C 454 27.89 -4.16 -31.01
C ILE C 454 28.02 -5.61 -31.46
N SER C 455 28.31 -6.51 -30.51
CA SER C 455 28.39 -7.93 -30.83
C SER C 455 27.18 -8.48 -31.55
N THR C 456 25.98 -8.05 -31.13
CA THR C 456 24.75 -8.64 -31.62
C THR C 456 24.46 -8.10 -33.00
N MET C 457 24.99 -6.92 -33.27
CA MET C 457 24.86 -6.30 -34.57
C MET C 457 25.71 -7.11 -35.56
N ILE C 458 26.97 -7.40 -35.16
CA ILE C 458 27.89 -8.22 -35.98
C ILE C 458 27.27 -9.59 -36.25
N ARG C 459 26.72 -10.19 -35.21
CA ARG C 459 26.17 -11.49 -35.32
C ARG C 459 25.08 -11.56 -36.37
N TRP C 460 24.25 -10.53 -36.46
CA TRP C 460 23.16 -10.53 -37.44
C TRP C 460 23.51 -9.93 -38.84
N GLY C 461 24.77 -9.49 -39.00
CA GLY C 461 25.24 -8.86 -40.21
C GLY C 461 24.53 -7.54 -40.39
N LEU C 462 24.37 -6.77 -39.32
CA LEU C 462 23.72 -5.44 -39.39
C LEU C 462 24.76 -4.39 -39.77
N LYS C 463 24.32 -3.35 -40.48
CA LYS C 463 25.28 -2.39 -41.05
C LYS C 463 25.18 -0.93 -40.56
N PRO C 464 25.10 -0.70 -39.23
CA PRO C 464 24.96 0.73 -38.90
C PRO C 464 26.29 1.47 -38.97
N TYR C 465 26.24 2.79 -38.93
CA TYR C 465 27.41 3.61 -38.87
C TYR C 465 27.50 4.08 -37.43
N LEU C 466 28.54 3.65 -36.75
CA LEU C 466 28.79 3.92 -35.36
C LEU C 466 29.85 5.00 -35.26
N PHE C 467 29.41 6.26 -35.28
CA PHE C 467 30.28 7.37 -34.92
C PHE C 467 30.47 7.49 -33.41
N VAL C 468 31.68 7.21 -32.96
CA VAL C 468 32.06 7.34 -31.57
C VAL C 468 32.84 8.66 -31.37
N LEU C 469 32.36 9.52 -30.46
CA LEU C 469 32.96 10.85 -30.25
C LEU C 469 33.93 10.75 -29.07
N ASN C 470 35.19 10.66 -29.43
CA ASN C 470 36.27 10.53 -28.53
C ASN C 470 36.80 11.91 -28.17
N ASN C 471 36.35 12.46 -27.02
CA ASN C 471 36.84 13.73 -26.51
C ASN C 471 37.44 13.47 -25.15
N ASP C 472 37.98 12.25 -24.98
CA ASP C 472 38.73 11.91 -23.77
C ASP C 472 37.94 11.92 -22.40
N GLY C 473 36.70 11.42 -22.40
CA GLY C 473 35.91 11.50 -21.13
C GLY C 473 34.49 12.04 -21.18
N TYR C 474 34.01 12.53 -20.04
CA TYR C 474 32.61 12.89 -19.92
C TYR C 474 32.41 14.37 -20.20
N THR C 475 32.28 14.74 -21.48
CA THR C 475 32.44 16.15 -21.78
C THR C 475 31.28 16.98 -21.27
N ILE C 476 30.06 16.55 -21.57
CA ILE C 476 28.90 17.19 -20.98
C ILE C 476 29.00 17.41 -19.42
N GLU C 477 29.60 16.46 -18.70
CA GLU C 477 29.74 16.62 -17.27
C GLU C 477 30.81 17.66 -16.89
N ARG C 478 32.00 17.61 -17.51
CA ARG C 478 33.05 18.63 -17.23
C ARG C 478 32.55 20.05 -17.34
N LEU C 479 31.59 20.24 -18.25
CA LEU C 479 30.97 21.54 -18.47
C LEU C 479 30.02 21.91 -17.31
N ILE C 480 29.33 20.91 -16.76
CA ILE C 480 28.42 21.05 -15.60
C ILE C 480 29.23 21.40 -14.33
N HIS C 481 30.19 20.53 -13.97
CA HIS C 481 30.90 20.59 -12.68
C HIS C 481 32.09 19.62 -12.69
N GLY C 482 33.25 20.05 -12.20
CA GLY C 482 34.40 19.14 -12.17
C GLY C 482 35.13 18.99 -13.50
N GLU C 483 35.59 20.12 -14.01
CA GLU C 483 36.22 20.16 -15.30
C GLU C 483 37.44 19.22 -15.42
N THR C 484 38.14 19.02 -14.30
CA THR C 484 39.31 18.09 -14.28
C THR C 484 39.14 16.91 -13.30
N ALA C 485 37.94 16.77 -12.73
CA ALA C 485 37.61 15.76 -11.73
C ALA C 485 37.85 14.37 -12.31
N GLN C 486 38.51 13.53 -11.53
CA GLN C 486 38.85 12.20 -12.01
C GLN C 486 37.57 11.39 -12.39
N TYR C 487 36.45 11.63 -11.70
CA TYR C 487 35.18 10.98 -12.00
C TYR C 487 34.62 11.35 -13.36
N ASN C 488 35.16 12.41 -13.96
CA ASN C 488 34.81 12.77 -15.38
C ASN C 488 35.66 12.13 -16.47
N CYS C 489 36.69 11.37 -16.05
CA CYS C 489 37.55 10.67 -17.00
C CYS C 489 37.22 9.20 -17.14
N ILE C 490 37.68 8.57 -18.23
CA ILE C 490 37.38 7.19 -18.49
C ILE C 490 38.67 6.41 -18.88
N GLN C 491 38.66 5.10 -18.66
CA GLN C 491 39.71 4.29 -19.25
C GLN C 491 39.65 4.56 -20.76
N ASN C 492 40.77 4.90 -21.39
CA ASN C 492 40.88 5.04 -22.85
C ASN C 492 40.89 3.66 -23.51
N TRP C 493 40.03 3.42 -24.50
CA TRP C 493 39.83 2.13 -25.17
C TRP C 493 40.33 2.22 -26.62
N GLN C 494 40.74 1.11 -27.20
CA GLN C 494 41.12 1.17 -28.59
C GLN C 494 39.88 0.95 -29.45
N HIS C 495 39.16 2.04 -29.71
CA HIS C 495 37.86 1.94 -30.41
C HIS C 495 37.88 1.23 -31.73
N LEU C 496 38.99 1.28 -32.46
CA LEU C 496 39.02 0.67 -33.80
C LEU C 496 39.18 -0.84 -33.70
N GLU C 497 39.52 -1.33 -32.52
CA GLU C 497 39.65 -2.78 -32.27
C GLU C 497 38.36 -3.47 -31.78
N LEU C 498 37.34 -2.69 -31.48
CA LEU C 498 36.12 -3.24 -30.90
C LEU C 498 35.46 -4.27 -31.82
N LEU C 499 35.31 -3.92 -33.08
CA LEU C 499 34.66 -4.80 -34.05
C LEU C 499 35.44 -6.12 -34.28
N PRO C 500 36.76 -6.04 -34.54
CA PRO C 500 37.36 -7.39 -34.71
C PRO C 500 37.35 -8.18 -33.42
N THR C 501 37.55 -7.53 -32.27
CA THR C 501 37.43 -8.24 -30.96
C THR C 501 36.11 -9.01 -30.76
N PHE C 502 35.03 -8.52 -31.34
CA PHE C 502 33.72 -9.16 -31.15
C PHE C 502 33.37 -10.00 -32.35
N GLY C 503 34.39 -10.28 -33.17
CA GLY C 503 34.27 -11.26 -34.27
C GLY C 503 33.80 -10.72 -35.61
N ALA C 504 33.95 -9.42 -35.83
CA ALA C 504 33.58 -8.92 -37.15
C ALA C 504 34.61 -9.42 -38.15
N LYS C 505 34.14 -9.89 -39.29
CA LYS C 505 35.05 -10.16 -40.38
C LYS C 505 34.90 -9.14 -41.54
N ASP C 506 33.65 -8.81 -41.86
CA ASP C 506 33.32 -7.76 -42.85
C ASP C 506 32.95 -6.41 -42.19
N TYR C 507 33.87 -5.44 -42.15
CA TYR C 507 33.69 -4.21 -41.38
C TYR C 507 34.76 -3.18 -41.69
N GLU C 508 34.51 -1.90 -41.41
CA GLU C 508 35.57 -0.89 -41.54
C GLU C 508 35.67 -0.19 -40.25
N ALA C 509 36.84 0.17 -39.80
CA ALA C 509 36.96 0.95 -38.57
C ALA C 509 37.99 2.02 -38.92
N VAL C 510 37.63 3.32 -38.75
CA VAL C 510 38.50 4.42 -39.18
C VAL C 510 38.47 5.61 -38.23
N ARG C 511 39.58 6.31 -38.06
CA ARG C 511 39.61 7.43 -37.15
C ARG C 511 39.65 8.67 -38.01
N VAL C 512 39.04 9.79 -37.59
CA VAL C 512 39.07 11.04 -38.37
C VAL C 512 39.31 12.16 -37.36
N SER C 513 40.29 13.05 -37.63
CA SER C 513 40.67 14.11 -36.66
C SER C 513 40.57 15.55 -37.22
N THR C 514 40.40 15.69 -38.53
CA THR C 514 40.35 17.00 -39.22
C THR C 514 39.21 17.09 -40.24
N THR C 515 38.97 18.30 -40.73
CA THR C 515 37.90 18.53 -41.72
C THR C 515 38.17 17.77 -42.99
N GLY C 516 39.45 17.82 -43.40
CA GLY C 516 39.93 17.07 -44.56
C GLY C 516 39.62 15.59 -44.47
N GLU C 517 39.94 14.96 -43.33
CA GLU C 517 39.67 13.50 -43.15
C GLU C 517 38.17 13.23 -43.04
N TRP C 518 37.48 14.12 -42.34
CA TRP C 518 36.03 14.02 -42.24
C TRP C 518 35.46 13.89 -43.68
N ASN C 519 35.86 14.80 -44.57
CA ASN C 519 35.20 14.90 -45.86
C ASN C 519 35.63 13.79 -46.76
N LYS C 520 36.90 13.40 -46.62
CA LYS C 520 37.47 12.30 -47.42
C LYS C 520 36.67 10.98 -47.28
N LEU C 521 36.28 10.70 -46.05
CA LEU C 521 35.39 9.58 -45.71
C LEU C 521 33.93 9.71 -46.21
N THR C 522 33.26 10.76 -45.74
CA THR C 522 31.82 10.94 -45.84
C THR C 522 31.33 11.33 -47.23
N THR C 523 32.25 11.74 -48.11
CA THR C 523 31.91 12.07 -49.51
C THR C 523 32.29 10.95 -50.39
N ASP C 524 32.82 9.88 -49.80
CA ASP C 524 33.20 8.70 -50.57
C ASP C 524 31.94 7.93 -50.90
N GLU C 525 31.77 7.61 -52.16
CA GLU C 525 30.50 7.08 -52.62
C GLU C 525 30.27 5.68 -52.00
N LYS C 526 31.39 4.94 -51.88
CA LYS C 526 31.38 3.60 -51.31
C LYS C 526 31.03 3.61 -49.80
N PHE C 527 31.62 4.56 -49.05
CA PHE C 527 31.31 4.78 -47.63
C PHE C 527 29.85 5.10 -47.38
N GLN C 528 29.24 5.81 -48.31
CA GLN C 528 27.84 6.26 -48.22
C GLN C 528 26.84 5.14 -48.47
N ASP C 529 27.34 3.98 -48.88
CA ASP C 529 26.54 2.78 -48.99
C ASP C 529 26.63 1.90 -47.75
N ASN C 530 25.47 1.39 -47.29
CA ASN C 530 25.40 0.54 -46.10
C ASN C 530 25.66 -0.91 -46.47
N THR C 531 26.94 -1.18 -46.74
CA THR C 531 27.36 -2.49 -47.20
C THR C 531 28.00 -3.33 -46.15
N ARG C 532 28.65 -2.70 -45.15
CA ARG C 532 29.13 -3.36 -43.92
C ARG C 532 28.94 -2.46 -42.65
N ILE C 533 29.00 -3.07 -41.45
CA ILE C 533 29.06 -2.31 -40.22
C ILE C 533 30.33 -1.49 -40.24
N ARG C 534 30.27 -0.25 -39.72
CA ARG C 534 31.44 0.68 -39.64
C ARG C 534 31.52 1.39 -38.32
N LEU C 535 32.73 1.68 -37.86
CA LEU C 535 32.90 2.52 -36.72
C LEU C 535 33.85 3.64 -37.15
N ILE C 536 33.42 4.87 -36.90
CA ILE C 536 34.19 6.02 -37.21
C ILE C 536 34.51 6.72 -35.89
N GLU C 537 35.78 6.66 -35.50
CA GLU C 537 36.22 7.37 -34.33
C GLU C 537 36.52 8.86 -34.68
N VAL C 538 35.78 9.76 -34.03
CA VAL C 538 35.82 11.18 -34.29
C VAL C 538 36.57 11.79 -33.09
N MET C 539 37.78 12.30 -33.39
CA MET C 539 38.65 12.83 -32.36
C MET C 539 38.37 14.29 -32.18
N LEU C 540 38.09 14.68 -30.94
CA LEU C 540 37.59 16.01 -30.65
C LEU C 540 38.24 16.50 -29.36
N PRO C 541 38.35 17.84 -29.19
CA PRO C 541 38.87 18.38 -27.93
C PRO C 541 37.93 18.15 -26.72
N THR C 542 38.55 18.05 -25.54
CA THR C 542 37.97 17.62 -24.29
C THR C 542 36.87 18.55 -23.82
N MET C 543 37.10 19.85 -24.01
CA MET C 543 36.15 20.83 -23.56
C MET C 543 35.32 21.38 -24.69
N ASP C 544 35.51 20.88 -25.91
CA ASP C 544 34.68 21.32 -27.04
C ASP C 544 33.21 20.82 -26.87
N ALA C 545 32.22 21.65 -27.22
CA ALA C 545 30.79 21.25 -27.14
C ALA C 545 29.97 22.15 -28.04
N PRO C 546 28.76 21.73 -28.43
CA PRO C 546 28.04 22.74 -29.26
C PRO C 546 27.68 24.00 -28.44
N SER C 547 27.51 25.14 -29.11
CA SER C 547 27.15 26.42 -28.44
C SER C 547 25.99 26.32 -27.44
N ASN C 548 24.91 25.66 -27.85
CA ASN C 548 23.74 25.49 -26.98
C ASN C 548 24.00 24.80 -25.66
N LEU C 549 24.89 23.81 -25.69
CA LEU C 549 25.13 22.97 -24.55
C LEU C 549 25.96 23.63 -23.50
N VAL C 550 26.77 24.59 -23.89
CA VAL C 550 27.48 25.38 -22.88
C VAL C 550 26.50 25.96 -21.80
N LYS C 551 25.39 26.51 -22.29
CA LYS C 551 24.49 27.30 -21.51
C LYS C 551 23.66 26.42 -20.60
N GLN C 552 23.02 25.42 -21.20
CA GLN C 552 22.22 24.49 -20.46
C GLN C 552 22.96 23.73 -19.29
N ALA C 553 24.28 23.45 -19.44
CA ALA C 553 25.14 22.94 -18.32
C ALA C 553 25.17 23.87 -17.06
N GLN C 554 25.17 25.20 -17.31
CA GLN C 554 25.21 26.25 -16.26
C GLN C 554 23.87 26.41 -15.56
N LEU C 555 22.80 26.14 -16.28
CA LEU C 555 21.44 26.30 -15.77
C LEU C 555 20.99 25.11 -14.92
N THR C 556 21.35 23.93 -15.38
CA THR C 556 21.09 22.69 -14.66
C THR C 556 21.91 22.66 -13.35
N ALA C 557 23.21 23.00 -13.40
CA ALA C 557 24.06 23.17 -12.18
C ALA C 557 23.64 24.29 -11.19
N ALA C 558 22.77 25.22 -11.63
CA ALA C 558 22.12 26.19 -10.74
C ALA C 558 20.82 25.63 -10.08
N THR C 559 19.96 24.99 -10.89
CA THR C 559 18.75 24.24 -10.44
C THR C 559 19.08 23.25 -9.26
N ASN C 560 20.10 22.43 -9.50
CA ASN C 560 20.70 21.58 -8.49
C ASN C 560 21.58 22.35 -7.52
N ALA C 561 22.02 23.54 -7.94
CA ALA C 561 23.09 24.24 -7.28
C ALA C 561 22.89 24.29 -5.79
N LYS C 562 21.93 25.09 -5.32
CA LYS C 562 20.94 24.63 -4.36
C LYS C 562 19.53 25.21 -4.56
N ASN C 563 19.43 26.46 -5.00
CA ASN C 563 18.25 26.89 -5.73
C ASN C 563 18.43 26.75 -7.23
N SER D 2 34.25 23.71 14.39
CA SER D 2 34.79 23.18 13.09
C SER D 2 33.79 22.27 12.34
N GLU D 3 33.71 22.49 11.02
CA GLU D 3 32.65 21.90 10.20
C GLU D 3 33.04 21.31 8.87
N ILE D 4 32.28 20.27 8.52
CA ILE D 4 32.48 19.50 7.29
C ILE D 4 31.13 19.50 6.56
N THR D 5 31.18 19.29 5.26
CA THR D 5 29.97 19.14 4.45
C THR D 5 29.28 17.80 4.81
N LEU D 6 27.97 17.72 4.60
CA LEU D 6 27.23 16.49 4.86
C LEU D 6 27.80 15.32 4.04
N GLY D 7 28.17 15.61 2.77
CA GLY D 7 28.90 14.70 1.92
C GLY D 7 30.24 14.20 2.48
N ARG D 8 31.03 15.10 3.06
CA ARG D 8 32.27 14.75 3.73
C ARG D 8 31.99 13.83 4.93
N TYR D 9 30.94 14.17 5.69
CA TYR D 9 30.48 13.31 6.78
C TYR D 9 30.22 11.83 6.32
N LEU D 10 29.45 11.63 5.26
CA LEU D 10 29.23 10.30 4.70
C LEU D 10 30.54 9.54 4.53
N PHE D 11 31.45 10.09 3.70
CA PHE D 11 32.71 9.41 3.37
C PHE D 11 33.66 9.14 4.56
N GLU D 12 33.63 10.05 5.55
CA GLU D 12 34.43 9.96 6.75
C GLU D 12 33.90 8.80 7.55
N ARG D 13 32.58 8.62 7.54
CA ARG D 13 31.98 7.48 8.24
C ARG D 13 32.37 6.17 7.56
N LEU D 14 32.29 6.15 6.25
CA LEU D 14 32.56 4.98 5.48
C LEU D 14 33.96 4.53 5.78
N LYS D 15 34.87 5.49 5.83
CA LYS D 15 36.30 5.30 6.18
C LYS D 15 36.47 4.65 7.55
N GLN D 16 35.61 5.02 8.51
CA GLN D 16 35.60 4.38 9.83
C GLN D 16 35.21 2.90 9.81
N VAL D 17 34.31 2.48 8.90
CA VAL D 17 34.00 1.07 8.67
C VAL D 17 34.86 0.43 7.58
N GLU D 18 36.03 1.03 7.29
CA GLU D 18 37.05 0.53 6.31
C GLU D 18 36.77 0.45 4.80
N VAL D 19 35.79 1.20 4.35
CA VAL D 19 35.48 1.29 2.93
C VAL D 19 36.48 2.31 2.39
N GLN D 20 37.24 1.94 1.37
CA GLN D 20 38.20 2.86 0.79
C GLN D 20 37.91 3.13 -0.65
N THR D 21 37.07 2.29 -1.27
CA THR D 21 36.79 2.43 -2.70
C THR D 21 35.31 2.62 -2.80
N ILE D 22 34.91 3.68 -3.49
CA ILE D 22 33.50 3.93 -3.66
C ILE D 22 33.16 3.53 -5.07
N PHE D 23 32.10 2.75 -5.21
CA PHE D 23 31.70 2.35 -6.55
C PHE D 23 30.59 3.22 -7.10
N GLY D 24 30.42 3.14 -8.41
CA GLY D 24 29.31 3.82 -9.08
C GLY D 24 29.69 4.62 -10.31
N LEU D 25 28.78 5.50 -10.73
CA LEU D 25 28.98 6.36 -11.88
C LEU D 25 28.45 7.74 -11.54
N PRO D 26 29.07 8.83 -12.08
CA PRO D 26 28.62 10.20 -11.83
C PRO D 26 27.34 10.55 -12.60
N GLY D 27 26.66 11.61 -12.15
CA GLY D 27 25.49 12.17 -12.85
C GLY D 27 25.28 13.53 -12.21
N ASP D 28 24.63 14.46 -12.89
CA ASP D 28 24.51 15.80 -12.33
C ASP D 28 24.00 15.83 -10.89
N PHE D 29 23.13 14.88 -10.55
CA PHE D 29 22.55 14.85 -9.20
C PHE D 29 23.47 14.31 -8.08
N ASN D 30 24.69 13.84 -8.39
CA ASN D 30 25.67 13.41 -7.37
C ASN D 30 27.09 13.99 -7.48
N LEU D 31 27.28 14.92 -8.39
CA LEU D 31 28.63 15.34 -8.71
C LEU D 31 29.30 16.05 -7.51
N SER D 32 28.53 16.91 -6.83
CA SER D 32 28.93 17.56 -5.57
C SER D 32 29.24 16.58 -4.47
N LEU D 33 28.44 15.54 -4.35
CA LEU D 33 28.71 14.54 -3.41
C LEU D 33 30.09 14.00 -3.67
N LEU D 34 30.41 13.79 -4.94
CA LEU D 34 31.61 13.07 -5.32
C LEU D 34 32.93 13.84 -5.05
N ASP D 35 32.89 15.17 -5.17
CA ASP D 35 34.06 16.02 -4.83
C ASP D 35 34.67 15.65 -3.49
N ASN D 36 33.81 15.31 -2.51
CA ASN D 36 34.18 15.04 -1.11
C ASN D 36 35.11 13.86 -0.93
N ILE D 37 35.05 12.93 -1.88
CA ILE D 37 35.89 11.77 -1.83
C ILE D 37 37.37 12.12 -1.89
N TYR D 38 37.73 13.15 -2.68
CA TYR D 38 39.16 13.42 -2.90
C TYR D 38 39.81 14.11 -1.69
N GLU D 39 38.96 14.59 -0.78
CA GLU D 39 39.30 15.15 0.51
C GLU D 39 39.48 14.14 1.65
N VAL D 40 39.13 12.86 1.43
CA VAL D 40 39.28 11.87 2.49
C VAL D 40 40.52 11.10 2.13
N PRO D 41 41.59 11.32 2.92
CA PRO D 41 42.82 10.57 2.71
C PRO D 41 42.55 9.03 2.53
N GLY D 42 43.07 8.50 1.41
CA GLY D 42 43.09 7.08 1.11
C GLY D 42 41.73 6.55 0.67
N MET D 43 40.81 7.48 0.36
CA MET D 43 39.53 7.17 -0.25
C MET D 43 39.66 7.31 -1.78
N ARG D 44 39.20 6.31 -2.53
CA ARG D 44 39.22 6.41 -3.99
C ARG D 44 37.83 6.08 -4.65
N TRP D 45 37.59 6.68 -5.81
CA TRP D 45 36.39 6.52 -6.59
C TRP D 45 36.85 5.59 -7.65
N ALA D 46 36.21 4.39 -7.74
CA ALA D 46 36.63 3.38 -8.75
C ALA D 46 36.41 3.83 -10.20
N GLY D 47 35.31 4.47 -10.53
CA GLY D 47 35.12 4.83 -11.95
C GLY D 47 34.57 3.68 -12.79
N ASN D 48 33.45 3.06 -12.34
CA ASN D 48 32.91 1.88 -12.99
C ASN D 48 32.41 2.17 -14.44
N ALA D 49 32.44 1.17 -15.31
CA ALA D 49 32.03 1.35 -16.71
C ALA D 49 30.51 1.20 -16.94
N ASN D 50 29.75 0.53 -16.04
CA ASN D 50 28.30 0.78 -15.85
C ASN D 50 27.83 0.53 -14.43
N GLU D 51 26.57 0.91 -14.17
CA GLU D 51 26.01 0.84 -12.80
C GLU D 51 25.74 -0.61 -12.36
N LEU D 52 25.30 -1.50 -13.27
CA LEU D 52 24.98 -2.86 -12.81
C LEU D 52 26.26 -3.56 -12.37
N ASN D 53 27.31 -3.36 -13.17
CA ASN D 53 28.69 -3.78 -12.88
C ASN D 53 29.26 -3.24 -11.54
N ALA D 54 29.01 -1.95 -11.29
CA ALA D 54 29.33 -1.28 -10.03
C ALA D 54 28.68 -1.95 -8.85
N ALA D 55 27.39 -2.29 -9.00
CA ALA D 55 26.69 -2.97 -7.90
C ALA D 55 27.32 -4.34 -7.69
N TYR D 56 27.61 -5.03 -8.78
CA TYR D 56 28.26 -6.32 -8.63
C TYR D 56 29.61 -6.16 -7.96
N ALA D 57 30.32 -5.09 -8.31
CA ALA D 57 31.67 -4.84 -7.80
C ALA D 57 31.60 -4.54 -6.31
N ALA D 58 30.63 -3.72 -5.90
CA ALA D 58 30.45 -3.39 -4.52
C ALA D 58 30.08 -4.63 -3.68
N ASP D 59 29.37 -5.59 -4.29
CA ASP D 59 28.97 -6.87 -3.64
C ASP D 59 30.23 -7.66 -3.33
N GLY D 60 31.04 -7.85 -4.36
CA GLY D 60 32.35 -8.51 -4.20
C GLY D 60 33.23 -7.89 -3.11
N TYR D 61 33.37 -6.57 -3.13
CA TYR D 61 34.13 -5.82 -2.17
C TYR D 61 33.60 -5.99 -0.74
N ALA D 62 32.30 -5.86 -0.55
CA ALA D 62 31.68 -5.95 0.78
C ALA D 62 31.91 -7.33 1.37
N ARG D 63 31.89 -8.35 0.51
CA ARG D 63 32.11 -9.73 1.00
C ARG D 63 33.49 -9.91 1.67
N LEU D 64 34.50 -9.26 1.09
CA LEU D 64 35.88 -9.37 1.55
C LEU D 64 36.17 -8.38 2.68
N LYS D 65 35.68 -7.15 2.53
CA LYS D 65 36.03 -6.04 3.41
C LYS D 65 35.01 -5.84 4.54
N GLY D 66 33.80 -6.39 4.43
CA GLY D 66 32.78 -6.24 5.48
C GLY D 66 31.54 -5.46 5.06
N MET D 67 31.74 -4.31 4.39
CA MET D 67 30.70 -3.60 3.71
C MET D 67 31.25 -2.78 2.55
N SER D 68 30.33 -2.12 1.83
CA SER D 68 30.75 -1.33 0.71
C SER D 68 29.70 -0.27 0.36
N CYS D 69 30.02 0.56 -0.65
CA CYS D 69 29.16 1.63 -1.09
C CYS D 69 29.20 1.79 -2.62
N ILE D 70 28.03 1.80 -3.22
CA ILE D 70 27.84 2.24 -4.59
C ILE D 70 27.09 3.58 -4.62
N ILE D 71 27.61 4.55 -5.38
CA ILE D 71 26.84 5.78 -5.55
C ILE D 71 26.32 5.87 -6.96
N THR D 72 25.02 6.11 -7.07
CA THR D 72 24.43 6.33 -8.41
C THR D 72 23.62 7.65 -8.52
N THR D 73 23.12 7.90 -9.71
CA THR D 73 22.29 9.04 -9.99
C THR D 73 20.80 8.60 -10.13
N PHE D 74 19.93 9.46 -9.61
CA PHE D 74 18.48 9.40 -9.70
C PHE D 74 17.97 8.82 -11.04
N GLY D 75 17.04 7.83 -10.92
CA GLY D 75 16.35 7.21 -12.09
C GLY D 75 17.23 6.22 -12.82
N VAL D 76 18.10 6.78 -13.66
CA VAL D 76 18.85 6.03 -14.63
C VAL D 76 20.01 5.23 -14.04
N GLY D 77 20.65 5.79 -13.01
CA GLY D 77 21.75 5.09 -12.35
C GLY D 77 21.21 4.02 -11.43
N GLU D 78 20.34 4.43 -10.53
CA GLU D 78 19.82 3.53 -9.53
C GLU D 78 19.09 2.33 -10.18
N LEU D 79 18.32 2.58 -11.22
CA LEU D 79 17.59 1.54 -11.88
C LEU D 79 18.48 0.51 -12.54
N SER D 80 19.64 0.97 -13.07
CA SER D 80 20.60 0.03 -13.68
C SER D 80 21.27 -0.86 -12.64
N ALA D 81 21.47 -0.35 -11.42
CA ALA D 81 22.11 -1.14 -10.31
C ALA D 81 21.20 -2.23 -9.66
N LEU D 82 19.88 -2.18 -9.94
CA LEU D 82 18.89 -2.94 -9.16
C LEU D 82 19.16 -4.44 -9.06
N ASN D 83 19.50 -5.07 -10.19
CA ASN D 83 19.84 -6.51 -10.20
C ASN D 83 21.06 -6.86 -9.32
N GLY D 84 22.04 -5.95 -9.29
CA GLY D 84 23.14 -6.05 -8.33
C GLY D 84 22.69 -6.04 -6.86
N ILE D 85 21.94 -5.00 -6.47
CA ILE D 85 21.39 -4.84 -5.13
C ILE D 85 20.55 -6.03 -4.70
N ALA D 86 19.58 -6.41 -5.56
CA ALA D 86 18.71 -7.54 -5.32
C ALA D 86 19.55 -8.81 -4.98
N GLY D 87 20.70 -8.99 -5.63
CA GLY D 87 21.55 -10.14 -5.39
C GLY D 87 22.31 -10.07 -4.08
N SER D 88 22.69 -8.85 -3.69
CA SER D 88 23.24 -8.63 -2.35
C SER D 88 22.16 -8.88 -1.30
N TYR D 89 20.91 -8.55 -1.66
CA TYR D 89 19.85 -8.79 -0.72
C TYR D 89 19.67 -10.32 -0.53
N ALA D 90 19.48 -11.00 -1.68
CA ALA D 90 19.27 -12.44 -1.75
C ALA D 90 20.32 -13.17 -0.93
N GLU D 91 21.59 -12.71 -1.03
CA GLU D 91 22.75 -13.41 -0.49
C GLU D 91 23.38 -12.73 0.73
N HIS D 92 22.70 -11.73 1.32
CA HIS D 92 23.08 -11.19 2.61
C HIS D 92 24.45 -10.48 2.50
N VAL D 93 24.58 -9.55 1.57
CA VAL D 93 25.81 -8.82 1.47
C VAL D 93 25.50 -7.38 1.80
N GLY D 94 26.30 -6.80 2.69
CA GLY D 94 26.13 -5.40 3.10
C GLY D 94 26.62 -4.31 2.12
N VAL D 95 25.74 -3.94 1.21
CA VAL D 95 25.94 -2.87 0.22
C VAL D 95 25.10 -1.63 0.53
N LEU D 96 25.76 -0.48 0.72
CA LEU D 96 25.01 0.77 0.89
C LEU D 96 24.89 1.48 -0.47
N HIS D 97 23.65 1.59 -0.96
CA HIS D 97 23.37 2.25 -2.21
C HIS D 97 23.00 3.70 -1.94
N VAL D 98 23.92 4.62 -2.29
CA VAL D 98 23.69 6.07 -2.15
C VAL D 98 23.23 6.60 -3.51
N VAL D 99 22.09 7.30 -3.54
CA VAL D 99 21.60 7.85 -4.78
C VAL D 99 21.58 9.38 -4.72
N GLY D 100 22.22 10.06 -5.68
CA GLY D 100 22.12 11.52 -5.78
C GLY D 100 20.77 11.82 -6.41
N VAL D 101 19.93 12.57 -5.70
CA VAL D 101 18.62 12.91 -6.19
C VAL D 101 18.43 14.45 -6.37
N PRO D 102 17.41 14.87 -7.15
CA PRO D 102 17.10 16.30 -7.35
C PRO D 102 16.93 17.05 -6.02
N SER D 103 17.16 18.38 -6.06
CA SER D 103 17.01 19.25 -4.88
C SER D 103 15.62 19.10 -4.30
N VAL D 104 15.49 19.33 -3.00
CA VAL D 104 14.18 19.23 -2.34
C VAL D 104 13.20 20.18 -2.98
N SER D 105 13.68 21.32 -3.40
CA SER D 105 12.91 22.37 -4.01
C SER D 105 12.33 21.89 -5.35
N SER D 106 13.20 21.38 -6.24
CA SER D 106 12.85 20.71 -7.52
C SER D 106 11.79 19.64 -7.39
N GLN D 107 11.94 18.78 -6.38
CA GLN D 107 10.94 17.76 -6.10
C GLN D 107 9.61 18.39 -5.70
N ALA D 108 9.68 19.48 -4.93
CA ALA D 108 8.50 20.19 -4.45
C ALA D 108 7.79 20.90 -5.63
N LYS D 109 8.52 21.65 -6.46
CA LYS D 109 7.91 22.25 -7.64
C LYS D 109 7.44 21.23 -8.73
N GLN D 110 7.69 19.94 -8.45
CA GLN D 110 7.41 18.84 -9.37
C GLN D 110 7.91 19.08 -10.81
N LEU D 111 9.11 19.65 -10.94
CA LEU D 111 9.68 19.99 -12.23
C LEU D 111 9.81 18.76 -13.12
N LEU D 112 9.31 18.88 -14.36
CA LEU D 112 9.48 17.87 -15.43
C LEU D 112 11.00 17.69 -15.84
N LEU D 113 11.77 17.10 -14.91
CA LEU D 113 13.18 16.87 -15.05
C LEU D 113 13.58 15.59 -15.80
N HIS D 114 14.77 15.63 -16.41
CA HIS D 114 15.45 14.47 -16.95
C HIS D 114 15.60 13.39 -15.85
N HIS D 115 15.47 12.12 -16.25
CA HIS D 115 15.57 10.96 -15.34
C HIS D 115 14.31 10.80 -14.52
N THR D 116 13.22 11.43 -14.94
CA THR D 116 11.93 11.13 -14.36
C THR D 116 11.07 10.41 -15.35
N LEU D 117 9.98 9.87 -14.85
CA LEU D 117 8.95 9.25 -15.65
C LEU D 117 8.03 10.25 -16.32
N GLY D 118 8.25 11.54 -16.07
CA GLY D 118 7.48 12.61 -16.75
C GLY D 118 6.14 12.88 -16.06
N ASN D 119 5.95 12.37 -14.83
CA ASN D 119 4.68 12.52 -14.14
C ASN D 119 4.77 13.22 -12.80
N GLY D 120 5.91 13.87 -12.52
CA GLY D 120 6.08 14.67 -11.30
C GLY D 120 6.26 13.85 -10.02
N ASP D 121 6.34 12.53 -10.14
CA ASP D 121 6.55 11.69 -8.98
C ASP D 121 8.05 11.41 -8.73
N PHE D 122 8.58 11.94 -7.64
CA PHE D 122 9.99 11.68 -7.27
C PHE D 122 10.17 10.58 -6.24
N THR D 123 9.09 9.88 -5.87
CA THR D 123 9.25 8.75 -4.90
C THR D 123 9.36 7.36 -5.57
N VAL D 124 9.13 7.26 -6.87
CA VAL D 124 8.88 5.97 -7.50
C VAL D 124 10.11 5.05 -7.40
N PHE D 125 11.31 5.60 -7.56
CA PHE D 125 12.55 4.76 -7.60
C PHE D 125 12.94 4.29 -6.20
N HIS D 126 12.81 5.22 -5.27
CA HIS D 126 12.94 4.89 -3.88
C HIS D 126 11.96 3.73 -3.48
N ARG D 127 10.70 3.85 -3.85
CA ARG D 127 9.69 2.85 -3.61
C ARG D 127 10.09 1.52 -4.17
N MET D 128 10.43 1.47 -5.44
CA MET D 128 11.01 0.25 -6.06
C MET D 128 12.17 -0.36 -5.28
N SER D 129 13.17 0.44 -4.91
CA SER D 129 14.30 -0.05 -4.11
C SER D 129 13.92 -0.56 -2.73
N SER D 130 12.82 -0.07 -2.12
CA SER D 130 12.49 -0.51 -0.74
C SER D 130 12.19 -2.01 -0.76
N ASN D 131 11.75 -2.51 -1.92
CA ASN D 131 11.48 -3.92 -2.08
C ASN D 131 12.69 -4.86 -1.92
N ILE D 132 13.91 -4.30 -1.88
CA ILE D 132 15.14 -5.10 -1.95
C ILE D 132 16.18 -4.53 -1.03
N SER D 133 15.71 -3.73 -0.07
CA SER D 133 16.54 -3.11 1.01
C SER D 133 16.04 -3.55 2.44
N GLU D 134 16.97 -3.76 3.39
CA GLU D 134 16.65 -3.86 4.82
C GLU D 134 15.86 -2.64 5.28
N THR D 135 16.36 -1.45 4.90
CA THR D 135 15.81 -0.16 5.26
C THR D 135 16.30 0.86 4.25
N THR D 136 15.64 2.02 4.18
CA THR D 136 15.92 3.11 3.24
C THR D 136 15.83 4.42 4.01
N ALA D 137 16.34 5.47 3.39
CA ALA D 137 16.30 6.81 3.96
C ALA D 137 16.25 7.79 2.78
N MET D 138 15.24 8.64 2.77
CA MET D 138 15.26 9.76 1.87
C MET D 138 15.50 11.01 2.69
N ILE D 139 16.71 11.55 2.59
CA ILE D 139 17.15 12.61 3.48
C ILE D 139 16.63 13.93 2.99
N THR D 140 15.95 14.62 3.90
CA THR D 140 15.28 15.90 3.66
C THR D 140 15.57 16.88 4.80
N ASP D 141 16.20 16.43 5.87
CA ASP D 141 16.46 17.28 7.02
C ASP D 141 17.92 17.26 7.50
N ILE D 142 18.63 18.36 7.28
CA ILE D 142 20.07 18.48 7.66
C ILE D 142 20.34 18.23 9.17
N ASN D 143 19.32 18.54 9.99
CA ASN D 143 19.45 18.40 11.42
C ASN D 143 19.49 16.95 11.87
N THR D 144 18.74 16.06 11.20
CA THR D 144 18.75 14.64 11.56
C THR D 144 19.62 13.77 10.61
N ALA D 145 20.20 14.40 9.58
CA ALA D 145 20.91 13.65 8.50
C ALA D 145 22.09 12.84 8.98
N PRO D 146 22.93 13.40 9.87
CA PRO D 146 24.02 12.56 10.37
C PRO D 146 23.51 11.32 11.15
N ALA D 147 22.51 11.49 12.02
CA ALA D 147 21.85 10.33 12.62
C ALA D 147 21.36 9.33 11.57
N GLU D 148 20.58 9.79 10.57
CA GLU D 148 20.02 8.93 9.49
C GLU D 148 21.13 8.16 8.71
N ILE D 149 22.23 8.84 8.38
CA ILE D 149 23.41 8.24 7.77
C ILE D 149 24.03 7.11 8.61
N ASP D 150 24.14 7.39 9.89
CA ASP D 150 24.68 6.44 10.84
C ASP D 150 23.83 5.19 10.94
N ARG D 151 22.49 5.37 10.97
CA ARG D 151 21.54 4.28 11.04
C ARG D 151 21.71 3.42 9.76
N CYS D 152 21.85 4.07 8.60
CA CYS D 152 21.96 3.34 7.31
C CYS D 152 23.15 2.46 7.28
N ILE D 153 24.32 3.03 7.64
CA ILE D 153 25.61 2.31 7.75
C ILE D 153 25.60 1.17 8.74
N ARG D 154 25.01 1.39 9.91
CA ARG D 154 24.87 0.37 10.93
C ARG D 154 24.03 -0.83 10.42
N THR D 155 22.86 -0.52 9.87
CA THR D 155 22.01 -1.55 9.31
C THR D 155 22.71 -2.36 8.20
N THR D 156 23.33 -1.67 7.26
CA THR D 156 24.08 -2.31 6.19
C THR D 156 25.05 -3.30 6.81
N TYR D 157 25.89 -2.82 7.72
CA TYR D 157 26.97 -3.61 8.31
C TYR D 157 26.51 -4.77 9.19
N VAL D 158 25.54 -4.46 10.04
CA VAL D 158 25.06 -5.39 11.03
C VAL D 158 24.11 -6.40 10.42
N SER D 159 23.10 -5.94 9.70
CA SER D 159 22.19 -6.90 9.10
C SER D 159 22.80 -7.64 7.87
N GLN D 160 23.84 -7.05 7.24
CA GLN D 160 24.46 -7.59 6.01
C GLN D 160 23.44 -7.76 4.89
N ARG D 161 22.74 -6.67 4.62
CA ARG D 161 21.79 -6.57 3.51
C ARG D 161 21.92 -5.14 3.01
N PRO D 162 21.53 -4.91 1.75
CA PRO D 162 21.46 -3.59 1.17
C PRO D 162 20.56 -2.56 1.87
N VAL D 163 21.10 -1.33 2.00
CA VAL D 163 20.38 -0.16 2.49
C VAL D 163 20.35 0.95 1.39
N TYR D 164 19.23 1.66 1.28
CA TYR D 164 19.07 2.71 0.26
C TYR D 164 19.15 4.08 0.92
N LEU D 165 20.01 4.97 0.43
CA LEU D 165 20.22 6.30 1.02
C LEU D 165 20.10 7.36 -0.08
N GLY D 166 18.93 8.00 -0.16
CA GLY D 166 18.78 9.12 -1.10
C GLY D 166 19.28 10.46 -0.52
N LEU D 167 20.11 11.16 -1.25
CA LEU D 167 20.60 12.44 -0.83
C LEU D 167 20.32 13.54 -1.86
N PRO D 168 19.35 14.39 -1.61
CA PRO D 168 19.06 15.54 -2.52
C PRO D 168 20.29 16.42 -2.64
N ALA D 169 20.54 16.89 -3.87
CA ALA D 169 21.77 17.61 -4.22
C ALA D 169 22.00 18.93 -3.46
N ASN D 170 20.92 19.57 -3.02
CA ASN D 170 21.04 20.73 -2.12
C ASN D 170 21.75 20.41 -0.77
N LEU D 171 21.40 19.28 -0.15
CA LEU D 171 21.85 18.95 1.22
C LEU D 171 23.29 18.47 1.33
N VAL D 172 23.93 18.09 0.23
CA VAL D 172 25.25 17.49 0.34
C VAL D 172 26.36 18.52 0.68
N ASP D 173 26.01 19.79 0.47
CA ASP D 173 26.92 20.87 0.67
C ASP D 173 26.63 21.64 1.94
N LEU D 174 25.46 21.40 2.56
CA LEU D 174 25.18 21.89 3.92
C LEU D 174 26.22 21.30 4.85
N THR D 175 26.62 22.05 5.88
CA THR D 175 27.68 21.63 6.84
C THR D 175 27.12 21.08 8.15
N VAL D 176 27.90 20.21 8.79
CA VAL D 176 27.51 19.62 10.05
C VAL D 176 28.73 19.74 11.02
N PRO D 177 28.49 19.59 12.34
CA PRO D 177 29.69 19.62 13.20
C PRO D 177 30.58 18.37 13.07
N ALA D 178 31.86 18.57 12.70
CA ALA D 178 32.85 17.51 12.60
C ALA D 178 33.11 16.65 13.85
N SER D 179 32.77 17.16 15.02
CA SER D 179 32.98 16.40 16.24
C SER D 179 31.93 15.26 16.32
N LEU D 180 30.95 15.28 15.45
CA LEU D 180 30.01 14.18 15.35
C LEU D 180 30.69 12.84 15.08
N LEU D 181 31.76 12.93 14.30
CA LEU D 181 32.63 11.85 13.98
C LEU D 181 33.45 11.27 15.11
N ASP D 182 33.47 11.95 16.23
CA ASP D 182 34.34 11.56 17.33
C ASP D 182 33.70 10.49 18.17
N THR D 183 32.39 10.31 17.97
CA THR D 183 31.64 9.16 18.49
C THR D 183 31.45 8.01 17.46
N PRO D 184 31.97 6.80 17.77
CA PRO D 184 31.78 5.57 16.99
C PRO D 184 30.37 5.36 16.51
N ILE D 185 30.19 4.81 15.32
CA ILE D 185 28.91 4.16 15.00
C ILE D 185 28.87 2.89 15.82
N ASP D 186 27.72 2.65 16.45
CA ASP D 186 27.47 1.38 17.15
C ASP D 186 27.17 0.26 16.13
N LEU D 187 28.14 -0.63 15.99
CA LEU D 187 28.12 -1.71 15.01
C LEU D 187 27.93 -3.04 15.71
N SER D 188 27.45 -3.04 16.95
CA SER D 188 27.40 -4.31 17.67
C SER D 188 26.01 -4.95 17.75
N LEU D 189 25.94 -6.22 18.11
CA LEU D 189 24.65 -6.88 18.33
C LEU D 189 24.35 -6.85 19.81
N LYS D 190 23.07 -6.93 20.17
CA LYS D 190 22.72 -7.04 21.59
C LYS D 190 23.16 -8.41 22.05
N PRO D 191 23.67 -8.53 23.27
CA PRO D 191 23.86 -9.91 23.73
C PRO D 191 22.54 -10.70 23.70
N ASN D 192 22.67 -12.01 23.59
CA ASN D 192 21.57 -12.96 23.74
C ASN D 192 20.96 -12.82 25.15
N ASP D 193 19.65 -13.06 25.27
CA ASP D 193 18.98 -13.40 26.52
C ASP D 193 19.73 -14.55 27.21
N PRO D 194 20.10 -14.38 28.48
CA PRO D 194 20.93 -15.39 29.17
C PRO D 194 20.23 -16.70 29.52
N GLU D 195 18.99 -16.61 29.97
CA GLU D 195 18.13 -17.76 30.15
C GLU D 195 17.92 -18.57 28.87
N ALA D 196 17.45 -17.94 27.78
CA ALA D 196 17.16 -18.66 26.52
C ALA D 196 18.43 -19.27 25.89
N GLU D 197 19.51 -18.48 25.85
CA GLU D 197 20.80 -18.95 25.41
C GLU D 197 21.32 -20.17 26.20
N GLU D 198 21.14 -20.13 27.50
CA GLU D 198 21.51 -21.21 28.37
C GLU D 198 20.82 -22.50 28.01
N GLU D 199 19.53 -22.37 27.76
CA GLU D 199 18.74 -23.48 27.45
C GLU D 199 19.14 -24.13 26.11
N VAL D 200 19.52 -23.32 25.12
CA VAL D 200 20.04 -23.84 23.84
C VAL D 200 21.34 -24.68 24.04
N ILE D 201 22.27 -24.12 24.80
CA ILE D 201 23.57 -24.70 25.02
C ILE D 201 23.44 -26.03 25.80
N GLU D 202 22.66 -26.04 26.87
CA GLU D 202 22.39 -27.22 27.67
C GLU D 202 21.79 -28.30 26.77
N ASN D 203 20.86 -27.92 25.91
CA ASN D 203 20.28 -28.87 24.94
C ASN D 203 21.25 -29.46 23.93
N VAL D 204 21.95 -28.59 23.21
CA VAL D 204 23.06 -29.02 22.29
C VAL D 204 24.11 -29.94 22.98
N LEU D 205 24.64 -29.53 24.14
CA LEU D 205 25.61 -30.38 24.85
C LEU D 205 25.06 -31.79 25.13
N GLN D 206 23.81 -31.91 25.59
CA GLN D 206 23.17 -33.20 25.85
C GLN D 206 23.02 -34.00 24.54
N LEU D 207 22.70 -33.30 23.45
CA LEU D 207 22.56 -33.99 22.19
C LEU D 207 23.92 -34.46 21.82
N ILE D 208 24.95 -33.64 21.96
CA ILE D 208 26.34 -34.12 21.74
C ILE D 208 26.69 -35.40 22.57
N LYS D 209 26.24 -35.49 23.82
CA LYS D 209 26.57 -36.63 24.71
C LYS D 209 25.89 -37.92 24.27
N GLU D 210 24.78 -37.75 23.54
CA GLU D 210 23.93 -38.86 23.11
C GLU D 210 24.21 -39.35 21.65
N ALA D 211 25.36 -38.97 21.10
CA ALA D 211 25.63 -39.11 19.64
C ALA D 211 26.97 -39.80 19.35
N LYS D 212 26.93 -40.88 18.57
CA LYS D 212 28.07 -41.68 18.19
C LYS D 212 28.69 -41.11 16.96
N ASN D 213 27.85 -40.58 16.10
CA ASN D 213 28.22 -40.10 14.75
C ASN D 213 27.71 -38.65 14.47
N PRO D 214 28.11 -37.68 15.31
CA PRO D 214 27.74 -36.28 14.99
C PRO D 214 28.59 -35.76 13.86
N VAL D 215 27.99 -34.90 13.05
CA VAL D 215 28.70 -34.17 11.98
C VAL D 215 28.37 -32.65 12.08
N ILE D 216 29.25 -31.82 11.55
CA ILE D 216 29.03 -30.39 11.54
C ILE D 216 28.77 -30.00 10.07
N LEU D 217 27.83 -29.12 9.79
CA LEU D 217 27.69 -28.74 8.36
C LEU D 217 27.63 -27.23 8.20
N ALA D 218 28.65 -26.62 7.58
CA ALA D 218 28.73 -25.15 7.35
C ALA D 218 28.06 -24.74 6.03
N ASP D 219 27.15 -23.77 6.09
CA ASP D 219 26.43 -23.31 4.96
C ASP D 219 26.62 -21.78 4.82
N ALA D 220 25.89 -21.19 3.88
CA ALA D 220 26.06 -19.80 3.48
C ALA D 220 26.11 -18.81 4.64
N CYS D 221 25.27 -18.99 5.66
CA CYS D 221 25.21 -17.90 6.61
C CYS D 221 26.34 -17.94 7.63
N CYS D 222 27.05 -19.06 7.71
CA CYS D 222 28.30 -19.16 8.45
C CYS D 222 29.34 -18.12 7.93
N SER D 223 29.31 -17.90 6.60
CA SER D 223 30.17 -16.94 5.93
C SER D 223 29.60 -15.53 6.03
N ARG D 224 28.38 -15.37 5.48
CA ARG D 224 27.69 -14.09 5.40
C ARG D 224 27.52 -13.36 6.74
N HIS D 225 27.37 -14.11 7.83
CA HIS D 225 27.15 -13.56 9.16
C HIS D 225 28.27 -13.88 10.14
N ASP D 226 29.45 -14.13 9.60
CA ASP D 226 30.69 -13.97 10.37
C ASP D 226 30.84 -14.99 11.55
N ALA D 227 30.71 -16.26 11.27
CA ALA D 227 30.74 -17.28 12.33
C ALA D 227 31.77 -18.29 11.88
N LYS D 228 32.56 -17.95 10.86
CA LYS D 228 33.66 -18.83 10.46
C LYS D 228 34.62 -19.21 11.59
N ALA D 229 35.02 -18.24 12.42
CA ALA D 229 36.01 -18.51 13.49
C ALA D 229 35.42 -19.44 14.52
N GLU D 230 34.16 -19.22 14.85
CA GLU D 230 33.46 -20.09 15.81
C GLU D 230 33.35 -21.54 15.29
N THR D 231 32.98 -21.69 14.03
CA THR D 231 32.77 -22.99 13.43
C THR D 231 34.09 -23.77 13.40
N LYS D 232 35.17 -23.12 12.91
CA LYS D 232 36.53 -23.63 13.02
C LYS D 232 36.86 -24.13 14.43
N LYS D 233 36.68 -23.27 15.43
CA LYS D 233 36.91 -23.66 16.81
C LYS D 233 36.02 -24.85 17.32
N LEU D 234 34.81 -24.95 16.77
CA LEU D 234 33.90 -26.04 17.09
C LEU D 234 34.48 -27.36 16.57
N ILE D 235 35.03 -27.29 15.36
CA ILE D 235 35.58 -28.43 14.69
C ILE D 235 36.85 -28.93 15.41
N ASP D 236 37.80 -28.01 15.65
CA ASP D 236 38.96 -28.33 16.46
C ASP D 236 38.59 -29.03 17.80
N LEU D 237 37.62 -28.48 18.53
CA LEU D 237 37.35 -28.92 19.91
C LEU D 237 36.50 -30.21 20.07
N THR D 238 35.72 -30.54 19.04
CA THR D 238 34.86 -31.73 19.06
C THR D 238 35.55 -32.87 18.28
N GLN D 239 36.33 -32.49 17.26
CA GLN D 239 36.83 -33.43 16.24
C GLN D 239 35.71 -34.13 15.49
N PHE D 240 34.57 -33.45 15.36
CA PHE D 240 33.52 -34.08 14.52
C PHE D 240 33.90 -33.85 13.09
N PRO D 241 33.49 -34.81 12.22
CA PRO D 241 33.55 -34.56 10.78
C PRO D 241 32.78 -33.27 10.39
N ALA D 242 33.40 -32.55 9.48
CA ALA D 242 32.97 -31.22 9.09
C ALA D 242 32.71 -31.22 7.59
N PHE D 243 31.51 -30.79 7.21
CA PHE D 243 31.15 -30.70 5.80
C PHE D 243 30.79 -29.25 5.53
N VAL D 244 30.87 -28.86 4.25
CA VAL D 244 30.54 -27.52 3.82
C VAL D 244 29.52 -27.72 2.70
N THR D 245 28.60 -26.78 2.50
CA THR D 245 27.78 -26.74 1.30
C THR D 245 28.48 -26.03 0.13
N PRO D 246 27.92 -26.10 -1.10
CA PRO D 246 28.37 -25.25 -2.27
C PRO D 246 28.44 -23.74 -2.02
N MET D 247 27.36 -23.17 -1.47
CA MET D 247 27.30 -21.77 -1.10
C MET D 247 28.17 -21.47 0.10
N GLY D 248 28.45 -22.48 0.94
CA GLY D 248 29.28 -22.28 2.09
C GLY D 248 30.76 -22.46 1.81
N LYS D 249 31.13 -22.94 0.63
CA LYS D 249 32.50 -23.42 0.40
C LYS D 249 33.59 -22.33 0.62
N GLY D 250 34.64 -22.72 1.34
CA GLY D 250 35.64 -21.73 1.72
C GLY D 250 35.47 -21.36 3.18
N SER D 251 34.31 -21.60 3.78
CA SER D 251 34.08 -21.10 5.13
C SER D 251 34.69 -22.02 6.17
N ILE D 252 35.06 -23.22 5.77
CA ILE D 252 35.86 -24.06 6.62
C ILE D 252 37.08 -24.61 5.84
N ASP D 253 38.16 -24.81 6.58
CA ASP D 253 39.44 -25.19 6.01
C ASP D 253 39.38 -26.60 5.49
N GLU D 254 39.63 -26.77 4.20
CA GLU D 254 39.44 -28.06 3.53
C GLU D 254 40.68 -28.97 3.64
N LYS D 255 41.77 -28.49 4.25
CA LYS D 255 42.94 -29.33 4.45
C LYS D 255 43.05 -29.73 5.89
N HIS D 256 42.11 -29.28 6.73
CA HIS D 256 41.89 -29.84 8.05
C HIS D 256 41.62 -31.36 8.00
N PRO D 257 42.33 -32.16 8.84
CA PRO D 257 42.22 -33.64 8.85
C PRO D 257 40.77 -34.16 9.01
N ARG D 258 39.90 -33.36 9.63
CA ARG D 258 38.51 -33.74 9.87
C ARG D 258 37.56 -33.21 8.79
N PHE D 259 38.08 -32.43 7.82
CA PHE D 259 37.23 -31.90 6.78
C PHE D 259 36.74 -33.07 5.95
N GLY D 260 35.41 -33.21 5.83
CA GLY D 260 34.82 -34.37 5.16
C GLY D 260 34.51 -34.21 3.68
N GLY D 261 34.34 -32.99 3.18
CA GLY D 261 33.87 -32.82 1.82
C GLY D 261 32.73 -31.81 1.64
N VAL D 262 32.30 -31.67 0.38
CA VAL D 262 31.15 -30.83 -0.02
C VAL D 262 29.84 -31.63 -0.04
N TYR D 263 28.91 -31.30 0.87
CA TYR D 263 27.63 -32.00 0.91
C TYR D 263 26.59 -31.22 0.12
N VAL D 264 25.95 -31.97 -0.78
CA VAL D 264 24.98 -31.45 -1.75
C VAL D 264 23.81 -32.45 -1.95
N GLY D 265 23.24 -33.02 -0.91
CA GLY D 265 22.11 -33.94 -1.11
C GLY D 265 22.49 -35.23 -1.82
N THR D 266 21.64 -35.64 -2.76
CA THR D 266 21.95 -36.76 -3.63
C THR D 266 23.05 -36.45 -4.63
N LEU D 267 23.46 -35.19 -4.80
CA LEU D 267 24.59 -34.86 -5.71
C LEU D 267 25.93 -34.94 -5.02
N SER D 268 25.96 -35.44 -3.81
CA SER D 268 27.22 -35.62 -3.12
C SER D 268 27.96 -36.81 -3.79
N SER D 269 29.30 -36.84 -3.65
CA SER D 269 30.02 -38.08 -3.86
C SER D 269 29.38 -39.17 -2.95
N PRO D 270 29.43 -40.45 -3.37
CA PRO D 270 28.77 -41.48 -2.52
C PRO D 270 29.25 -41.56 -1.08
N ALA D 271 30.53 -41.29 -0.84
CA ALA D 271 31.11 -41.39 0.51
C ALA D 271 30.74 -40.18 1.36
N VAL D 272 30.56 -39.02 0.71
CA VAL D 272 30.11 -37.82 1.40
C VAL D 272 28.68 -37.98 1.80
N LYS D 273 27.83 -38.36 0.83
CA LYS D 273 26.42 -38.65 1.14
C LYS D 273 26.29 -39.56 2.35
N GLU D 274 27.11 -40.61 2.41
CA GLU D 274 26.97 -41.65 3.44
C GLU D 274 27.42 -41.12 4.78
N ALA D 275 28.52 -40.35 4.77
CA ALA D 275 29.10 -39.77 6.00
C ALA D 275 28.13 -38.81 6.67
N VAL D 276 27.33 -38.13 5.85
CA VAL D 276 26.46 -37.07 6.38
C VAL D 276 25.14 -37.68 6.82
N GLU D 277 24.57 -38.50 5.96
CA GLU D 277 23.24 -39.01 6.23
C GLU D 277 23.26 -40.18 7.20
N SER D 278 24.45 -40.66 7.56
CA SER D 278 24.52 -41.63 8.65
C SER D 278 24.72 -41.01 10.02
N ALA D 279 24.96 -39.71 10.09
CA ALA D 279 24.95 -38.96 11.35
C ALA D 279 23.70 -39.20 12.25
N ASP D 280 23.94 -39.45 13.55
CA ASP D 280 22.82 -39.38 14.48
C ASP D 280 22.70 -37.98 15.10
N LEU D 281 23.50 -37.05 14.60
CA LEU D 281 23.41 -35.65 14.98
C LEU D 281 24.04 -34.76 13.93
N VAL D 282 23.33 -33.70 13.54
CA VAL D 282 23.83 -32.72 12.58
C VAL D 282 23.85 -31.38 13.25
N LEU D 283 25.02 -30.76 13.34
CA LEU D 283 25.17 -29.35 13.85
C LEU D 283 25.24 -28.45 12.61
N SER D 284 24.12 -27.82 12.22
CA SER D 284 24.07 -27.02 10.99
C SER D 284 24.38 -25.58 11.35
N VAL D 285 25.38 -24.97 10.71
CA VAL D 285 25.68 -23.54 10.92
C VAL D 285 25.26 -22.67 9.71
N GLY D 286 24.23 -21.86 9.87
CA GLY D 286 23.77 -20.95 8.80
C GLY D 286 23.19 -21.58 7.53
N ALA D 287 22.36 -22.62 7.70
CA ALA D 287 21.61 -23.17 6.57
C ALA D 287 20.92 -22.14 5.65
N LEU D 288 20.93 -22.41 4.36
CA LEU D 288 20.24 -21.55 3.40
C LEU D 288 19.96 -22.56 2.34
N LEU D 289 18.78 -23.17 2.42
CA LEU D 289 18.57 -24.39 1.67
C LEU D 289 17.95 -24.13 0.30
N SER D 290 18.74 -23.52 -0.57
CA SER D 290 18.35 -23.38 -1.96
C SER D 290 18.44 -24.61 -2.90
N ASP D 291 17.69 -24.55 -3.99
CA ASP D 291 17.69 -25.61 -4.98
C ASP D 291 19.09 -26.03 -5.42
N PHE D 292 19.91 -25.11 -5.91
CA PHE D 292 21.22 -25.56 -6.35
C PHE D 292 22.16 -25.83 -5.20
N ASN D 293 21.89 -25.31 -4.01
CA ASN D 293 22.79 -25.54 -2.87
C ASN D 293 22.59 -26.97 -2.31
N THR D 294 21.43 -27.55 -2.62
CA THR D 294 20.96 -28.78 -1.92
C THR D 294 20.68 -29.92 -2.93
N GLY D 295 21.11 -29.76 -4.19
CA GLY D 295 20.80 -30.77 -5.16
C GLY D 295 19.29 -30.89 -5.31
N SER D 296 18.59 -29.75 -5.45
CA SER D 296 17.15 -29.73 -5.53
C SER D 296 16.42 -30.25 -4.28
N PHE D 297 16.88 -29.82 -3.11
CA PHE D 297 16.15 -30.15 -1.88
C PHE D 297 16.19 -31.69 -1.63
N SER D 298 17.33 -32.31 -1.94
CA SER D 298 17.47 -33.74 -1.81
C SER D 298 18.26 -34.24 -0.57
N TYR D 299 18.28 -33.47 0.53
CA TYR D 299 18.85 -33.97 1.79
C TYR D 299 18.06 -35.17 2.27
N SER D 300 18.71 -36.18 2.84
CA SER D 300 17.96 -37.20 3.57
C SER D 300 18.71 -37.68 4.78
N TYR D 301 18.71 -36.83 5.80
CA TYR D 301 19.10 -37.20 7.16
C TYR D 301 18.26 -38.33 7.77
N LYS D 302 19.01 -39.31 8.31
CA LYS D 302 18.55 -40.39 9.21
C LYS D 302 17.69 -39.70 10.30
N THR D 303 18.36 -38.76 10.97
CA THR D 303 18.15 -38.35 12.34
C THR D 303 17.18 -37.20 12.37
N LYS D 304 16.43 -37.15 13.46
CA LYS D 304 15.60 -35.99 13.78
C LYS D 304 16.45 -34.95 14.55
N ASN D 305 17.65 -35.37 15.00
CA ASN D 305 18.55 -34.54 15.81
C ASN D 305 19.32 -33.52 14.99
N ILE D 306 18.62 -32.51 14.50
CA ILE D 306 19.24 -31.39 13.76
C ILE D 306 19.28 -30.15 14.66
N VAL D 307 20.46 -29.59 14.88
CA VAL D 307 20.55 -28.25 15.46
C VAL D 307 20.80 -27.24 14.33
N GLU D 308 19.94 -26.24 14.16
CA GLU D 308 20.23 -25.21 13.15
C GLU D 308 20.67 -23.92 13.77
N PHE D 309 21.96 -23.60 13.71
CA PHE D 309 22.41 -22.30 14.17
C PHE D 309 22.09 -21.26 13.09
N HIS D 310 21.39 -20.21 13.48
CA HIS D 310 21.07 -19.08 12.60
C HIS D 310 21.51 -17.72 13.13
N SER D 311 21.70 -16.78 12.23
CA SER D 311 22.05 -15.46 12.66
C SER D 311 21.25 -14.98 13.83
N ASP D 312 19.97 -15.24 13.81
CA ASP D 312 19.08 -14.50 14.69
C ASP D 312 18.21 -15.38 15.58
N TYR D 313 18.43 -16.70 15.46
CA TYR D 313 17.65 -17.66 16.21
C TYR D 313 18.32 -19.03 16.15
N THR D 314 17.95 -19.92 17.08
CA THR D 314 18.36 -21.35 16.93
C THR D 314 17.16 -22.26 16.81
N LYS D 315 17.27 -23.36 16.05
CA LYS D 315 16.27 -24.46 16.06
C LYS D 315 16.92 -25.72 16.63
N ILE D 316 16.19 -26.49 17.41
CA ILE D 316 16.74 -27.78 17.78
C ILE D 316 15.58 -28.72 17.68
N ARG D 317 15.64 -29.70 16.76
CA ARG D 317 14.52 -30.59 16.51
C ARG D 317 13.36 -29.72 16.00
N SER D 318 12.21 -29.77 16.67
CA SER D 318 11.05 -28.99 16.22
C SER D 318 10.89 -27.68 16.98
N ALA D 319 11.79 -27.40 17.93
CA ALA D 319 11.67 -26.23 18.80
C ALA D 319 12.43 -25.10 18.15
N THR D 320 11.87 -23.89 18.20
CA THR D 320 12.57 -22.73 17.73
C THR D 320 12.91 -21.86 18.97
N PHE D 321 14.13 -21.32 19.02
CA PHE D 321 14.52 -20.43 20.10
C PHE D 321 14.73 -19.00 19.52
N PRO D 322 13.60 -18.23 19.38
CA PRO D 322 13.67 -16.93 18.65
C PRO D 322 14.72 -16.08 19.35
N GLY D 323 15.53 -15.31 18.58
CA GLY D 323 16.46 -14.36 19.16
C GLY D 323 17.72 -14.95 19.77
N VAL D 324 17.89 -16.25 19.78
CA VAL D 324 19.17 -16.83 20.14
C VAL D 324 20.19 -16.82 19.01
N GLN D 325 20.98 -15.76 18.96
CA GLN D 325 21.91 -15.46 17.86
C GLN D 325 23.11 -16.38 17.80
N MET D 326 23.39 -16.89 16.60
CA MET D 326 24.42 -17.89 16.49
C MET D 326 25.84 -17.50 16.92
N LYS D 327 26.31 -16.28 16.63
CA LYS D 327 27.72 -15.99 16.92
C LYS D 327 28.00 -16.14 18.42
N PHE D 328 27.18 -15.48 19.22
CA PHE D 328 27.23 -15.53 20.65
C PHE D 328 26.92 -16.90 21.21
N ALA D 329 25.88 -17.60 20.65
CA ALA D 329 25.55 -19.00 21.12
C ALA D 329 26.75 -19.93 21.01
N LEU D 330 27.36 -19.85 19.83
CA LEU D 330 28.47 -20.69 19.51
C LEU D 330 29.63 -20.36 20.46
N GLN D 331 29.92 -19.06 20.69
CA GLN D 331 30.97 -18.62 21.65
C GLN D 331 30.82 -19.27 23.04
N LYS D 332 29.58 -19.21 23.58
CA LYS D 332 29.25 -19.89 24.85
C LYS D 332 29.35 -21.40 24.72
N LEU D 333 28.90 -21.97 23.59
CA LEU D 333 29.04 -23.41 23.34
C LEU D 333 30.52 -23.77 23.42
N LEU D 334 31.38 -22.93 22.86
CA LEU D 334 32.77 -23.30 22.78
C LEU D 334 33.42 -23.58 24.16
N THR D 335 32.95 -22.85 25.18
CA THR D 335 33.45 -22.96 26.53
C THR D 335 33.14 -24.34 27.18
N LYS D 336 32.11 -25.06 26.69
CA LYS D 336 31.78 -26.34 27.32
C LYS D 336 31.81 -27.54 26.39
N VAL D 337 32.07 -27.30 25.12
CA VAL D 337 31.87 -28.38 24.17
C VAL D 337 32.90 -29.53 24.21
N ALA D 338 34.13 -29.22 24.63
CA ALA D 338 35.20 -30.20 24.60
C ALA D 338 34.88 -31.33 25.59
N ASP D 339 34.44 -30.94 26.78
CA ASP D 339 33.97 -31.88 27.80
C ASP D 339 32.70 -32.66 27.45
N ALA D 340 31.73 -32.01 26.78
CA ALA D 340 30.55 -32.72 26.26
C ALA D 340 30.93 -33.81 25.21
N ALA D 341 31.84 -33.44 24.32
CA ALA D 341 32.36 -34.35 23.31
C ALA D 341 33.49 -35.33 23.78
N LYS D 342 33.80 -35.34 25.08
CA LYS D 342 35.06 -35.98 25.49
C LYS D 342 35.01 -37.51 25.35
N GLY D 343 33.79 -38.09 25.45
CA GLY D 343 33.56 -39.51 25.22
C GLY D 343 33.55 -39.89 23.73
N TYR D 344 33.81 -38.94 22.82
CA TYR D 344 33.61 -39.24 21.39
C TYR D 344 34.81 -39.92 20.74
N LYS D 345 34.52 -40.98 20.01
CA LYS D 345 35.56 -41.73 19.33
C LYS D 345 35.53 -41.36 17.82
N PRO D 346 36.55 -40.61 17.35
CA PRO D 346 36.46 -40.10 15.98
C PRO D 346 36.19 -41.17 14.94
N VAL D 347 35.13 -40.96 14.17
CA VAL D 347 34.89 -41.79 12.99
C VAL D 347 35.77 -41.25 11.82
N PRO D 348 36.23 -42.14 10.93
CA PRO D 348 36.90 -41.65 9.70
C PRO D 348 35.98 -40.79 8.79
N VAL D 349 36.60 -39.85 8.08
CA VAL D 349 35.98 -38.93 7.14
C VAL D 349 36.32 -39.43 5.74
N PRO D 350 35.45 -39.18 4.74
CA PRO D 350 35.85 -39.54 3.37
C PRO D 350 37.19 -38.83 2.99
N SER D 351 38.09 -39.53 2.34
CA SER D 351 39.40 -38.95 2.07
C SER D 351 39.39 -38.06 0.84
N GLU D 352 40.43 -37.22 0.75
CA GLU D 352 40.83 -36.45 -0.45
C GLU D 352 40.22 -36.95 -1.78
N PRO D 353 39.74 -36.02 -2.63
CA PRO D 353 39.29 -36.50 -3.94
C PRO D 353 40.49 -36.64 -4.91
N GLU D 354 41.45 -37.51 -4.54
CA GLU D 354 42.52 -38.00 -5.42
C GLU D 354 43.58 -36.97 -5.86
N HIS D 355 44.09 -37.23 -7.08
CA HIS D 355 44.65 -36.30 -8.05
C HIS D 355 44.27 -36.87 -9.38
N ASN D 356 44.52 -36.09 -10.42
CA ASN D 356 44.41 -36.61 -11.78
C ASN D 356 45.53 -37.63 -12.06
N GLU D 357 45.16 -38.72 -12.73
CA GLU D 357 46.14 -39.68 -13.17
C GLU D 357 46.92 -39.06 -14.35
N ALA D 358 48.19 -39.45 -14.54
CA ALA D 358 48.98 -38.80 -15.61
C ALA D 358 48.45 -39.26 -16.97
N VAL D 359 48.39 -38.32 -17.89
CA VAL D 359 47.92 -38.59 -19.24
C VAL D 359 48.89 -37.93 -20.24
N ALA D 360 48.80 -38.31 -21.51
CA ALA D 360 49.58 -37.67 -22.56
C ALA D 360 49.40 -36.16 -22.44
N ASP D 361 50.47 -35.40 -22.73
CA ASP D 361 50.40 -33.95 -22.77
C ASP D 361 49.37 -33.37 -23.79
N SER D 362 49.13 -34.08 -24.89
CA SER D 362 48.24 -33.60 -25.93
C SER D 362 46.76 -33.83 -25.60
N THR D 363 46.48 -34.46 -24.45
CA THR D 363 45.10 -34.70 -24.05
C THR D 363 44.29 -33.39 -23.98
N PRO D 364 43.25 -33.30 -24.85
CA PRO D 364 42.29 -32.21 -24.83
C PRO D 364 41.78 -32.00 -23.40
N LEU D 365 41.68 -30.74 -22.98
CA LEU D 365 41.08 -30.34 -21.66
C LEU D 365 39.63 -30.78 -21.48
N LYS D 366 39.29 -31.27 -20.29
CA LYS D 366 37.89 -31.58 -20.01
C LYS D 366 37.56 -30.94 -18.68
N GLN D 367 36.30 -30.58 -18.49
CA GLN D 367 35.83 -30.02 -17.19
C GLN D 367 36.36 -30.84 -16.01
N GLU D 368 36.04 -32.12 -16.01
CA GLU D 368 36.34 -32.88 -14.80
C GLU D 368 37.82 -32.84 -14.42
N TRP D 369 38.69 -33.01 -15.41
CA TRP D 369 40.14 -32.86 -15.23
C TRP D 369 40.49 -31.48 -14.65
N VAL D 370 39.94 -30.42 -15.24
CA VAL D 370 40.34 -29.04 -14.86
C VAL D 370 40.11 -28.74 -13.35
N TRP D 371 38.89 -29.05 -12.90
CA TRP D 371 38.49 -28.77 -11.52
C TRP D 371 39.34 -29.52 -10.54
N THR D 372 39.67 -30.77 -10.84
CA THR D 372 40.64 -31.51 -10.00
C THR D 372 42.00 -30.76 -10.06
N GLN D 373 42.48 -30.43 -11.26
CA GLN D 373 43.81 -29.77 -11.47
C GLN D 373 43.98 -28.38 -10.83
N VAL D 374 42.87 -27.63 -10.76
CA VAL D 374 42.87 -26.25 -10.23
C VAL D 374 43.43 -26.25 -8.83
N GLY D 375 43.19 -27.36 -8.13
CA GLY D 375 43.60 -27.48 -6.75
C GLY D 375 45.10 -27.43 -6.50
N GLU D 376 45.89 -27.72 -7.55
CA GLU D 376 47.38 -27.67 -7.50
C GLU D 376 47.88 -26.28 -7.70
N PHE D 377 47.04 -25.44 -8.31
CA PHE D 377 47.36 -24.07 -8.60
C PHE D 377 47.15 -23.22 -7.38
N LEU D 378 46.03 -23.46 -6.69
CA LEU D 378 45.61 -22.55 -5.61
C LEU D 378 46.56 -22.53 -4.38
N ARG D 379 46.52 -21.45 -3.64
CA ARG D 379 47.42 -21.35 -2.49
C ARG D 379 46.64 -20.74 -1.35
N GLU D 380 47.04 -21.05 -0.13
CA GLU D 380 46.46 -20.30 0.96
C GLU D 380 46.40 -18.80 0.68
N GLY D 381 45.27 -18.23 1.08
CA GLY D 381 44.99 -16.84 0.90
C GLY D 381 44.35 -16.48 -0.42
N ASP D 382 44.24 -17.42 -1.36
CA ASP D 382 43.50 -17.16 -2.62
C ASP D 382 42.05 -16.73 -2.47
N VAL D 383 41.62 -15.83 -3.35
CA VAL D 383 40.23 -15.55 -3.48
C VAL D 383 39.73 -16.22 -4.78
N VAL D 384 38.77 -17.14 -4.67
CA VAL D 384 38.35 -17.94 -5.82
C VAL D 384 36.86 -17.66 -6.14
N ILE D 385 36.65 -17.02 -7.29
CA ILE D 385 35.38 -16.55 -7.73
C ILE D 385 34.95 -17.43 -8.89
N THR D 386 33.71 -17.94 -8.86
CA THR D 386 33.27 -18.81 -9.93
C THR D 386 31.84 -18.42 -10.35
N GLU D 387 31.60 -18.39 -11.65
CA GLU D 387 30.36 -17.85 -12.17
C GLU D 387 29.36 -18.97 -12.29
N THR D 388 28.08 -18.62 -12.14
CA THR D 388 26.95 -19.48 -12.49
C THR D 388 27.18 -20.01 -13.91
N GLY D 389 26.97 -21.34 -14.04
CA GLY D 389 27.33 -22.13 -15.21
C GLY D 389 28.21 -23.30 -14.78
N THR D 390 28.87 -23.94 -15.73
CA THR D 390 29.83 -24.98 -15.40
C THR D 390 30.80 -24.62 -14.28
N SER D 391 31.45 -23.47 -14.32
CA SER D 391 32.45 -23.11 -13.28
C SER D 391 31.93 -23.27 -11.85
N ALA D 392 30.77 -22.68 -11.54
CA ALA D 392 30.15 -22.79 -10.21
C ALA D 392 29.94 -24.22 -9.72
N PHE D 393 29.50 -25.09 -10.62
CA PHE D 393 29.30 -26.51 -10.32
C PHE D 393 30.58 -27.29 -10.22
N GLY D 394 31.52 -26.96 -11.09
CA GLY D 394 32.80 -27.63 -11.15
C GLY D 394 33.62 -27.41 -9.92
N ILE D 395 33.63 -26.17 -9.44
CA ILE D 395 34.48 -25.82 -8.36
C ILE D 395 34.19 -26.64 -7.09
N ASN D 396 32.97 -27.19 -6.96
CA ASN D 396 32.65 -28.01 -5.79
C ASN D 396 33.60 -29.18 -5.60
N GLN D 397 34.17 -29.67 -6.69
CA GLN D 397 35.05 -30.84 -6.64
C GLN D 397 36.51 -30.47 -6.46
N THR D 398 36.80 -29.17 -6.47
CA THR D 398 38.14 -28.62 -6.30
C THR D 398 38.47 -28.61 -4.81
N HIS D 399 39.60 -29.20 -4.44
CA HIS D 399 40.05 -29.20 -3.04
C HIS D 399 40.78 -27.86 -2.72
N PHE D 400 40.22 -27.02 -1.86
CA PHE D 400 40.79 -25.74 -1.52
C PHE D 400 41.92 -25.89 -0.48
N PRO D 401 43.02 -25.08 -0.62
CA PRO D 401 43.93 -24.79 0.51
C PRO D 401 43.17 -24.15 1.69
N ASN D 402 43.69 -24.34 2.90
CA ASN D 402 43.19 -23.62 4.06
C ASN D 402 43.24 -22.14 3.69
N ASN D 403 42.36 -21.37 4.32
CA ASN D 403 42.36 -19.94 4.12
C ASN D 403 42.04 -19.55 2.64
N THR D 404 41.11 -20.26 2.03
CA THR D 404 40.67 -19.88 0.68
C THR D 404 39.28 -19.18 0.77
N TYR D 405 39.20 -17.95 0.27
CA TYR D 405 37.94 -17.29 0.31
C TYR D 405 37.22 -17.58 -1.00
N GLY D 406 36.12 -18.35 -0.96
CA GLY D 406 35.32 -18.60 -2.17
C GLY D 406 34.16 -17.61 -2.37
N ILE D 407 33.90 -17.23 -3.61
CA ILE D 407 32.69 -16.44 -3.96
C ILE D 407 31.94 -17.15 -5.06
N SER D 408 30.70 -17.53 -4.77
CA SER D 408 29.82 -18.19 -5.74
C SER D 408 28.37 -17.87 -5.37
N GLN D 409 27.71 -17.12 -6.23
CA GLN D 409 26.36 -16.65 -6.04
C GLN D 409 25.30 -17.79 -6.33
N VAL D 410 25.30 -18.87 -5.53
CA VAL D 410 24.49 -20.05 -5.74
C VAL D 410 22.99 -19.77 -5.65
N LEU D 411 22.57 -18.86 -4.76
CA LEU D 411 21.15 -18.45 -4.69
C LEU D 411 20.71 -17.47 -5.81
N TRP D 412 21.31 -16.27 -5.85
CA TRP D 412 20.85 -15.27 -6.77
C TRP D 412 21.10 -15.72 -8.22
N GLY D 413 22.34 -16.18 -8.48
CA GLY D 413 22.72 -16.77 -9.76
C GLY D 413 22.57 -15.90 -11.01
N SER D 414 23.01 -14.64 -10.90
CA SER D 414 22.97 -13.67 -12.01
C SER D 414 24.28 -13.79 -12.79
N ILE D 415 24.22 -14.37 -13.98
CA ILE D 415 25.46 -14.46 -14.80
C ILE D 415 25.96 -13.02 -15.11
N GLY D 416 27.27 -12.80 -15.04
CA GLY D 416 27.81 -11.47 -15.31
C GLY D 416 28.27 -10.91 -13.98
N PHE D 417 27.58 -11.32 -12.90
CA PHE D 417 27.94 -10.93 -11.52
C PHE D 417 29.46 -10.91 -11.30
N THR D 418 30.13 -11.98 -11.75
CA THR D 418 31.50 -12.28 -11.32
C THR D 418 32.57 -11.38 -11.99
N THR D 419 32.32 -10.84 -13.19
CA THR D 419 33.23 -9.85 -13.78
C THR D 419 33.30 -8.65 -12.83
N GLY D 420 32.14 -8.14 -12.42
CA GLY D 420 32.04 -7.12 -11.35
C GLY D 420 32.62 -7.53 -9.98
N ALA D 421 32.15 -8.63 -9.41
CA ALA D 421 32.60 -9.05 -8.08
C ALA D 421 34.11 -9.19 -8.07
N THR D 422 34.70 -9.54 -9.20
CA THR D 422 36.15 -9.69 -9.32
C THR D 422 36.90 -8.37 -9.13
N LEU D 423 36.32 -7.31 -9.70
CA LEU D 423 36.79 -5.96 -9.57
C LEU D 423 36.76 -5.60 -8.09
N GLY D 424 35.57 -5.62 -7.50
CA GLY D 424 35.35 -5.35 -6.08
C GLY D 424 36.28 -6.14 -5.16
N ALA D 425 36.39 -7.44 -5.40
CA ALA D 425 37.31 -8.34 -4.64
C ALA D 425 38.77 -7.96 -4.83
N ALA D 426 39.18 -7.62 -6.05
CA ALA D 426 40.58 -7.21 -6.29
C ALA D 426 40.91 -5.91 -5.57
N PHE D 427 39.94 -5.01 -5.48
CA PHE D 427 40.17 -3.78 -4.77
C PHE D 427 40.33 -4.12 -3.30
N ALA D 428 39.44 -4.95 -2.77
CA ALA D 428 39.49 -5.26 -1.38
C ALA D 428 40.78 -6.02 -1.03
N ALA D 429 41.17 -6.97 -1.91
CA ALA D 429 42.29 -7.86 -1.64
C ALA D 429 43.55 -7.03 -1.54
N GLU D 430 43.71 -6.04 -2.45
CA GLU D 430 44.85 -5.15 -2.46
C GLU D 430 44.90 -4.32 -1.17
N GLU D 431 43.74 -3.89 -0.70
CA GLU D 431 43.70 -3.09 0.51
C GLU D 431 44.03 -3.96 1.70
N ILE D 432 43.89 -5.29 1.58
CA ILE D 432 44.11 -6.22 2.71
C ILE D 432 45.57 -6.75 2.67
N ASP D 433 46.00 -7.21 1.50
CA ASP D 433 47.30 -7.75 1.31
C ASP D 433 47.59 -7.79 -0.19
N PRO D 434 48.47 -6.89 -0.66
CA PRO D 434 48.92 -6.83 -2.09
C PRO D 434 49.06 -8.20 -2.79
N LYS D 435 49.46 -9.21 -2.02
CA LYS D 435 49.84 -10.48 -2.59
C LYS D 435 48.72 -11.59 -2.56
N LYS D 436 47.55 -11.32 -1.94
CA LYS D 436 46.35 -12.18 -2.13
C LYS D 436 45.99 -12.16 -3.61
N ARG D 437 46.01 -13.33 -4.22
CA ARG D 437 45.54 -13.46 -5.62
C ARG D 437 43.99 -13.59 -5.66
N VAL D 438 43.41 -13.09 -6.75
CA VAL D 438 41.96 -13.11 -7.03
C VAL D 438 41.80 -13.83 -8.33
N ILE D 439 41.17 -15.00 -8.27
CA ILE D 439 41.11 -15.91 -9.40
C ILE D 439 39.65 -16.15 -9.81
N LEU D 440 39.29 -15.63 -10.99
CA LEU D 440 37.99 -15.81 -11.59
C LEU D 440 37.88 -17.02 -12.47
N PHE D 441 36.79 -17.78 -12.33
CA PHE D 441 36.44 -18.73 -13.41
C PHE D 441 35.14 -18.29 -14.00
N ILE D 442 35.14 -17.83 -15.24
CA ILE D 442 33.92 -17.29 -15.85
C ILE D 442 33.71 -17.91 -17.23
N GLY D 443 32.49 -18.29 -17.50
CA GLY D 443 32.09 -18.79 -18.79
C GLY D 443 32.08 -17.72 -19.84
N ASP D 444 32.37 -18.12 -21.06
CA ASP D 444 32.25 -17.26 -22.23
C ASP D 444 30.93 -16.52 -22.39
N GLY D 445 29.82 -17.20 -22.14
CA GLY D 445 28.52 -16.55 -22.26
C GLY D 445 28.35 -15.47 -21.20
N SER D 446 28.55 -15.85 -19.92
CA SER D 446 28.42 -14.91 -18.81
C SER D 446 29.24 -13.66 -18.96
N LEU D 447 30.43 -13.79 -19.58
CA LEU D 447 31.42 -12.70 -19.62
C LEU D 447 30.85 -11.56 -20.46
N GLN D 448 29.96 -11.90 -21.40
CA GLN D 448 29.46 -10.98 -22.39
C GLN D 448 28.57 -9.91 -21.78
N LEU D 449 27.95 -10.26 -20.65
CA LEU D 449 26.96 -9.39 -20.01
C LEU D 449 27.59 -8.25 -19.27
N THR D 450 28.85 -8.42 -18.85
CA THR D 450 29.55 -7.49 -17.98
C THR D 450 31.06 -7.27 -18.32
N VAL D 451 31.42 -7.48 -19.60
CA VAL D 451 32.80 -7.56 -20.06
C VAL D 451 33.58 -6.23 -19.85
N GLN D 452 32.88 -5.11 -19.91
CA GLN D 452 33.49 -3.80 -19.85
C GLN D 452 34.06 -3.52 -18.48
N GLU D 453 33.65 -4.25 -17.45
CA GLU D 453 34.26 -4.01 -16.12
C GLU D 453 35.75 -4.38 -15.99
N ILE D 454 36.24 -5.20 -16.93
CA ILE D 454 37.67 -5.48 -17.08
C ILE D 454 38.44 -4.14 -17.25
N SER D 455 37.84 -3.24 -17.99
CA SER D 455 38.37 -1.93 -18.26
C SER D 455 38.80 -1.28 -16.98
N THR D 456 37.97 -1.42 -15.94
CA THR D 456 38.19 -0.78 -14.62
C THR D 456 39.29 -1.51 -13.83
N MET D 457 39.46 -2.80 -14.04
CA MET D 457 40.57 -3.47 -13.41
C MET D 457 41.88 -2.93 -14.06
N ILE D 458 41.90 -2.82 -15.40
CA ILE D 458 43.05 -2.23 -16.09
C ILE D 458 43.39 -0.82 -15.55
N ARG D 459 42.45 0.10 -15.69
CA ARG D 459 42.57 1.43 -15.16
C ARG D 459 43.32 1.56 -13.81
N TRP D 460 43.04 0.67 -12.85
CA TRP D 460 43.65 0.72 -11.54
C TRP D 460 44.84 -0.25 -11.34
N GLY D 461 45.30 -0.89 -12.40
CA GLY D 461 46.43 -1.79 -12.34
C GLY D 461 46.13 -3.01 -11.48
N LEU D 462 44.86 -3.45 -11.46
CA LEU D 462 44.44 -4.59 -10.59
C LEU D 462 44.83 -5.82 -11.34
N LYS D 463 45.29 -6.82 -10.61
CA LYS D 463 45.97 -7.97 -11.20
C LYS D 463 45.27 -9.33 -11.01
N PRO D 464 43.95 -9.47 -11.30
CA PRO D 464 43.30 -10.80 -11.27
C PRO D 464 43.72 -11.74 -12.40
N TYR D 465 43.47 -13.01 -12.17
CA TYR D 465 43.55 -14.05 -13.15
C TYR D 465 42.13 -14.28 -13.68
N LEU D 466 41.96 -14.19 -14.98
CA LEU D 466 40.67 -14.28 -15.63
C LEU D 466 40.64 -15.50 -16.53
N PHE D 467 40.21 -16.61 -15.93
CA PHE D 467 39.92 -17.81 -16.68
C PHE D 467 38.56 -17.77 -17.32
N VAL D 468 38.59 -17.76 -18.63
CA VAL D 468 37.39 -17.71 -19.43
C VAL D 468 37.23 -19.12 -20.04
N LEU D 469 36.11 -19.78 -19.73
CA LEU D 469 35.86 -21.08 -20.17
C LEU D 469 35.08 -20.94 -21.45
N ASN D 470 35.83 -21.09 -22.54
CA ASN D 470 35.36 -21.05 -23.89
C ASN D 470 34.88 -22.43 -24.34
N ASN D 471 33.59 -22.69 -24.19
CA ASN D 471 32.96 -23.92 -24.65
C ASN D 471 31.88 -23.63 -25.68
N ASP D 472 31.97 -22.48 -26.36
CA ASP D 472 31.04 -22.17 -27.43
C ASP D 472 29.52 -21.97 -27.10
N GLY D 473 29.24 -21.31 -25.98
CA GLY D 473 27.85 -20.97 -25.67
C GLY D 473 27.48 -21.22 -24.23
N TYR D 474 26.16 -21.35 -24.01
CA TYR D 474 25.60 -21.56 -22.67
C TYR D 474 25.53 -23.06 -22.38
N THR D 475 26.59 -23.62 -21.84
CA THR D 475 26.56 -25.07 -21.73
C THR D 475 25.57 -25.53 -20.65
N ILE D 476 25.52 -24.83 -19.51
CA ILE D 476 24.51 -25.19 -18.48
C ILE D 476 23.07 -25.17 -19.07
N GLU D 477 22.75 -24.16 -19.89
CA GLU D 477 21.39 -24.06 -20.44
C GLU D 477 21.12 -25.24 -21.38
N ARG D 478 22.14 -25.58 -22.20
CA ARG D 478 22.11 -26.74 -23.14
C ARG D 478 21.71 -28.06 -22.45
N LEU D 479 22.28 -28.27 -21.29
CA LEU D 479 22.02 -29.40 -20.44
C LEU D 479 20.60 -29.43 -19.88
N ILE D 480 20.04 -28.27 -19.61
CA ILE D 480 18.67 -28.12 -19.17
C ILE D 480 17.66 -28.33 -20.32
N HIS D 481 17.76 -27.54 -21.36
CA HIS D 481 16.80 -27.57 -22.45
C HIS D 481 17.38 -26.89 -23.71
N GLY D 482 17.18 -27.53 -24.87
CA GLY D 482 17.64 -26.95 -26.15
C GLY D 482 19.13 -27.12 -26.36
N GLU D 483 19.54 -28.39 -26.35
CA GLU D 483 20.91 -28.74 -26.52
C GLU D 483 21.49 -27.97 -27.69
N THR D 484 20.71 -27.77 -28.75
CA THR D 484 21.27 -27.11 -29.97
C THR D 484 20.53 -25.87 -30.38
N ALA D 485 19.63 -25.41 -29.53
CA ALA D 485 18.83 -24.22 -29.77
C ALA D 485 19.70 -23.03 -29.92
N GLN D 486 19.34 -22.17 -30.86
CA GLN D 486 20.11 -21.00 -31.22
C GLN D 486 20.18 -20.01 -30.06
N TYR D 487 19.19 -20.08 -29.17
CA TYR D 487 19.25 -19.29 -27.96
C TYR D 487 20.43 -19.64 -27.01
N ASN D 488 20.94 -20.89 -27.11
CA ASN D 488 22.09 -21.31 -26.31
C ASN D 488 23.46 -20.97 -26.92
N CYS D 489 23.41 -20.37 -28.10
CA CYS D 489 24.56 -19.94 -28.86
C CYS D 489 24.93 -18.46 -28.64
N ILE D 490 26.19 -18.16 -28.84
CA ILE D 490 26.66 -16.80 -28.63
C ILE D 490 27.49 -16.38 -29.83
N GLN D 491 27.61 -15.10 -30.04
CA GLN D 491 28.64 -14.58 -30.91
C GLN D 491 29.99 -14.85 -30.25
N ASN D 492 30.88 -15.50 -31.00
CA ASN D 492 32.29 -15.75 -30.61
C ASN D 492 33.19 -14.51 -30.57
N TRP D 493 33.99 -14.43 -29.53
CA TRP D 493 34.78 -13.26 -29.32
C TRP D 493 36.23 -13.63 -29.29
N GLN D 494 37.02 -12.71 -29.78
CA GLN D 494 38.45 -12.82 -29.65
C GLN D 494 38.84 -12.51 -28.21
N HIS D 495 38.74 -13.51 -27.31
CA HIS D 495 39.01 -13.24 -25.90
C HIS D 495 40.42 -12.82 -25.63
N LEU D 496 41.35 -13.23 -26.49
CA LEU D 496 42.74 -12.77 -26.23
C LEU D 496 42.91 -11.29 -26.53
N GLU D 497 42.01 -10.70 -27.32
CA GLU D 497 42.10 -9.29 -27.66
C GLU D 497 41.46 -8.32 -26.65
N LEU D 498 40.61 -8.83 -25.76
CA LEU D 498 39.89 -7.98 -24.77
C LEU D 498 40.79 -7.07 -23.94
N LEU D 499 41.89 -7.64 -23.42
CA LEU D 499 42.76 -6.82 -22.56
C LEU D 499 43.43 -5.61 -23.28
N PRO D 500 44.10 -5.84 -24.45
CA PRO D 500 44.60 -4.65 -25.15
C PRO D 500 43.49 -3.78 -25.74
N THR D 501 42.41 -4.37 -26.27
CA THR D 501 41.28 -3.53 -26.67
C THR D 501 40.83 -2.53 -25.60
N PHE D 502 40.82 -2.90 -24.31
CA PHE D 502 40.42 -1.96 -23.23
C PHE D 502 41.60 -1.17 -22.65
N GLY D 503 42.66 -1.03 -23.44
CA GLY D 503 43.82 -0.18 -23.07
C GLY D 503 44.83 -0.78 -22.08
N ALA D 504 44.84 -2.10 -21.89
CA ALA D 504 45.92 -2.73 -21.10
C ALA D 504 47.32 -2.55 -21.74
N LYS D 505 48.31 -2.16 -20.92
CA LYS D 505 49.74 -2.14 -21.36
C LYS D 505 50.52 -3.38 -20.91
N ASP D 506 50.28 -3.73 -19.65
CA ASP D 506 51.00 -4.78 -19.02
C ASP D 506 50.01 -5.92 -18.66
N TYR D 507 50.13 -7.06 -19.33
CA TYR D 507 49.13 -8.12 -19.23
C TYR D 507 49.66 -9.37 -19.95
N GLU D 508 48.99 -10.52 -19.76
CA GLU D 508 49.21 -11.72 -20.57
C GLU D 508 47.85 -12.24 -20.96
N ALA D 509 47.72 -12.72 -22.19
CA ALA D 509 46.51 -13.38 -22.65
C ALA D 509 46.95 -14.66 -23.32
N VAL D 510 46.62 -15.81 -22.72
CA VAL D 510 47.03 -17.09 -23.28
C VAL D 510 45.84 -18.03 -23.46
N ARG D 511 45.92 -18.91 -24.43
CA ARG D 511 44.95 -19.96 -24.61
C ARG D 511 45.55 -21.28 -24.15
N VAL D 512 44.73 -22.13 -23.52
CA VAL D 512 45.15 -23.51 -23.22
C VAL D 512 44.07 -24.44 -23.74
N SER D 513 44.45 -25.58 -24.33
CA SER D 513 43.53 -26.53 -24.99
C SER D 513 43.79 -27.98 -24.62
N THR D 514 44.91 -28.21 -23.94
CA THR D 514 45.39 -29.55 -23.60
C THR D 514 45.91 -29.52 -22.19
N THR D 515 45.93 -30.68 -21.56
CA THR D 515 46.58 -30.86 -20.24
C THR D 515 48.00 -30.30 -20.18
N GLY D 516 48.84 -30.75 -21.12
CA GLY D 516 50.19 -30.16 -21.35
C GLY D 516 50.31 -28.62 -21.38
N GLU D 517 49.45 -27.96 -22.15
CA GLU D 517 49.36 -26.48 -22.11
C GLU D 517 48.93 -25.90 -20.76
N TRP D 518 47.90 -26.52 -20.15
CA TRP D 518 47.47 -26.16 -18.78
C TRP D 518 48.64 -26.25 -17.84
N ASN D 519 49.29 -27.41 -17.79
CA ASN D 519 50.35 -27.56 -16.77
C ASN D 519 51.54 -26.64 -17.01
N LYS D 520 51.96 -26.53 -18.27
CA LYS D 520 53.08 -25.67 -18.64
C LYS D 520 52.83 -24.26 -18.09
N LEU D 521 51.60 -23.80 -18.26
CA LEU D 521 51.23 -22.44 -17.87
C LEU D 521 51.13 -22.31 -16.36
N THR D 522 50.33 -23.20 -15.75
CA THR D 522 49.96 -22.97 -14.36
C THR D 522 51.09 -23.33 -13.40
N THR D 523 51.92 -24.30 -13.77
CA THR D 523 53.11 -24.61 -12.93
C THR D 523 54.23 -23.64 -13.19
N ASP D 524 54.12 -22.77 -14.18
CA ASP D 524 55.16 -21.77 -14.39
C ASP D 524 55.23 -20.92 -13.14
N GLU D 525 56.39 -20.48 -12.71
CA GLU D 525 56.37 -19.83 -11.40
C GLU D 525 56.22 -18.31 -11.45
N LYS D 526 56.57 -17.75 -12.60
CA LYS D 526 56.31 -16.35 -12.89
C LYS D 526 54.78 -16.12 -12.92
N PHE D 527 54.07 -16.99 -13.65
CA PHE D 527 52.61 -17.03 -13.74
C PHE D 527 51.95 -17.00 -12.37
N GLN D 528 52.49 -17.76 -11.42
CA GLN D 528 51.93 -17.88 -10.07
C GLN D 528 52.00 -16.61 -9.20
N ASP D 529 52.88 -15.67 -9.54
CA ASP D 529 52.95 -14.37 -8.89
C ASP D 529 52.00 -13.41 -9.61
N ASN D 530 51.23 -12.66 -8.81
CA ASN D 530 50.21 -11.74 -9.33
C ASN D 530 50.80 -10.36 -9.67
N THR D 531 51.61 -10.36 -10.73
CA THR D 531 52.42 -9.19 -11.10
C THR D 531 51.74 -8.41 -12.24
N ARG D 532 50.68 -8.99 -12.81
CA ARG D 532 49.90 -8.37 -13.88
C ARG D 532 48.56 -9.08 -14.05
N ILE D 533 47.62 -8.35 -14.69
CA ILE D 533 46.30 -8.85 -15.06
C ILE D 533 46.57 -9.93 -16.08
N ARG D 534 45.82 -11.05 -16.02
CA ARG D 534 45.93 -12.09 -17.04
C ARG D 534 44.57 -12.66 -17.43
N LEU D 535 44.42 -13.01 -18.71
CA LEU D 535 43.27 -13.67 -19.22
C LEU D 535 43.74 -15.02 -19.74
N ILE D 536 43.11 -16.10 -19.29
CA ILE D 536 43.40 -17.45 -19.75
C ILE D 536 42.18 -18.02 -20.40
N GLU D 537 42.25 -18.27 -21.71
CA GLU D 537 41.10 -18.74 -22.45
C GLU D 537 41.18 -20.25 -22.52
N VAL D 538 40.19 -20.92 -21.97
CA VAL D 538 40.31 -22.36 -21.71
C VAL D 538 39.30 -23.00 -22.61
N MET D 539 39.81 -23.71 -23.60
CA MET D 539 39.00 -24.28 -24.69
C MET D 539 38.42 -25.57 -24.26
N LEU D 540 37.11 -25.68 -24.31
CA LEU D 540 36.43 -26.88 -23.79
C LEU D 540 35.41 -27.39 -24.76
N PRO D 541 35.09 -28.70 -24.68
CA PRO D 541 33.99 -29.18 -25.52
C PRO D 541 32.63 -28.50 -25.19
N THR D 542 31.87 -28.23 -26.24
CA THR D 542 30.54 -27.64 -26.14
C THR D 542 29.65 -28.30 -25.06
N MET D 543 29.53 -29.63 -25.04
CA MET D 543 28.62 -30.30 -24.10
C MET D 543 29.27 -30.87 -22.86
N ASP D 544 30.52 -30.53 -22.61
CA ASP D 544 31.25 -31.08 -21.48
C ASP D 544 30.90 -30.31 -20.19
N ALA D 545 30.50 -31.01 -19.14
CA ALA D 545 30.00 -30.41 -17.91
C ALA D 545 30.44 -31.23 -16.71
N PRO D 546 30.58 -30.62 -15.51
CA PRO D 546 30.82 -31.55 -14.42
C PRO D 546 29.55 -32.42 -14.16
N SER D 547 29.79 -33.62 -13.63
CA SER D 547 28.80 -34.67 -13.42
C SER D 547 27.57 -34.26 -12.60
N ASN D 548 27.85 -33.58 -11.50
CA ASN D 548 26.83 -32.90 -10.74
C ASN D 548 25.92 -31.92 -11.54
N LEU D 549 26.48 -31.13 -12.46
CA LEU D 549 25.66 -30.23 -13.28
C LEU D 549 24.70 -30.98 -14.21
N VAL D 550 25.23 -32.02 -14.86
CA VAL D 550 24.43 -32.82 -15.76
C VAL D 550 23.12 -33.28 -15.06
N LYS D 551 23.24 -33.80 -13.82
CA LYS D 551 22.09 -34.30 -13.02
C LYS D 551 21.18 -33.14 -12.62
N GLN D 552 21.79 -32.09 -12.04
CA GLN D 552 21.03 -30.92 -11.65
C GLN D 552 20.18 -30.32 -12.82
N ALA D 553 20.76 -30.29 -14.03
CA ALA D 553 20.05 -29.67 -15.15
C ALA D 553 18.71 -30.40 -15.37
N GLN D 554 18.74 -31.72 -15.13
CA GLN D 554 17.60 -32.58 -15.36
C GLN D 554 16.58 -32.36 -14.23
N LEU D 555 17.06 -32.20 -12.99
CA LEU D 555 16.15 -31.97 -11.86
C LEU D 555 15.45 -30.64 -12.08
N THR D 556 16.24 -29.64 -12.50
CA THR D 556 15.75 -28.28 -12.85
C THR D 556 14.77 -28.22 -13.99
N ALA D 557 15.07 -28.91 -15.10
CA ALA D 557 14.12 -29.03 -16.21
C ALA D 557 12.77 -29.64 -15.73
N ALA D 558 12.85 -30.78 -15.01
CA ALA D 558 11.69 -31.48 -14.41
C ALA D 558 10.77 -30.53 -13.63
N THR D 559 11.34 -29.54 -12.94
CA THR D 559 10.61 -28.60 -12.10
C THR D 559 9.80 -27.57 -12.90
N ASN D 560 10.39 -27.10 -14.00
CA ASN D 560 9.74 -26.06 -14.79
C ASN D 560 8.80 -26.69 -15.84
N ALA D 561 9.27 -27.73 -16.51
CA ALA D 561 8.53 -28.40 -17.58
C ALA D 561 7.40 -29.15 -16.90
N LYS D 562 6.18 -28.72 -17.20
CA LYS D 562 5.09 -29.20 -16.42
C LYS D 562 3.78 -29.26 -17.17
N ASN D 563 2.78 -29.80 -16.46
CA ASN D 563 1.33 -29.56 -16.69
C ASN D 563 0.61 -30.31 -17.88
#